data_1Z8S
#
_entry.id   1Z8S
#
_entity_poly.entity_id   1
_entity_poly.type   'polypeptide(L)'
_entity_poly.pdbx_seq_one_letter_code
;MAKKLLPAFQNAERLLLAHMMRSRDVALVVQERIGGRFNIEEHRALAAYIYAFYEEGHEADPGALISRIPGELQPLASEL
SLLLIADDVSEQELEDYIRHVLNRPKWLMLKVKEQEKTEAERRKDFLTAARIAKEMIEMKKMLSSS
;
_entity_poly.pdbx_strand_id   A
#
# COMPACT_ATOMS: atom_id res chain seq x y z
N MET A 1 2.30 -21.23 7.55
CA MET A 1 3.59 -20.52 7.34
C MET A 1 4.52 -20.70 8.54
N ALA A 2 4.80 -21.95 8.89
CA ALA A 2 5.66 -22.26 10.01
C ALA A 2 7.07 -21.70 9.78
N LYS A 3 7.61 -21.96 8.60
CA LYS A 3 8.95 -21.48 8.25
C LYS A 3 8.88 -20.31 7.28
N LYS A 4 8.01 -19.35 7.60
CA LYS A 4 7.84 -18.17 6.75
C LYS A 4 7.64 -16.92 7.60
N LEU A 5 8.74 -16.32 8.04
CA LEU A 5 8.69 -15.12 8.86
C LEU A 5 8.00 -13.98 8.11
N LEU A 6 8.73 -13.39 7.17
CA LEU A 6 8.21 -12.29 6.38
C LEU A 6 9.07 -12.05 5.14
N PRO A 7 8.87 -12.88 4.09
CA PRO A 7 9.63 -12.76 2.84
C PRO A 7 9.34 -11.45 2.12
N ALA A 8 8.06 -11.09 2.05
CA ALA A 8 7.66 -9.86 1.38
C ALA A 8 6.15 -9.65 1.49
N PHE A 9 5.73 -8.39 1.56
CA PHE A 9 4.32 -8.04 1.68
C PHE A 9 3.73 -7.79 0.29
N GLN A 10 4.00 -8.72 -0.64
CA GLN A 10 3.50 -8.61 -2.00
C GLN A 10 2.00 -8.34 -2.05
N ASN A 11 1.28 -8.75 -1.00
CA ASN A 11 -0.16 -8.56 -0.95
C ASN A 11 -0.49 -7.07 -0.96
N ALA A 12 0.18 -6.32 -0.10
CA ALA A 12 -0.04 -4.87 -0.03
C ALA A 12 0.48 -4.21 -1.30
N GLU A 13 1.59 -4.72 -1.79
CA GLU A 13 2.21 -4.18 -3.00
C GLU A 13 1.25 -4.32 -4.19
N ARG A 14 0.49 -5.42 -4.22
CA ARG A 14 -0.44 -5.64 -5.32
C ARG A 14 -1.62 -4.66 -5.24
N LEU A 15 -2.18 -4.47 -4.04
CA LEU A 15 -3.28 -3.52 -3.91
C LEU A 15 -2.73 -2.10 -4.02
N LEU A 16 -1.50 -1.91 -3.52
CA LEU A 16 -0.84 -0.62 -3.62
C LEU A 16 -0.87 -0.20 -5.08
N LEU A 17 -0.48 -1.14 -5.94
CA LEU A 17 -0.49 -0.95 -7.38
C LEU A 17 -1.86 -0.49 -7.85
N ALA A 18 -2.89 -1.11 -7.28
CA ALA A 18 -4.27 -0.80 -7.64
C ALA A 18 -4.60 0.68 -7.46
N HIS A 19 -4.13 1.29 -6.37
CA HIS A 19 -4.41 2.70 -6.11
C HIS A 19 -3.55 3.62 -6.98
N MET A 20 -2.30 3.26 -7.14
CA MET A 20 -1.36 4.05 -7.96
C MET A 20 -1.69 3.90 -9.45
N MET A 21 -2.21 2.73 -9.82
CA MET A 21 -2.56 2.46 -11.22
C MET A 21 -3.62 3.45 -11.71
N ARG A 22 -4.13 4.27 -10.80
CA ARG A 22 -5.17 5.22 -11.13
C ARG A 22 -4.62 6.59 -11.55
N SER A 23 -3.92 7.27 -10.64
CA SER A 23 -3.41 8.63 -10.96
C SER A 23 -1.94 8.81 -10.59
N ARG A 24 -1.27 9.73 -11.30
CA ARG A 24 0.13 10.04 -11.05
C ARG A 24 0.32 10.56 -9.63
N ASP A 25 -0.70 11.21 -9.08
CA ASP A 25 -0.64 11.72 -7.72
C ASP A 25 -0.52 10.53 -6.79
N VAL A 26 -1.36 9.54 -7.05
CA VAL A 26 -1.32 8.33 -6.28
C VAL A 26 0.03 7.68 -6.47
N ALA A 27 0.54 7.79 -7.69
CA ALA A 27 1.84 7.26 -8.05
C ALA A 27 2.90 7.81 -7.08
N LEU A 28 2.69 9.04 -6.64
CA LEU A 28 3.58 9.66 -5.69
C LEU A 28 3.43 8.98 -4.34
N VAL A 29 2.19 8.60 -4.03
CA VAL A 29 1.87 7.92 -2.77
C VAL A 29 2.62 6.60 -2.67
N VAL A 30 2.60 5.83 -3.74
CA VAL A 30 3.29 4.55 -3.76
C VAL A 30 4.79 4.75 -3.54
N GLN A 31 5.41 5.59 -4.37
CA GLN A 31 6.85 5.84 -4.26
C GLN A 31 7.24 6.56 -2.97
N GLU A 32 6.52 7.64 -2.66
CA GLU A 32 6.81 8.45 -1.48
C GLU A 32 6.28 7.85 -0.17
N ARG A 33 5.03 7.41 -0.18
CA ARG A 33 4.40 6.85 1.02
C ARG A 33 4.80 5.39 1.25
N ILE A 34 5.55 4.81 0.34
CA ILE A 34 5.95 3.40 0.48
C ILE A 34 7.38 3.18 -0.04
N GLY A 35 7.64 3.63 -1.27
CA GLY A 35 8.95 3.46 -1.86
C GLY A 35 9.60 2.13 -1.53
N GLY A 36 8.85 1.04 -1.70
CA GLY A 36 9.36 -0.28 -1.41
C GLY A 36 9.96 -0.96 -2.62
N ARG A 37 10.37 -2.22 -2.44
CA ARG A 37 10.96 -2.99 -3.52
C ARG A 37 11.25 -4.43 -3.07
N PHE A 38 10.39 -5.35 -3.47
CA PHE A 38 10.56 -6.75 -3.11
C PHE A 38 11.28 -7.52 -4.22
N ASN A 39 11.31 -8.84 -4.09
CA ASN A 39 11.98 -9.69 -5.09
C ASN A 39 11.01 -10.09 -6.20
N ILE A 40 10.28 -9.12 -6.73
CA ILE A 40 9.33 -9.38 -7.80
C ILE A 40 9.57 -8.42 -8.97
N GLU A 41 9.97 -8.98 -10.11
CA GLU A 41 10.25 -8.18 -11.29
C GLU A 41 8.97 -7.54 -11.86
N GLU A 42 7.87 -8.27 -11.84
CA GLU A 42 6.61 -7.75 -12.38
C GLU A 42 5.99 -6.71 -11.44
N HIS A 43 5.82 -7.07 -10.18
CA HIS A 43 5.24 -6.17 -9.20
C HIS A 43 6.10 -4.92 -9.09
N ARG A 44 7.41 -5.12 -8.97
CA ARG A 44 8.34 -4.01 -8.88
C ARG A 44 8.25 -3.17 -10.15
N ALA A 45 8.00 -3.83 -11.28
CA ALA A 45 7.87 -3.13 -12.55
C ALA A 45 6.71 -2.14 -12.48
N LEU A 46 5.69 -2.46 -11.70
CA LEU A 46 4.56 -1.57 -11.56
C LEU A 46 4.97 -0.33 -10.77
N ALA A 47 5.51 -0.57 -9.57
CA ALA A 47 6.00 0.54 -8.74
C ALA A 47 7.01 1.34 -9.54
N ALA A 48 7.79 0.62 -10.35
CA ALA A 48 8.79 1.25 -11.20
C ALA A 48 8.14 1.98 -12.35
N TYR A 49 7.05 1.39 -12.87
CA TYR A 49 6.35 1.99 -14.00
C TYR A 49 6.06 3.45 -13.74
N ILE A 50 5.35 3.70 -12.64
CA ILE A 50 4.98 5.05 -12.26
C ILE A 50 6.19 5.97 -12.21
N TYR A 51 7.20 5.61 -11.40
CA TYR A 51 8.41 6.41 -11.27
C TYR A 51 8.89 6.93 -12.63
N ALA A 52 9.01 6.03 -13.58
CA ALA A 52 9.46 6.41 -14.93
C ALA A 52 8.37 7.15 -15.69
N PHE A 53 7.14 6.69 -15.58
CA PHE A 53 6.02 7.31 -16.28
C PHE A 53 5.91 8.80 -15.96
N TYR A 54 6.40 9.21 -14.79
CA TYR A 54 6.35 10.62 -14.40
C TYR A 54 7.07 11.48 -15.43
N GLU A 55 8.26 11.03 -15.83
CA GLU A 55 9.04 11.74 -16.83
C GLU A 55 8.40 11.59 -18.20
N GLU A 56 7.72 10.47 -18.41
CA GLU A 56 7.06 10.18 -19.67
C GLU A 56 5.90 11.14 -19.92
N GLY A 57 4.81 10.98 -19.17
CA GLY A 57 3.66 11.84 -19.35
C GLY A 57 3.12 12.43 -18.06
N HIS A 58 3.74 12.09 -16.93
CA HIS A 58 3.30 12.60 -15.63
C HIS A 58 1.97 11.99 -15.22
N GLU A 59 1.74 10.76 -15.68
CA GLU A 59 0.52 10.04 -15.36
C GLU A 59 0.63 8.57 -15.70
N ALA A 60 0.52 7.72 -14.69
CA ALA A 60 0.62 6.29 -14.88
C ALA A 60 -0.54 5.76 -15.71
N ASP A 61 -0.51 6.04 -17.01
CA ASP A 61 -1.56 5.58 -17.92
C ASP A 61 -1.73 4.07 -17.82
N PRO A 62 -2.87 3.60 -17.26
CA PRO A 62 -3.13 2.17 -17.10
C PRO A 62 -2.99 1.41 -18.42
N GLY A 63 -3.76 1.81 -19.42
CA GLY A 63 -3.70 1.14 -20.71
C GLY A 63 -2.30 1.13 -21.30
N ALA A 64 -1.54 2.18 -21.02
CA ALA A 64 -0.18 2.29 -21.54
C ALA A 64 0.83 1.48 -20.72
N LEU A 65 0.87 1.74 -19.41
CA LEU A 65 1.81 1.05 -18.53
C LEU A 65 1.38 -0.38 -18.21
N ILE A 66 0.08 -0.61 -17.99
CA ILE A 66 -0.41 -1.95 -17.68
C ILE A 66 0.00 -2.94 -18.78
N SER A 67 0.13 -2.43 -19.99
CA SER A 67 0.53 -3.27 -21.12
C SER A 67 2.00 -3.07 -21.45
N ARG A 68 2.84 -3.06 -20.41
CA ARG A 68 4.27 -2.86 -20.60
C ARG A 68 5.09 -3.99 -19.94
N ILE A 69 4.42 -4.81 -19.14
CA ILE A 69 5.09 -5.92 -18.46
C ILE A 69 5.29 -7.13 -19.36
N PRO A 70 6.04 -8.13 -18.87
CA PRO A 70 6.34 -9.35 -19.63
C PRO A 70 5.09 -10.21 -19.90
N GLY A 71 4.52 -10.77 -18.84
CA GLY A 71 3.34 -11.60 -19.02
C GLY A 71 2.55 -11.86 -17.74
N GLU A 72 3.22 -11.86 -16.59
CA GLU A 72 2.54 -12.13 -15.32
C GLU A 72 1.82 -10.88 -14.80
N LEU A 73 2.49 -9.74 -14.89
CA LEU A 73 1.91 -8.49 -14.44
C LEU A 73 0.86 -8.02 -15.44
N GLN A 74 0.89 -8.57 -16.65
CA GLN A 74 -0.09 -8.19 -17.67
C GLN A 74 -1.50 -8.47 -17.16
N PRO A 75 -1.83 -9.75 -16.92
CA PRO A 75 -3.14 -10.12 -16.40
C PRO A 75 -3.36 -9.58 -14.99
N LEU A 76 -2.32 -9.67 -14.16
CA LEU A 76 -2.40 -9.18 -12.78
C LEU A 76 -2.67 -7.69 -12.74
N ALA A 77 -1.80 -6.91 -13.37
CA ALA A 77 -1.93 -5.46 -13.39
C ALA A 77 -3.27 -5.00 -13.95
N SER A 78 -3.70 -5.61 -15.06
CA SER A 78 -4.97 -5.23 -15.67
C SER A 78 -6.09 -5.32 -14.64
N GLU A 79 -6.13 -6.45 -13.92
CA GLU A 79 -7.12 -6.66 -12.89
C GLU A 79 -6.80 -5.79 -11.67
N LEU A 80 -5.51 -5.64 -11.39
CA LEU A 80 -5.04 -4.87 -10.24
C LEU A 80 -5.33 -3.38 -10.38
N SER A 81 -5.62 -2.93 -11.61
CA SER A 81 -5.90 -1.51 -11.82
C SER A 81 -6.89 -1.00 -10.79
N LEU A 82 -7.71 -1.91 -10.28
CA LEU A 82 -8.69 -1.62 -9.26
C LEU A 82 -9.36 -2.92 -8.84
N LEU A 83 -8.54 -3.96 -8.64
CA LEU A 83 -9.07 -5.25 -8.25
C LEU A 83 -9.67 -5.17 -6.86
N LEU A 84 -9.01 -4.42 -5.99
CA LEU A 84 -9.49 -4.27 -4.62
C LEU A 84 -9.28 -2.85 -4.10
N ILE A 85 -9.86 -1.88 -4.80
CA ILE A 85 -9.76 -0.49 -4.40
C ILE A 85 -10.86 0.34 -5.04
N ALA A 86 -11.17 1.49 -4.45
CA ALA A 86 -12.22 2.35 -4.96
C ALA A 86 -11.63 3.61 -5.58
N ASP A 87 -12.48 4.38 -6.27
CA ASP A 87 -12.04 5.61 -6.92
C ASP A 87 -11.35 6.54 -5.92
N ASP A 88 -11.71 6.40 -4.65
CA ASP A 88 -11.11 7.22 -3.60
C ASP A 88 -9.90 6.52 -2.98
N VAL A 89 -9.50 5.39 -3.55
CA VAL A 89 -8.35 4.63 -3.05
C VAL A 89 -8.67 3.88 -1.76
N SER A 90 -9.78 4.21 -1.11
CA SER A 90 -10.12 3.55 0.14
C SER A 90 -9.08 3.90 1.19
N GLU A 91 -9.34 4.99 1.92
CA GLU A 91 -8.41 5.49 2.93
C GLU A 91 -7.94 4.40 3.89
N GLN A 92 -8.87 3.69 4.50
CA GLN A 92 -8.53 2.62 5.43
C GLN A 92 -7.58 1.63 4.77
N GLU A 93 -7.87 1.30 3.52
CA GLU A 93 -7.04 0.36 2.78
C GLU A 93 -5.70 0.98 2.42
N LEU A 94 -5.71 2.25 2.06
CA LEU A 94 -4.49 2.95 1.68
C LEU A 94 -3.43 2.84 2.77
N GLU A 95 -3.80 3.17 3.99
CA GLU A 95 -2.88 3.09 5.11
C GLU A 95 -2.60 1.66 5.52
N ASP A 96 -3.52 0.75 5.21
CA ASP A 96 -3.38 -0.65 5.59
C ASP A 96 -2.29 -1.36 4.80
N TYR A 97 -2.38 -1.32 3.48
CA TYR A 97 -1.42 -2.00 2.65
C TYR A 97 -0.10 -1.24 2.57
N ILE A 98 -0.15 0.08 2.42
CA ILE A 98 1.08 0.86 2.37
C ILE A 98 1.92 0.54 3.61
N ARG A 99 1.26 0.57 4.78
CA ARG A 99 1.93 0.26 6.03
C ARG A 99 2.52 -1.15 5.95
N HIS A 100 1.78 -2.06 5.32
CA HIS A 100 2.23 -3.43 5.16
C HIS A 100 3.44 -3.47 4.25
N VAL A 101 3.44 -2.64 3.21
CA VAL A 101 4.54 -2.57 2.26
C VAL A 101 5.84 -2.17 2.96
N LEU A 102 5.71 -1.39 4.03
CA LEU A 102 6.88 -0.94 4.78
C LEU A 102 7.79 -2.10 5.14
N ASN A 103 7.23 -3.10 5.81
CA ASN A 103 7.98 -4.29 6.22
C ASN A 103 9.35 -3.92 6.78
N ARG A 104 9.42 -2.74 7.40
CA ARG A 104 10.67 -2.26 7.99
C ARG A 104 10.48 -1.94 9.47
N PRO A 105 11.57 -1.55 10.16
CA PRO A 105 11.52 -1.21 11.58
C PRO A 105 10.71 0.05 11.86
N LYS A 106 9.43 0.02 11.52
CA LYS A 106 8.55 1.16 11.73
C LYS A 106 7.35 0.76 12.59
N TRP A 107 7.32 1.26 13.81
CA TRP A 107 6.25 0.97 14.75
C TRP A 107 4.88 1.35 14.18
N LEU A 108 4.86 2.35 13.29
CA LEU A 108 3.59 2.80 12.72
C LEU A 108 2.82 1.61 12.14
N MET A 109 3.56 0.62 11.65
CA MET A 109 2.93 -0.58 11.11
C MET A 109 2.21 -1.32 12.24
N LEU A 110 2.82 -1.26 13.43
CA LEU A 110 2.25 -1.88 14.61
C LEU A 110 0.98 -1.14 15.00
N LYS A 111 0.96 0.17 14.74
CA LYS A 111 -0.21 0.98 15.04
C LYS A 111 -1.39 0.43 14.26
N VAL A 112 -1.14 0.09 13.00
CA VAL A 112 -2.16 -0.50 12.16
C VAL A 112 -2.65 -1.79 12.82
N LYS A 113 -1.69 -2.52 13.38
CA LYS A 113 -2.00 -3.75 14.08
C LYS A 113 -2.79 -3.42 15.34
N GLU A 114 -2.52 -2.24 15.90
CA GLU A 114 -3.22 -1.80 17.10
C GLU A 114 -4.71 -1.74 16.84
N GLN A 115 -5.06 -1.33 15.63
CA GLN A 115 -6.46 -1.20 15.26
C GLN A 115 -7.11 -2.57 15.08
N GLU A 116 -6.50 -3.43 14.27
CA GLU A 116 -7.04 -4.75 14.04
C GLU A 116 -6.98 -5.59 15.31
N LYS A 117 -5.85 -5.49 15.98
CA LYS A 117 -5.63 -6.21 17.22
C LYS A 117 -6.64 -5.81 18.27
N THR A 118 -6.91 -4.52 18.37
CA THR A 118 -7.88 -4.05 19.35
C THR A 118 -9.22 -4.70 19.04
N GLU A 119 -9.51 -4.86 17.75
CA GLU A 119 -10.72 -5.52 17.33
C GLU A 119 -10.72 -6.92 17.91
N ALA A 120 -9.51 -7.47 18.05
CA ALA A 120 -9.34 -8.79 18.63
C ALA A 120 -9.59 -8.73 20.13
N GLU A 121 -9.29 -7.58 20.74
CA GLU A 121 -9.51 -7.43 22.16
C GLU A 121 -10.99 -7.61 22.47
N ARG A 122 -11.83 -6.94 21.68
CA ARG A 122 -13.28 -7.01 21.85
C ARG A 122 -13.88 -8.32 21.32
N ARG A 123 -13.47 -8.74 20.12
CA ARG A 123 -14.02 -9.95 19.51
C ARG A 123 -12.99 -11.08 19.36
N LYS A 124 -11.72 -10.72 19.23
CA LYS A 124 -10.65 -11.71 19.06
C LYS A 124 -10.69 -12.34 17.68
N ASP A 125 -9.65 -13.09 17.35
CA ASP A 125 -9.57 -13.75 16.05
C ASP A 125 -10.14 -15.17 16.11
N PHE A 126 -9.65 -15.96 17.05
CA PHE A 126 -10.11 -17.34 17.21
C PHE A 126 -10.93 -17.50 18.48
N LEU A 127 -10.24 -17.61 19.61
CA LEU A 127 -10.91 -17.78 20.90
C LEU A 127 -10.56 -16.64 21.85
N THR A 128 -9.27 -16.32 21.93
CA THR A 128 -8.80 -15.24 22.80
C THR A 128 -7.93 -14.26 22.04
N ALA A 129 -7.94 -13.01 22.50
CA ALA A 129 -7.14 -11.95 21.86
C ALA A 129 -5.64 -12.25 21.96
N ALA A 130 -5.28 -13.25 22.76
CA ALA A 130 -3.88 -13.63 22.94
C ALA A 130 -3.16 -13.82 21.61
N ARG A 131 -3.90 -14.24 20.58
CA ARG A 131 -3.31 -14.44 19.27
C ARG A 131 -2.84 -13.12 18.68
N ILE A 132 -3.76 -12.16 18.60
CA ILE A 132 -3.43 -10.85 18.08
C ILE A 132 -2.47 -10.15 19.03
N ALA A 133 -2.66 -10.38 20.33
CA ALA A 133 -1.78 -9.78 21.33
C ALA A 133 -0.36 -10.21 21.07
N LYS A 134 -0.17 -11.50 20.77
CA LYS A 134 1.14 -12.03 20.45
C LYS A 134 1.69 -11.25 19.26
N GLU A 135 0.79 -10.89 18.35
CA GLU A 135 1.15 -10.13 17.17
C GLU A 135 1.78 -8.80 17.58
N MET A 136 1.29 -8.19 18.67
CA MET A 136 1.83 -6.92 19.15
C MET A 136 3.25 -7.10 19.61
N ILE A 137 3.45 -7.99 20.59
CA ILE A 137 4.79 -8.25 21.08
C ILE A 137 5.69 -8.59 19.89
N GLU A 138 5.08 -9.19 18.87
CA GLU A 138 5.80 -9.53 17.65
C GLU A 138 6.09 -8.25 16.87
N MET A 139 5.11 -7.35 16.87
CA MET A 139 5.23 -6.08 16.19
C MET A 139 6.23 -5.17 16.91
N LYS A 140 6.32 -5.35 18.22
CA LYS A 140 7.24 -4.56 19.04
C LYS A 140 8.68 -4.97 18.76
N LYS A 141 8.87 -6.26 18.49
CA LYS A 141 10.20 -6.79 18.21
C LYS A 141 10.71 -6.32 16.86
N MET A 142 9.85 -6.38 15.84
CA MET A 142 10.23 -5.96 14.50
C MET A 142 10.62 -4.48 14.45
N LEU A 143 9.76 -3.62 14.99
CA LEU A 143 10.02 -2.19 15.00
C LEU A 143 11.14 -1.84 15.97
N SER A 144 11.26 -2.64 17.03
CA SER A 144 12.30 -2.41 18.04
C SER A 144 13.43 -3.41 17.88
N SER A 145 14.56 -2.93 17.36
CA SER A 145 15.73 -3.78 17.15
C SER A 145 16.12 -4.50 18.44
N SER A 146 16.43 -5.79 18.32
CA SER A 146 16.82 -6.59 19.47
C SER A 146 17.99 -7.51 19.12
N MET A 1 19.29 -13.27 6.19
CA MET A 1 20.26 -13.10 5.08
C MET A 1 19.95 -11.84 4.27
N ALA A 2 18.75 -11.77 3.71
CA ALA A 2 18.34 -10.63 2.92
C ALA A 2 18.16 -9.39 3.80
N LYS A 3 17.49 -9.58 4.93
CA LYS A 3 17.26 -8.47 5.86
C LYS A 3 16.48 -7.35 5.18
N LYS A 4 15.44 -7.72 4.43
CA LYS A 4 14.62 -6.74 3.73
C LYS A 4 13.14 -7.07 3.88
N LEU A 5 12.40 -6.16 4.51
CA LEU A 5 10.96 -6.34 4.72
C LEU A 5 10.69 -7.56 5.59
N LEU A 6 9.41 -7.86 5.78
CA LEU A 6 8.99 -9.01 6.58
C LEU A 6 7.49 -9.22 6.48
N PRO A 7 6.69 -8.18 6.75
CA PRO A 7 5.23 -8.24 6.69
C PRO A 7 4.73 -8.22 5.25
N ALA A 8 3.50 -7.73 5.05
CA ALA A 8 2.93 -7.65 3.71
C ALA A 8 3.88 -6.94 2.74
N PHE A 9 4.31 -7.66 1.71
CA PHE A 9 5.22 -7.09 0.72
C PHE A 9 4.65 -7.18 -0.69
N GLN A 10 4.79 -8.35 -1.31
CA GLN A 10 4.30 -8.57 -2.67
C GLN A 10 2.79 -8.35 -2.73
N ASN A 11 2.05 -9.09 -1.89
CA ASN A 11 0.60 -8.97 -1.87
C ASN A 11 0.16 -7.54 -1.58
N ALA A 12 0.76 -6.92 -0.58
CA ALA A 12 0.43 -5.55 -0.22
C ALA A 12 0.71 -4.59 -1.37
N GLU A 13 1.95 -4.62 -1.85
CA GLU A 13 2.36 -3.74 -2.94
C GLU A 13 1.51 -3.96 -4.18
N ARG A 14 1.05 -5.18 -4.39
CA ARG A 14 0.24 -5.50 -5.56
C ARG A 14 -1.10 -4.75 -5.55
N LEU A 15 -1.84 -4.90 -4.47
CA LEU A 15 -3.12 -4.22 -4.37
C LEU A 15 -2.94 -2.71 -4.48
N LEU A 16 -1.77 -2.21 -4.03
CA LEU A 16 -1.51 -0.79 -4.14
C LEU A 16 -1.38 -0.46 -5.62
N LEU A 17 -0.81 -1.39 -6.39
CA LEU A 17 -0.70 -1.20 -7.83
C LEU A 17 -2.06 -0.81 -8.36
N ALA A 18 -3.07 -1.54 -7.89
CA ALA A 18 -4.45 -1.27 -8.28
C ALA A 18 -4.81 0.17 -7.97
N HIS A 19 -4.44 0.62 -6.77
CA HIS A 19 -4.72 1.98 -6.34
C HIS A 19 -4.15 3.02 -7.31
N MET A 20 -2.85 2.96 -7.54
CA MET A 20 -2.17 3.91 -8.43
C MET A 20 -2.55 3.71 -9.89
N MET A 21 -2.82 2.47 -10.28
CA MET A 21 -3.20 2.16 -11.65
C MET A 21 -4.32 3.09 -12.14
N ARG A 22 -4.87 3.90 -11.24
CA ARG A 22 -5.96 4.81 -11.59
C ARG A 22 -5.54 6.28 -11.57
N SER A 23 -5.10 6.78 -10.41
CA SER A 23 -4.72 8.20 -10.29
C SER A 23 -3.22 8.40 -10.06
N ARG A 24 -2.68 9.43 -10.71
CA ARG A 24 -1.27 9.77 -10.60
C ARG A 24 -0.88 10.22 -9.19
N ASP A 25 -1.86 10.69 -8.41
CA ASP A 25 -1.60 11.15 -7.05
C ASP A 25 -1.24 9.98 -6.16
N VAL A 26 -2.08 8.95 -6.21
CA VAL A 26 -1.83 7.77 -5.43
C VAL A 26 -0.50 7.16 -5.88
N ALA A 27 -0.23 7.25 -7.18
CA ALA A 27 1.02 6.75 -7.75
C ALA A 27 2.20 7.36 -7.01
N LEU A 28 2.12 8.65 -6.73
CA LEU A 28 3.19 9.31 -5.99
C LEU A 28 3.30 8.69 -4.61
N VAL A 29 2.16 8.29 -4.05
CA VAL A 29 2.11 7.68 -2.72
C VAL A 29 2.86 6.36 -2.68
N VAL A 30 2.73 5.57 -3.75
CA VAL A 30 3.38 4.27 -3.81
C VAL A 30 4.89 4.39 -3.93
N GLN A 31 5.36 5.19 -4.88
CA GLN A 31 6.80 5.36 -5.11
C GLN A 31 7.53 6.05 -3.96
N GLU A 32 6.96 7.16 -3.50
CA GLU A 32 7.59 7.96 -2.45
C GLU A 32 7.55 7.30 -1.07
N ARG A 33 6.41 6.74 -0.68
CA ARG A 33 6.28 6.14 0.64
C ARG A 33 6.36 4.61 0.62
N ILE A 34 6.46 4.00 -0.55
CA ILE A 34 6.54 2.54 -0.63
C ILE A 34 7.42 2.09 -1.79
N GLY A 35 7.83 0.83 -1.77
CA GLY A 35 8.69 0.30 -2.81
C GLY A 35 8.41 -1.16 -3.11
N GLY A 36 9.48 -1.97 -3.17
CA GLY A 36 9.33 -3.39 -3.44
C GLY A 36 10.56 -4.18 -3.09
N ARG A 37 10.67 -5.39 -3.65
CA ARG A 37 11.82 -6.25 -3.40
C ARG A 37 12.05 -7.21 -4.56
N PHE A 38 13.13 -7.97 -4.49
CA PHE A 38 13.46 -8.94 -5.54
C PHE A 38 12.39 -10.01 -5.64
N ASN A 39 12.70 -11.09 -6.35
CA ASN A 39 11.76 -12.19 -6.54
C ASN A 39 10.61 -11.76 -7.45
N ILE A 40 9.77 -10.85 -6.95
CA ILE A 40 8.63 -10.35 -7.72
C ILE A 40 9.00 -9.07 -8.44
N GLU A 41 9.83 -9.21 -9.48
CA GLU A 41 10.27 -8.06 -10.26
C GLU A 41 9.11 -7.42 -11.03
N GLU A 42 8.21 -8.26 -11.54
CA GLU A 42 7.06 -7.76 -12.30
C GLU A 42 6.20 -6.83 -11.46
N HIS A 43 5.81 -7.28 -10.27
CA HIS A 43 5.00 -6.47 -9.37
C HIS A 43 5.78 -5.23 -8.94
N ARG A 44 6.94 -5.46 -8.34
CA ARG A 44 7.80 -4.37 -7.90
C ARG A 44 8.04 -3.41 -9.06
N ALA A 45 8.08 -3.96 -10.27
CA ALA A 45 8.27 -3.15 -11.45
C ALA A 45 7.06 -2.27 -11.68
N LEU A 46 5.88 -2.76 -11.32
CA LEU A 46 4.67 -1.98 -11.47
C LEU A 46 4.79 -0.69 -10.68
N ALA A 47 5.12 -0.84 -9.39
CA ALA A 47 5.34 0.32 -8.54
C ALA A 47 6.33 1.24 -9.26
N ALA A 48 7.26 0.61 -9.98
CA ALA A 48 8.27 1.31 -10.76
C ALA A 48 7.69 1.93 -12.02
N TYR A 49 6.75 1.25 -12.68
CA TYR A 49 6.18 1.76 -13.91
C TYR A 49 5.72 3.19 -13.71
N ILE A 50 4.90 3.37 -12.68
CA ILE A 50 4.37 4.69 -12.37
C ILE A 50 5.51 5.66 -12.05
N TYR A 51 6.53 5.17 -11.33
CA TYR A 51 7.67 6.01 -10.97
C TYR A 51 8.18 6.78 -12.18
N ALA A 52 8.29 6.10 -13.31
CA ALA A 52 8.76 6.72 -14.54
C ALA A 52 7.70 7.64 -15.13
N PHE A 53 6.43 7.25 -14.99
CA PHE A 53 5.32 8.04 -15.51
C PHE A 53 5.36 9.46 -14.96
N TYR A 54 5.81 9.61 -13.73
CA TYR A 54 5.91 10.92 -13.10
C TYR A 54 6.91 11.79 -13.86
N GLU A 55 8.07 11.20 -14.16
CA GLU A 55 9.11 11.92 -14.90
C GLU A 55 8.59 12.40 -16.25
N GLU A 56 7.65 11.65 -16.81
CA GLU A 56 7.07 12.00 -18.10
C GLU A 56 6.04 13.13 -17.94
N GLY A 57 5.49 13.25 -16.73
CA GLY A 57 4.51 14.28 -16.47
C GLY A 57 3.30 14.17 -17.38
N HIS A 58 2.45 13.19 -17.11
CA HIS A 58 1.24 12.99 -17.92
C HIS A 58 0.32 11.97 -17.27
N GLU A 59 0.29 11.97 -15.94
CA GLU A 59 -0.55 11.05 -15.19
C GLU A 59 -0.17 9.61 -15.48
N ALA A 60 -0.49 8.71 -14.55
CA ALA A 60 -0.18 7.30 -14.71
C ALA A 60 -1.31 6.56 -15.40
N ASP A 61 -1.25 6.49 -16.72
CA ASP A 61 -2.28 5.81 -17.51
C ASP A 61 -2.02 4.31 -17.54
N PRO A 62 -2.94 3.50 -16.98
CA PRO A 62 -2.80 2.05 -16.96
C PRO A 62 -2.80 1.44 -18.36
N GLY A 63 -3.44 2.12 -19.29
CA GLY A 63 -3.49 1.62 -20.65
C GLY A 63 -2.11 1.41 -21.24
N ALA A 64 -1.27 2.44 -21.16
CA ALA A 64 0.09 2.35 -21.69
C ALA A 64 1.01 1.65 -20.69
N LEU A 65 0.66 1.79 -19.42
CA LEU A 65 1.45 1.22 -18.33
C LEU A 65 1.26 -0.29 -18.19
N ILE A 66 0.02 -0.72 -17.98
CA ILE A 66 -0.28 -2.14 -17.80
C ILE A 66 0.23 -2.96 -18.98
N SER A 67 0.26 -2.35 -20.15
CA SER A 67 0.72 -3.04 -21.36
C SER A 67 2.21 -2.79 -21.63
N ARG A 68 3.06 -3.18 -20.68
CA ARG A 68 4.51 -2.99 -20.85
C ARG A 68 5.27 -4.20 -20.31
N ILE A 69 4.78 -4.71 -19.19
CA ILE A 69 5.39 -5.87 -18.54
C ILE A 69 5.47 -7.07 -19.49
N PRO A 70 6.45 -7.98 -19.29
CA PRO A 70 6.63 -9.15 -20.17
C PRO A 70 5.35 -9.96 -20.37
N GLY A 71 4.76 -10.47 -19.28
CA GLY A 71 3.55 -11.26 -19.44
C GLY A 71 2.68 -11.37 -18.19
N GLU A 72 3.15 -12.14 -17.21
CA GLU A 72 2.38 -12.37 -15.98
C GLU A 72 1.78 -11.08 -15.39
N LEU A 73 2.53 -9.98 -15.41
CA LEU A 73 2.04 -8.73 -14.86
C LEU A 73 0.96 -8.13 -15.76
N GLN A 74 0.88 -8.61 -17.00
CA GLN A 74 -0.13 -8.10 -17.92
C GLN A 74 -1.53 -8.39 -17.38
N PRO A 75 -1.88 -9.68 -17.19
CA PRO A 75 -3.17 -10.06 -16.65
C PRO A 75 -3.34 -9.56 -15.21
N LEU A 76 -2.26 -9.69 -14.43
CA LEU A 76 -2.29 -9.26 -13.04
C LEU A 76 -2.55 -7.76 -12.95
N ALA A 77 -1.71 -6.99 -13.62
CA ALA A 77 -1.84 -5.53 -13.64
C ALA A 77 -3.18 -5.12 -14.23
N SER A 78 -3.52 -5.71 -15.39
CA SER A 78 -4.78 -5.40 -16.06
C SER A 78 -5.95 -5.62 -15.12
N GLU A 79 -5.95 -6.76 -14.44
CA GLU A 79 -6.99 -7.09 -13.49
C GLU A 79 -6.86 -6.23 -12.25
N LEU A 80 -5.62 -5.86 -11.94
CA LEU A 80 -5.32 -5.03 -10.77
C LEU A 80 -5.82 -3.61 -10.96
N SER A 81 -6.10 -3.23 -12.21
CA SER A 81 -6.54 -1.87 -12.49
C SER A 81 -7.63 -1.43 -11.52
N LEU A 82 -8.37 -2.40 -10.98
CA LEU A 82 -9.43 -2.11 -10.02
C LEU A 82 -9.73 -3.35 -9.19
N LEU A 83 -8.69 -3.98 -8.65
CA LEU A 83 -8.87 -5.18 -7.85
C LEU A 83 -9.49 -4.85 -6.51
N LEU A 84 -9.06 -3.75 -5.92
CA LEU A 84 -9.58 -3.32 -4.64
C LEU A 84 -9.44 -1.81 -4.49
N ILE A 85 -10.16 -1.08 -5.33
CA ILE A 85 -10.09 0.38 -5.31
C ILE A 85 -11.39 1.01 -5.80
N ALA A 86 -11.31 2.29 -6.11
CA ALA A 86 -12.47 3.03 -6.60
C ALA A 86 -12.03 4.20 -7.46
N ASP A 87 -12.97 5.05 -7.84
CA ASP A 87 -12.67 6.22 -8.66
C ASP A 87 -11.64 7.11 -7.98
N ASP A 88 -11.45 6.93 -6.68
CA ASP A 88 -10.49 7.73 -5.92
C ASP A 88 -9.59 6.85 -5.06
N VAL A 89 -9.54 5.56 -5.38
CA VAL A 89 -8.71 4.62 -4.63
C VAL A 89 -9.27 4.41 -3.22
N SER A 90 -8.88 3.30 -2.62
CA SER A 90 -9.29 2.97 -1.27
C SER A 90 -8.22 3.49 -0.31
N GLU A 91 -8.25 4.80 -0.13
CA GLU A 91 -7.29 5.50 0.70
C GLU A 91 -7.10 4.86 2.07
N GLN A 92 -8.19 4.45 2.71
CA GLN A 92 -8.07 3.80 4.02
C GLN A 92 -7.07 2.64 3.91
N GLU A 93 -7.30 1.81 2.91
CA GLU A 93 -6.42 0.68 2.66
C GLU A 93 -5.03 1.21 2.30
N LEU A 94 -5.00 2.36 1.59
CA LEU A 94 -3.74 2.97 1.17
C LEU A 94 -2.82 3.17 2.38
N GLU A 95 -3.34 3.76 3.43
CA GLU A 95 -2.57 3.94 4.64
C GLU A 95 -2.13 2.58 5.16
N ASP A 96 -2.99 1.59 4.94
CA ASP A 96 -2.70 0.22 5.34
C ASP A 96 -1.53 -0.34 4.54
N TYR A 97 -1.38 0.12 3.30
CA TYR A 97 -0.32 -0.37 2.43
C TYR A 97 1.06 0.09 2.88
N ILE A 98 1.25 1.40 2.85
CA ILE A 98 2.54 1.97 3.22
C ILE A 98 3.00 1.48 4.59
N ARG A 99 2.08 1.45 5.55
CA ARG A 99 2.41 1.00 6.89
C ARG A 99 2.83 -0.48 6.87
N HIS A 100 2.17 -1.26 6.03
CA HIS A 100 2.47 -2.68 5.90
C HIS A 100 3.79 -2.90 5.17
N VAL A 101 3.89 -2.32 3.97
CA VAL A 101 5.09 -2.46 3.15
C VAL A 101 6.34 -1.96 3.86
N LEU A 102 6.26 -0.76 4.43
CA LEU A 102 7.40 -0.17 5.13
C LEU A 102 8.00 -1.14 6.15
N ASN A 103 7.18 -1.62 7.08
CA ASN A 103 7.64 -2.55 8.11
C ASN A 103 6.60 -2.70 9.21
N ARG A 104 7.01 -3.30 10.32
CA ARG A 104 6.12 -3.51 11.46
C ARG A 104 5.65 -2.18 12.05
N PRO A 105 6.57 -1.33 12.51
CA PRO A 105 6.25 -0.02 13.10
C PRO A 105 5.12 0.69 12.35
N LYS A 106 4.47 1.64 13.03
CA LYS A 106 3.37 2.38 12.44
C LYS A 106 3.76 3.84 12.17
N TRP A 107 5.00 4.05 11.77
CA TRP A 107 5.49 5.40 11.48
C TRP A 107 4.70 6.00 10.32
N LEU A 108 4.66 5.29 9.21
CA LEU A 108 3.93 5.75 8.03
C LEU A 108 2.46 5.87 8.34
N MET A 109 1.98 5.08 9.30
CA MET A 109 0.58 5.13 9.70
C MET A 109 0.24 6.53 10.20
N LEU A 110 1.11 7.06 11.05
CA LEU A 110 0.93 8.40 11.61
C LEU A 110 1.02 9.43 10.50
N LYS A 111 1.87 9.18 9.50
CA LYS A 111 2.01 10.10 8.39
C LYS A 111 0.65 10.24 7.71
N VAL A 112 0.01 9.10 7.51
CA VAL A 112 -1.32 9.07 6.93
C VAL A 112 -2.25 9.87 7.82
N LYS A 113 -2.07 9.69 9.13
CA LYS A 113 -2.85 10.41 10.11
C LYS A 113 -2.55 11.91 10.01
N GLU A 114 -1.29 12.23 9.74
CA GLU A 114 -0.89 13.62 9.62
C GLU A 114 -1.79 14.35 8.64
N GLN A 115 -2.08 13.70 7.52
CA GLN A 115 -2.90 14.32 6.49
C GLN A 115 -4.39 14.42 6.90
N GLU A 116 -4.97 13.30 7.33
CA GLU A 116 -6.38 13.29 7.73
C GLU A 116 -6.59 14.04 9.04
N LYS A 117 -5.79 13.70 10.03
CA LYS A 117 -5.88 14.35 11.33
C LYS A 117 -5.73 15.85 11.17
N THR A 118 -4.82 16.25 10.30
CA THR A 118 -4.60 17.66 10.04
C THR A 118 -5.87 18.30 9.51
N GLU A 119 -6.55 17.58 8.60
CA GLU A 119 -7.80 18.07 8.03
C GLU A 119 -8.73 18.47 9.17
N ALA A 120 -8.74 17.66 10.23
CA ALA A 120 -9.57 17.96 11.38
C ALA A 120 -9.00 19.14 12.16
N GLU A 121 -7.69 19.31 12.10
CA GLU A 121 -7.05 20.43 12.78
C GLU A 121 -7.62 21.75 12.28
N ARG A 122 -7.74 21.85 10.96
CA ARG A 122 -8.25 23.06 10.32
C ARG A 122 -9.78 23.19 10.43
N ARG A 123 -10.50 22.10 10.17
CA ARG A 123 -11.96 22.14 10.20
C ARG A 123 -12.55 21.19 11.24
N LYS A 124 -11.84 20.11 11.56
CA LYS A 124 -12.31 19.13 12.53
C LYS A 124 -13.40 18.25 11.93
N ASP A 125 -13.77 17.19 12.65
CA ASP A 125 -14.79 16.27 12.16
C ASP A 125 -16.14 16.99 12.02
N PHE A 126 -16.55 17.68 13.09
CA PHE A 126 -17.81 18.42 13.09
C PHE A 126 -18.03 19.09 14.44
N LEU A 127 -17.81 18.33 15.51
CA LEU A 127 -17.98 18.85 16.86
C LEU A 127 -16.68 19.44 17.39
N THR A 128 -15.57 18.75 17.11
CA THR A 128 -14.26 19.20 17.57
C THR A 128 -13.16 18.26 17.08
N ALA A 129 -12.00 18.84 16.77
CA ALA A 129 -10.84 18.08 16.31
C ALA A 129 -10.35 17.09 17.37
N ALA A 130 -10.88 17.20 18.59
CA ALA A 130 -10.47 16.34 19.69
C ALA A 130 -10.52 14.87 19.31
N ARG A 131 -11.42 14.51 18.39
CA ARG A 131 -11.55 13.12 17.96
C ARG A 131 -10.28 12.68 17.23
N ILE A 132 -9.91 13.44 16.21
CA ILE A 132 -8.70 13.16 15.45
C ILE A 132 -7.47 13.36 16.34
N ALA A 133 -7.54 14.34 17.22
CA ALA A 133 -6.45 14.62 18.15
C ALA A 133 -6.15 13.38 18.98
N LYS A 134 -7.22 12.70 19.38
CA LYS A 134 -7.09 11.48 20.15
C LYS A 134 -6.41 10.41 19.30
N GLU A 135 -6.71 10.44 17.99
CA GLU A 135 -6.14 9.47 17.07
C GLU A 135 -4.62 9.49 17.10
N MET A 136 -3.98 10.67 17.00
CA MET A 136 -2.51 10.71 17.05
C MET A 136 -2.06 10.18 18.40
N ILE A 137 -2.68 10.68 19.47
CA ILE A 137 -2.35 10.22 20.80
C ILE A 137 -2.42 8.69 20.82
N GLU A 138 -3.30 8.15 19.98
CA GLU A 138 -3.46 6.72 19.87
C GLU A 138 -2.25 6.13 19.17
N MET A 139 -1.79 6.82 18.13
CA MET A 139 -0.61 6.37 17.39
C MET A 139 0.58 6.30 18.33
N LYS A 140 0.62 7.23 19.28
CA LYS A 140 1.69 7.27 20.26
C LYS A 140 1.64 6.00 21.10
N LYS A 141 0.42 5.59 21.42
CA LYS A 141 0.21 4.38 22.21
C LYS A 141 0.60 3.14 21.42
N MET A 142 0.43 3.18 20.10
CA MET A 142 0.76 2.06 19.23
C MET A 142 2.25 1.75 19.27
N LEU A 143 3.06 2.77 19.03
CA LEU A 143 4.52 2.61 19.03
C LEU A 143 5.07 2.57 20.45
N SER A 144 4.33 3.16 21.39
CA SER A 144 4.75 3.20 22.79
C SER A 144 6.18 3.71 22.92
N SER A 145 6.74 3.57 24.12
CA SER A 145 8.11 4.03 24.38
C SER A 145 9.13 2.99 23.91
N SER A 146 10.39 3.39 23.84
CA SER A 146 11.46 2.51 23.41
C SER A 146 12.74 2.75 24.21
N MET A 1 0.88 -24.64 -8.89
CA MET A 1 1.59 -24.94 -10.16
C MET A 1 2.00 -23.66 -10.88
N ALA A 2 1.02 -22.81 -11.17
CA ALA A 2 1.29 -21.55 -11.86
C ALA A 2 2.07 -20.59 -10.96
N LYS A 3 1.70 -20.54 -9.69
CA LYS A 3 2.37 -19.67 -8.73
C LYS A 3 3.71 -20.25 -8.30
N LYS A 4 4.77 -19.50 -8.50
CA LYS A 4 6.11 -19.94 -8.14
C LYS A 4 6.80 -18.93 -7.23
N LEU A 5 6.01 -18.22 -6.43
CA LEU A 5 6.54 -17.21 -5.52
C LEU A 5 5.47 -16.74 -4.54
N LEU A 6 5.76 -16.85 -3.26
CA LEU A 6 4.83 -16.44 -2.22
C LEU A 6 5.47 -15.44 -1.27
N PRO A 7 5.53 -14.16 -1.67
CA PRO A 7 6.13 -13.10 -0.85
C PRO A 7 5.45 -12.98 0.52
N ALA A 8 5.79 -11.92 1.25
CA ALA A 8 5.21 -11.69 2.57
C ALA A 8 3.91 -10.90 2.48
N PHE A 9 4.03 -9.60 2.24
CA PHE A 9 2.87 -8.73 2.12
C PHE A 9 2.50 -8.51 0.65
N GLN A 10 2.50 -9.59 -0.12
CA GLN A 10 2.17 -9.52 -1.54
C GLN A 10 0.80 -8.89 -1.75
N ASN A 11 -0.15 -9.25 -0.88
CA ASN A 11 -1.51 -8.72 -0.98
C ASN A 11 -1.50 -7.19 -0.91
N ALA A 12 -0.76 -6.65 0.05
CA ALA A 12 -0.67 -5.20 0.23
C ALA A 12 -0.11 -4.53 -1.01
N GLU A 13 0.95 -5.11 -1.57
CA GLU A 13 1.61 -4.56 -2.75
C GLU A 13 0.73 -4.65 -3.98
N ARG A 14 0.13 -5.82 -4.22
CA ARG A 14 -0.71 -6.03 -5.39
C ARG A 14 -1.82 -4.98 -5.50
N LEU A 15 -2.60 -4.79 -4.43
CA LEU A 15 -3.66 -3.81 -4.47
C LEU A 15 -3.06 -2.41 -4.59
N LEU A 16 -1.87 -2.21 -4.03
CA LEU A 16 -1.16 -0.94 -4.14
C LEU A 16 -1.13 -0.53 -5.60
N LEU A 17 -0.90 -1.52 -6.45
CA LEU A 17 -0.85 -1.31 -7.89
C LEU A 17 -2.26 -1.07 -8.45
N ALA A 18 -3.27 -1.69 -7.83
CA ALA A 18 -4.65 -1.55 -8.30
C ALA A 18 -5.08 -0.08 -8.35
N HIS A 19 -4.84 0.65 -7.27
CA HIS A 19 -5.18 2.07 -7.24
C HIS A 19 -4.15 2.85 -8.03
N MET A 20 -2.91 2.42 -7.84
CA MET A 20 -1.74 3.00 -8.48
C MET A 20 -1.88 3.06 -10.00
N MET A 21 -2.37 1.98 -10.56
CA MET A 21 -2.54 1.84 -12.01
C MET A 21 -3.41 2.94 -12.61
N ARG A 22 -4.00 3.76 -11.76
CA ARG A 22 -4.88 4.82 -12.25
C ARG A 22 -4.62 6.16 -11.59
N SER A 23 -4.96 6.27 -10.31
CA SER A 23 -4.78 7.53 -9.58
C SER A 23 -3.31 7.90 -9.43
N ARG A 24 -2.93 9.03 -10.02
CA ARG A 24 -1.55 9.50 -9.95
C ARG A 24 -1.17 9.84 -8.51
N ASP A 25 -2.17 10.03 -7.65
CA ASP A 25 -1.92 10.34 -6.25
C ASP A 25 -1.32 9.12 -5.59
N VAL A 26 -1.98 7.99 -5.77
CA VAL A 26 -1.49 6.75 -5.21
C VAL A 26 -0.13 6.42 -5.82
N ALA A 27 0.02 6.73 -7.11
CA ALA A 27 1.29 6.50 -7.79
C ALA A 27 2.41 7.22 -7.03
N LEU A 28 2.06 8.36 -6.45
CA LEU A 28 3.02 9.13 -5.67
C LEU A 28 3.37 8.40 -4.38
N VAL A 29 2.35 7.75 -3.79
CA VAL A 29 2.54 7.03 -2.54
C VAL A 29 3.55 5.89 -2.72
N VAL A 30 3.53 5.25 -3.88
CA VAL A 30 4.46 4.17 -4.14
C VAL A 30 5.88 4.71 -4.28
N GLN A 31 6.06 5.67 -5.18
CA GLN A 31 7.38 6.25 -5.41
C GLN A 31 7.89 7.05 -4.20
N GLU A 32 7.05 7.93 -3.66
CA GLU A 32 7.44 8.78 -2.53
C GLU A 32 7.40 8.08 -1.18
N ARG A 33 6.33 7.34 -0.90
CA ARG A 33 6.20 6.66 0.39
C ARG A 33 6.77 5.25 0.36
N ILE A 34 6.33 4.45 -0.61
CA ILE A 34 6.80 3.08 -0.73
C ILE A 34 8.27 3.02 -1.16
N GLY A 35 8.93 1.92 -0.80
CA GLY A 35 10.33 1.76 -1.15
C GLY A 35 10.54 0.67 -2.18
N GLY A 36 11.57 -0.15 -1.98
CA GLY A 36 11.84 -1.23 -2.92
C GLY A 36 13.25 -1.78 -2.79
N ARG A 37 13.42 -3.04 -3.13
CA ARG A 37 14.73 -3.69 -3.06
C ARG A 37 14.99 -4.54 -4.31
N PHE A 38 14.21 -5.61 -4.46
CA PHE A 38 14.34 -6.49 -5.62
C PHE A 38 13.10 -7.37 -5.79
N ASN A 39 13.10 -8.54 -5.15
CA ASN A 39 11.96 -9.45 -5.22
C ASN A 39 11.44 -9.57 -6.66
N ILE A 40 10.22 -10.08 -6.81
CA ILE A 40 9.63 -10.24 -8.14
C ILE A 40 9.78 -8.97 -8.96
N GLU A 41 10.28 -9.13 -10.19
CA GLU A 41 10.53 -8.00 -11.09
C GLU A 41 9.25 -7.31 -11.55
N GLU A 42 8.27 -8.10 -12.02
CA GLU A 42 7.02 -7.55 -12.52
C GLU A 42 6.35 -6.57 -11.54
N HIS A 43 6.14 -7.00 -10.31
CA HIS A 43 5.51 -6.14 -9.30
C HIS A 43 6.36 -4.89 -9.05
N ARG A 44 7.62 -5.10 -8.67
CA ARG A 44 8.52 -3.99 -8.43
C ARG A 44 8.54 -3.08 -9.65
N ALA A 45 8.33 -3.68 -10.83
CA ALA A 45 8.29 -2.93 -12.06
C ALA A 45 7.06 -2.05 -12.08
N LEU A 46 6.00 -2.48 -11.40
CA LEU A 46 4.77 -1.68 -11.34
C LEU A 46 5.06 -0.37 -10.65
N ALA A 47 5.60 -0.48 -9.44
CA ALA A 47 5.99 0.70 -8.68
C ALA A 47 6.93 1.56 -9.50
N ALA A 48 7.77 0.88 -10.29
CA ALA A 48 8.73 1.55 -11.15
C ALA A 48 8.05 2.19 -12.35
N TYR A 49 7.05 1.51 -12.91
CA TYR A 49 6.35 2.02 -14.08
C TYR A 49 5.92 3.45 -13.84
N ILE A 50 5.17 3.65 -12.76
CA ILE A 50 4.71 5.00 -12.44
C ILE A 50 5.89 5.95 -12.29
N TYR A 51 6.96 5.47 -11.66
CA TYR A 51 8.16 6.27 -11.46
C TYR A 51 8.53 7.02 -12.73
N ALA A 52 8.56 6.31 -13.85
CA ALA A 52 8.88 6.92 -15.14
C ALA A 52 7.76 7.84 -15.59
N PHE A 53 6.53 7.39 -15.40
CA PHE A 53 5.36 8.18 -15.77
C PHE A 53 5.39 9.55 -15.11
N TYR A 54 6.07 9.62 -13.97
CA TYR A 54 6.20 10.87 -13.25
C TYR A 54 7.17 11.81 -13.95
N GLU A 55 8.30 11.26 -14.38
CA GLU A 55 9.31 12.03 -15.08
C GLU A 55 8.72 12.64 -16.34
N GLU A 56 7.68 12.01 -16.88
CA GLU A 56 7.02 12.50 -18.08
C GLU A 56 5.71 13.19 -17.75
N GLY A 57 5.13 12.83 -16.59
CA GLY A 57 3.87 13.42 -16.19
C GLY A 57 2.73 12.98 -17.08
N HIS A 58 2.06 11.89 -16.70
CA HIS A 58 0.95 11.37 -17.49
C HIS A 58 -0.15 10.81 -16.60
N GLU A 59 -0.07 11.09 -15.30
CA GLU A 59 -1.07 10.60 -14.37
C GLU A 59 -1.13 9.07 -14.37
N ALA A 60 0.04 8.44 -14.35
CA ALA A 60 0.12 6.98 -14.36
C ALA A 60 -0.31 6.40 -15.70
N ASP A 61 -1.55 6.69 -16.12
CA ASP A 61 -2.08 6.19 -17.37
C ASP A 61 -2.23 4.67 -17.32
N PRO A 62 -3.39 4.16 -16.88
CA PRO A 62 -3.64 2.72 -16.78
C PRO A 62 -3.27 1.97 -18.05
N GLY A 63 -3.87 2.37 -19.17
CA GLY A 63 -3.59 1.71 -20.43
C GLY A 63 -2.12 1.72 -20.79
N ALA A 64 -1.44 2.81 -20.43
CA ALA A 64 -0.01 2.93 -20.70
C ALA A 64 0.79 2.18 -19.65
N LEU A 65 0.24 2.13 -18.44
CA LEU A 65 0.89 1.47 -17.33
C LEU A 65 0.76 -0.06 -17.42
N ILE A 66 -0.47 -0.55 -17.46
CA ILE A 66 -0.72 -1.97 -17.54
C ILE A 66 -0.02 -2.58 -18.74
N SER A 67 0.15 -1.78 -19.80
CA SER A 67 0.81 -2.25 -21.01
C SER A 67 2.32 -2.03 -20.94
N ARG A 68 2.91 -2.25 -19.76
CA ARG A 68 4.35 -2.08 -19.57
C ARG A 68 4.94 -3.22 -18.74
N ILE A 69 4.18 -4.29 -18.60
CA ILE A 69 4.61 -5.45 -17.81
C ILE A 69 5.36 -6.46 -18.68
N PRO A 70 6.27 -7.25 -18.06
CA PRO A 70 7.04 -8.28 -18.76
C PRO A 70 6.18 -9.46 -19.17
N GLY A 71 5.42 -10.02 -18.22
CA GLY A 71 4.58 -11.16 -18.53
C GLY A 71 3.75 -11.67 -17.36
N GLU A 72 4.27 -11.54 -16.14
CA GLU A 72 3.53 -12.04 -14.97
C GLU A 72 2.60 -10.97 -14.38
N LEU A 73 3.07 -9.75 -14.28
CA LEU A 73 2.23 -8.69 -13.75
C LEU A 73 1.37 -8.14 -14.89
N GLN A 74 1.57 -8.65 -16.11
CA GLN A 74 0.77 -8.26 -17.25
C GLN A 74 -0.66 -8.75 -17.01
N PRO A 75 -0.84 -10.08 -16.90
CA PRO A 75 -2.15 -10.66 -16.61
C PRO A 75 -2.63 -10.24 -15.23
N LEU A 76 -1.70 -10.27 -14.26
CA LEU A 76 -2.04 -9.88 -12.90
C LEU A 76 -2.53 -8.44 -12.84
N ALA A 77 -1.70 -7.52 -13.32
CA ALA A 77 -2.05 -6.09 -13.31
C ALA A 77 -3.38 -5.81 -13.99
N SER A 78 -3.61 -6.45 -15.13
CA SER A 78 -4.87 -6.23 -15.86
C SER A 78 -6.05 -6.49 -14.92
N GLU A 79 -5.99 -7.62 -14.23
CA GLU A 79 -7.02 -7.97 -13.26
C GLU A 79 -6.88 -7.10 -12.01
N LEU A 80 -5.63 -6.70 -11.74
CA LEU A 80 -5.27 -5.89 -10.59
C LEU A 80 -5.66 -4.43 -10.76
N SER A 81 -5.96 -4.01 -11.99
CA SER A 81 -6.30 -2.61 -12.26
C SER A 81 -7.30 -2.09 -11.24
N LEU A 82 -8.07 -2.99 -10.65
CA LEU A 82 -9.04 -2.62 -9.63
C LEU A 82 -9.36 -3.81 -8.75
N LEU A 83 -8.31 -4.43 -8.20
CA LEU A 83 -8.51 -5.58 -7.33
C LEU A 83 -9.27 -5.15 -6.07
N LEU A 84 -9.07 -3.89 -5.68
CA LEU A 84 -9.74 -3.33 -4.52
C LEU A 84 -9.40 -1.85 -4.37
N ILE A 85 -10.11 -1.01 -5.13
CA ILE A 85 -9.89 0.43 -5.11
C ILE A 85 -11.16 1.20 -5.45
N ALA A 86 -11.01 2.48 -5.72
CA ALA A 86 -12.11 3.34 -6.07
C ALA A 86 -11.69 4.32 -7.15
N ASP A 87 -12.55 5.29 -7.46
CA ASP A 87 -12.22 6.30 -8.47
C ASP A 87 -11.30 7.37 -7.89
N ASP A 88 -10.43 6.98 -6.97
CA ASP A 88 -9.50 7.90 -6.34
C ASP A 88 -8.70 7.19 -5.23
N VAL A 89 -8.42 5.92 -5.46
CA VAL A 89 -7.69 5.09 -4.50
C VAL A 89 -8.35 5.07 -3.14
N SER A 90 -8.22 3.93 -2.49
CA SER A 90 -8.73 3.74 -1.15
C SER A 90 -7.71 4.34 -0.20
N GLU A 91 -7.75 5.66 -0.13
CA GLU A 91 -6.80 6.46 0.65
C GLU A 91 -6.59 5.98 2.07
N GLN A 92 -7.65 5.82 2.85
CA GLN A 92 -7.48 5.35 4.23
C GLN A 92 -6.62 4.08 4.22
N GLU A 93 -7.02 3.18 3.33
CA GLU A 93 -6.30 1.94 3.14
C GLU A 93 -4.94 2.23 2.53
N LEU A 94 -4.88 3.26 1.70
CA LEU A 94 -3.65 3.63 1.01
C LEU A 94 -2.49 3.85 1.98
N GLU A 95 -2.70 4.65 3.00
CA GLU A 95 -1.66 4.92 3.98
C GLU A 95 -1.42 3.70 4.88
N ASP A 96 -2.49 2.97 5.16
CA ASP A 96 -2.42 1.80 6.02
C ASP A 96 -1.72 0.62 5.34
N TYR A 97 -2.24 0.24 4.19
CA TYR A 97 -1.68 -0.88 3.45
C TYR A 97 -0.25 -0.57 3.02
N ILE A 98 0.07 0.73 2.88
CA ILE A 98 1.42 1.11 2.53
C ILE A 98 2.33 0.73 3.68
N ARG A 99 1.89 1.03 4.90
CA ARG A 99 2.66 0.67 6.09
C ARG A 99 2.97 -0.82 6.03
N HIS A 100 2.00 -1.59 5.51
CA HIS A 100 2.17 -3.03 5.38
C HIS A 100 3.20 -3.35 4.30
N VAL A 101 3.26 -2.52 3.26
CA VAL A 101 4.20 -2.73 2.16
C VAL A 101 5.62 -2.33 2.57
N LEU A 102 5.72 -1.36 3.47
CA LEU A 102 7.02 -0.89 3.94
C LEU A 102 7.92 -2.06 4.38
N ASN A 103 7.43 -2.86 5.31
CA ASN A 103 8.19 -4.00 5.80
C ASN A 103 7.42 -4.78 6.87
N ARG A 104 7.25 -4.14 8.02
CA ARG A 104 6.52 -4.77 9.13
C ARG A 104 6.16 -3.73 10.20
N PRO A 105 7.17 -3.08 10.80
CA PRO A 105 6.95 -2.07 11.85
C PRO A 105 5.82 -1.11 11.49
N LYS A 106 5.24 -0.47 12.51
CA LYS A 106 4.15 0.46 12.30
C LYS A 106 4.68 1.90 12.16
N TRP A 107 5.59 2.09 11.21
CA TRP A 107 6.18 3.40 10.98
C TRP A 107 5.19 4.30 10.22
N LEU A 108 4.71 3.81 9.09
CA LEU A 108 3.76 4.56 8.28
C LEU A 108 2.43 4.71 9.02
N MET A 109 2.11 3.74 9.86
CA MET A 109 0.88 3.80 10.64
C MET A 109 0.92 5.01 11.54
N LEU A 110 2.09 5.28 12.09
CA LEU A 110 2.29 6.44 12.95
C LEU A 110 2.19 7.70 12.11
N LYS A 111 2.62 7.59 10.84
CA LYS A 111 2.55 8.72 9.92
C LYS A 111 1.09 9.03 9.64
N VAL A 112 0.31 7.97 9.41
CA VAL A 112 -1.12 8.10 9.17
C VAL A 112 -1.78 8.76 10.37
N LYS A 113 -1.50 8.18 11.53
CA LYS A 113 -2.01 8.70 12.79
C LYS A 113 -1.49 10.11 12.97
N GLU A 114 -0.25 10.33 12.53
CA GLU A 114 0.39 11.64 12.61
C GLU A 114 -0.43 12.66 11.86
N GLN A 115 -0.99 12.24 10.74
CA GLN A 115 -1.78 13.13 9.92
C GLN A 115 -3.02 13.60 10.68
N GLU A 116 -3.69 12.67 11.35
CA GLU A 116 -4.85 13.01 12.14
C GLU A 116 -4.38 13.71 13.40
N LYS A 117 -3.20 13.30 13.84
CA LYS A 117 -2.60 13.84 15.03
C LYS A 117 -2.16 15.28 14.83
N THR A 118 -1.72 15.61 13.63
CA THR A 118 -1.28 16.97 13.33
C THR A 118 -2.47 17.89 13.19
N GLU A 119 -3.54 17.39 12.57
CA GLU A 119 -4.75 18.17 12.39
C GLU A 119 -5.22 18.64 13.75
N ALA A 120 -5.19 17.73 14.72
CA ALA A 120 -5.57 18.03 16.08
C ALA A 120 -4.45 18.75 16.80
N GLU A 121 -3.19 18.49 16.41
CA GLU A 121 -2.07 19.16 17.04
C GLU A 121 -2.26 20.68 16.97
N ARG A 122 -2.62 21.17 15.79
CA ARG A 122 -2.82 22.59 15.56
C ARG A 122 -4.17 23.10 16.13
N ARG A 123 -5.25 22.35 15.89
CA ARG A 123 -6.58 22.79 16.35
C ARG A 123 -7.07 22.05 17.59
N LYS A 124 -6.60 20.82 17.78
CA LYS A 124 -7.01 20.02 18.94
C LYS A 124 -8.39 19.41 18.72
N ASP A 125 -8.63 18.25 19.34
CA ASP A 125 -9.93 17.58 19.19
C ASP A 125 -10.59 17.34 20.54
N PHE A 126 -10.23 16.24 21.21
CA PHE A 126 -10.81 15.91 22.50
C PHE A 126 -10.51 16.99 23.53
N LEU A 127 -9.25 17.09 23.94
CA LEU A 127 -8.83 18.08 24.92
C LEU A 127 -7.43 18.60 24.62
N THR A 128 -7.35 19.60 23.74
CA THR A 128 -6.07 20.19 23.37
C THR A 128 -5.20 19.17 22.63
N ALA A 129 -3.99 19.59 22.27
CA ALA A 129 -3.04 18.74 21.57
C ALA A 129 -2.63 17.53 22.43
N ALA A 130 -3.00 17.55 23.71
CA ALA A 130 -2.64 16.47 24.63
C ALA A 130 -2.99 15.10 24.06
N ARG A 131 -4.06 15.02 23.28
CA ARG A 131 -4.46 13.75 22.69
C ARG A 131 -3.51 13.36 21.56
N ILE A 132 -2.99 14.38 20.88
CA ILE A 132 -2.07 14.18 19.77
C ILE A 132 -0.71 13.69 20.28
N ALA A 133 -0.14 14.41 21.23
CA ALA A 133 1.16 14.05 21.78
C ALA A 133 1.14 12.64 22.36
N LYS A 134 0.13 12.35 23.17
CA LYS A 134 0.00 11.03 23.79
C LYS A 134 -0.13 9.94 22.74
N GLU A 135 -0.81 10.24 21.64
CA GLU A 135 -0.99 9.27 20.57
C GLU A 135 0.33 8.91 19.90
N MET A 136 1.12 9.91 19.53
CA MET A 136 2.41 9.66 18.89
C MET A 136 3.26 8.75 19.75
N ILE A 137 3.47 9.15 21.00
CA ILE A 137 4.23 8.35 21.93
C ILE A 137 3.66 6.94 21.97
N GLU A 138 2.35 6.86 21.78
CA GLU A 138 1.66 5.58 21.75
C GLU A 138 2.01 4.86 20.45
N MET A 139 2.13 5.65 19.39
CA MET A 139 2.47 5.13 18.08
C MET A 139 3.91 4.63 18.05
N LYS A 140 4.76 5.27 18.86
CA LYS A 140 6.15 4.88 18.95
C LYS A 140 6.31 3.57 19.70
N LYS A 141 5.44 3.36 20.69
CA LYS A 141 5.47 2.14 21.48
C LYS A 141 5.01 0.93 20.66
N MET A 142 3.92 1.10 19.93
CA MET A 142 3.37 0.02 19.12
C MET A 142 4.34 -0.40 18.02
N LEU A 143 5.00 0.57 17.41
CA LEU A 143 5.96 0.27 16.34
C LEU A 143 7.29 -0.22 16.91
N SER A 144 7.60 0.21 18.13
CA SER A 144 8.84 -0.18 18.79
C SER A 144 8.56 -0.90 20.11
N SER A 145 8.84 -2.19 20.15
CA SER A 145 8.63 -3.00 21.34
C SER A 145 9.89 -3.06 22.20
N SER A 146 10.98 -3.49 21.57
CA SER A 146 12.26 -3.59 22.28
C SER A 146 13.41 -3.17 21.38
N MET A 1 -14.48 -21.74 3.12
CA MET A 1 -13.16 -21.53 3.77
C MET A 1 -12.02 -21.86 2.82
N ALA A 2 -11.08 -20.93 2.68
CA ALA A 2 -9.94 -21.11 1.79
C ALA A 2 -8.69 -21.46 2.58
N LYS A 3 -8.56 -20.87 3.77
CA LYS A 3 -7.40 -21.10 4.62
C LYS A 3 -6.10 -20.75 3.89
N LYS A 4 -6.14 -19.65 3.14
CA LYS A 4 -4.98 -19.19 2.39
C LYS A 4 -3.79 -18.96 3.31
N LEU A 5 -2.68 -19.63 3.02
CA LEU A 5 -1.47 -19.49 3.82
C LEU A 5 -0.23 -19.75 2.97
N LEU A 6 0.20 -18.73 2.22
CA LEU A 6 1.36 -18.85 1.36
C LEU A 6 2.01 -17.48 1.10
N PRO A 7 1.29 -16.58 0.41
CA PRO A 7 1.79 -15.23 0.10
C PRO A 7 2.43 -14.55 1.32
N ALA A 8 3.32 -13.59 1.05
CA ALA A 8 3.98 -12.85 2.13
C ALA A 8 3.46 -11.43 2.24
N PHE A 9 3.99 -10.53 1.41
CA PHE A 9 3.57 -9.13 1.43
C PHE A 9 2.98 -8.71 0.08
N GLN A 10 2.89 -9.65 -0.85
CA GLN A 10 2.35 -9.38 -2.17
C GLN A 10 0.93 -8.84 -2.08
N ASN A 11 0.27 -9.04 -0.93
CA ASN A 11 -1.10 -8.58 -0.77
C ASN A 11 -1.18 -7.05 -0.72
N ALA A 12 -0.33 -6.43 0.09
CA ALA A 12 -0.33 -4.97 0.17
C ALA A 12 0.20 -4.38 -1.12
N GLU A 13 1.17 -5.07 -1.72
CA GLU A 13 1.77 -4.62 -2.97
C GLU A 13 0.76 -4.73 -4.11
N ARG A 14 0.13 -5.89 -4.24
CA ARG A 14 -0.84 -6.12 -5.30
C ARG A 14 -1.92 -5.05 -5.34
N LEU A 15 -2.60 -4.83 -4.21
CA LEU A 15 -3.66 -3.83 -4.18
C LEU A 15 -3.12 -2.44 -4.49
N LEU A 16 -1.99 -2.08 -3.87
CA LEU A 16 -1.40 -0.78 -4.12
C LEU A 16 -1.30 -0.54 -5.62
N LEU A 17 -0.71 -1.50 -6.32
CA LEU A 17 -0.59 -1.42 -7.76
C LEU A 17 -1.93 -1.08 -8.38
N ALA A 18 -3.00 -1.68 -7.85
CA ALA A 18 -4.35 -1.42 -8.34
C ALA A 18 -4.67 0.07 -8.28
N HIS A 19 -4.31 0.69 -7.17
CA HIS A 19 -4.56 2.11 -6.97
C HIS A 19 -3.57 2.99 -7.74
N MET A 20 -2.29 2.81 -7.46
CA MET A 20 -1.24 3.60 -8.09
C MET A 20 -1.26 3.48 -9.61
N MET A 21 -1.65 2.32 -10.12
CA MET A 21 -1.71 2.10 -11.56
C MET A 21 -2.79 2.96 -12.22
N ARG A 22 -3.59 3.64 -11.40
CA ARG A 22 -4.66 4.48 -11.93
C ARG A 22 -4.49 5.95 -11.59
N SER A 23 -4.71 6.30 -10.31
CA SER A 23 -4.61 7.69 -9.86
C SER A 23 -3.16 8.11 -9.63
N ARG A 24 -2.80 9.25 -10.22
CA ARG A 24 -1.46 9.80 -10.08
C ARG A 24 -1.15 10.19 -8.64
N ASP A 25 -2.20 10.42 -7.83
CA ASP A 25 -2.02 10.78 -6.44
C ASP A 25 -1.50 9.59 -5.67
N VAL A 26 -2.19 8.48 -5.84
CA VAL A 26 -1.77 7.26 -5.18
C VAL A 26 -0.42 6.82 -5.73
N ALA A 27 -0.23 7.04 -7.03
CA ALA A 27 1.04 6.70 -7.68
C ALA A 27 2.17 7.38 -6.93
N LEU A 28 1.89 8.58 -6.42
CA LEU A 28 2.88 9.33 -5.66
C LEU A 28 3.10 8.63 -4.33
N VAL A 29 2.02 8.09 -3.76
CA VAL A 29 2.08 7.39 -2.48
C VAL A 29 3.07 6.24 -2.53
N VAL A 30 3.05 5.50 -3.63
CA VAL A 30 3.94 4.38 -3.80
C VAL A 30 5.39 4.85 -3.99
N GLN A 31 5.58 5.80 -4.89
CA GLN A 31 6.92 6.32 -5.17
C GLN A 31 7.51 7.08 -3.97
N GLU A 32 6.69 7.87 -3.29
CA GLU A 32 7.16 8.68 -2.17
C GLU A 32 7.30 7.89 -0.87
N ARG A 33 6.32 7.08 -0.52
CA ARG A 33 6.37 6.33 0.75
C ARG A 33 6.93 4.93 0.59
N ILE A 34 6.38 4.15 -0.34
CA ILE A 34 6.85 2.77 -0.54
C ILE A 34 8.37 2.71 -0.68
N GLY A 35 8.91 1.50 -0.52
CA GLY A 35 10.34 1.31 -0.64
C GLY A 35 10.86 0.23 0.30
N GLY A 36 10.18 -0.91 0.31
CA GLY A 36 10.59 -2.00 1.17
C GLY A 36 11.72 -2.82 0.57
N ARG A 37 11.40 -4.01 0.09
CA ARG A 37 12.39 -4.88 -0.51
C ARG A 37 12.02 -5.24 -1.96
N PHE A 38 12.69 -6.25 -2.50
CA PHE A 38 12.43 -6.68 -3.87
C PHE A 38 11.62 -7.97 -3.90
N ASN A 39 10.77 -8.11 -4.91
CA ASN A 39 9.95 -9.31 -5.06
C ASN A 39 10.22 -9.99 -6.40
N ILE A 40 9.61 -9.47 -7.46
CA ILE A 40 9.80 -10.01 -8.80
C ILE A 40 10.03 -8.90 -9.83
N GLU A 41 10.52 -9.28 -11.00
CA GLU A 41 10.82 -8.31 -12.05
C GLU A 41 9.61 -7.47 -12.46
N GLU A 42 8.47 -8.11 -12.72
CA GLU A 42 7.27 -7.39 -13.14
C GLU A 42 6.69 -6.51 -12.03
N HIS A 43 6.44 -7.09 -10.85
CA HIS A 43 5.89 -6.33 -9.73
C HIS A 43 6.64 -5.01 -9.56
N ARG A 44 7.95 -5.13 -9.38
CA ARG A 44 8.79 -3.95 -9.23
C ARG A 44 8.63 -3.06 -10.45
N ALA A 45 8.39 -3.69 -11.61
CA ALA A 45 8.20 -2.96 -12.85
C ALA A 45 7.00 -2.03 -12.74
N LEU A 46 6.01 -2.40 -11.92
CA LEU A 46 4.84 -1.55 -11.74
C LEU A 46 5.22 -0.36 -10.87
N ALA A 47 5.79 -0.65 -9.70
CA ALA A 47 6.24 0.42 -8.83
C ALA A 47 7.18 1.32 -9.63
N ALA A 48 7.94 0.67 -10.51
CA ALA A 48 8.87 1.38 -11.39
C ALA A 48 8.12 2.10 -12.49
N TYR A 49 6.99 1.50 -12.92
CA TYR A 49 6.21 2.08 -13.99
C TYR A 49 5.93 3.55 -13.70
N ILE A 50 5.32 3.79 -12.55
CA ILE A 50 5.01 5.15 -12.14
C ILE A 50 6.26 6.00 -12.10
N TYR A 51 7.34 5.45 -11.53
CA TYR A 51 8.61 6.16 -11.44
C TYR A 51 8.93 6.88 -12.75
N ALA A 52 8.89 6.13 -13.86
CA ALA A 52 9.16 6.70 -15.17
C ALA A 52 8.00 7.57 -15.63
N PHE A 53 6.78 7.09 -15.40
CA PHE A 53 5.59 7.83 -15.79
C PHE A 53 5.61 9.23 -15.19
N TYR A 54 6.17 9.33 -13.99
CA TYR A 54 6.27 10.61 -13.30
C TYR A 54 7.26 11.50 -14.03
N GLU A 55 8.31 10.89 -14.58
CA GLU A 55 9.31 11.63 -15.32
C GLU A 55 8.69 12.24 -16.58
N GLU A 56 7.63 11.60 -17.07
CA GLU A 56 6.93 12.09 -18.25
C GLU A 56 5.84 13.09 -17.85
N GLY A 57 5.31 12.91 -16.65
CA GLY A 57 4.27 13.79 -16.16
C GLY A 57 2.98 13.67 -16.94
N HIS A 58 2.20 12.64 -16.61
CA HIS A 58 0.93 12.41 -17.29
C HIS A 58 0.07 11.41 -16.53
N GLU A 59 0.18 11.43 -15.20
CA GLU A 59 -0.60 10.53 -14.36
C GLU A 59 -0.26 9.07 -14.66
N ALA A 60 -0.39 8.22 -13.64
CA ALA A 60 -0.10 6.81 -13.80
C ALA A 60 -1.16 6.13 -14.66
N ASP A 61 -1.22 6.51 -15.94
CA ASP A 61 -2.19 5.95 -16.88
C ASP A 61 -2.04 4.43 -16.97
N PRO A 62 -3.10 3.67 -16.63
CA PRO A 62 -3.08 2.21 -16.70
C PRO A 62 -3.01 1.68 -18.13
N GLY A 63 -3.62 2.42 -19.05
CA GLY A 63 -3.64 2.01 -20.43
C GLY A 63 -2.24 1.80 -21.01
N ALA A 64 -1.39 2.81 -20.88
CA ALA A 64 -0.03 2.71 -21.39
C ALA A 64 0.86 1.96 -20.42
N LEU A 65 0.56 2.09 -19.14
CA LEU A 65 1.34 1.46 -18.09
C LEU A 65 1.07 -0.04 -17.97
N ILE A 66 -0.20 -0.42 -17.74
CA ILE A 66 -0.55 -1.83 -17.59
C ILE A 66 -0.09 -2.62 -18.81
N SER A 67 -0.04 -1.97 -19.96
CA SER A 67 0.38 -2.62 -21.19
C SER A 67 1.91 -2.56 -21.37
N ARG A 68 2.65 -2.68 -20.26
CA ARG A 68 4.11 -2.65 -20.33
C ARG A 68 4.71 -3.84 -19.59
N ILE A 69 3.84 -4.73 -19.10
CA ILE A 69 4.26 -5.91 -18.37
C ILE A 69 4.81 -7.00 -19.30
N PRO A 70 5.64 -7.92 -18.77
CA PRO A 70 6.21 -9.00 -19.55
C PRO A 70 5.33 -10.25 -19.59
N GLY A 71 4.69 -10.61 -18.47
CA GLY A 71 3.84 -11.79 -18.47
C GLY A 71 3.12 -12.08 -17.16
N GLU A 72 3.75 -11.82 -16.01
CA GLU A 72 3.10 -12.13 -14.73
C GLU A 72 2.26 -10.96 -14.19
N LEU A 73 2.79 -9.74 -14.28
CA LEU A 73 2.05 -8.59 -13.81
C LEU A 73 1.09 -8.13 -14.91
N GLN A 74 1.14 -8.80 -16.06
CA GLN A 74 0.24 -8.50 -17.16
C GLN A 74 -1.17 -8.93 -16.74
N PRO A 75 -1.37 -10.24 -16.49
CA PRO A 75 -2.65 -10.74 -16.02
C PRO A 75 -2.98 -10.19 -14.64
N LEU A 76 -1.92 -10.01 -13.83
CA LEU A 76 -2.09 -9.47 -12.48
C LEU A 76 -2.58 -8.04 -12.51
N ALA A 77 -1.83 -7.18 -13.21
CA ALA A 77 -2.18 -5.76 -13.32
C ALA A 77 -3.57 -5.56 -13.90
N SER A 78 -3.88 -6.26 -14.99
CA SER A 78 -5.19 -6.14 -15.63
C SER A 78 -6.29 -6.41 -14.63
N GLU A 79 -6.14 -7.50 -13.88
CA GLU A 79 -7.11 -7.87 -12.85
C GLU A 79 -6.99 -6.91 -11.67
N LEU A 80 -5.79 -6.40 -11.46
CA LEU A 80 -5.51 -5.46 -10.38
C LEU A 80 -6.10 -4.09 -10.64
N SER A 81 -6.47 -3.82 -11.89
CA SER A 81 -7.00 -2.51 -12.24
C SER A 81 -8.03 -2.02 -11.22
N LEU A 82 -8.64 -2.97 -10.51
CA LEU A 82 -9.60 -2.64 -9.48
C LEU A 82 -9.64 -3.73 -8.43
N LEU A 83 -8.46 -4.18 -7.99
CA LEU A 83 -8.38 -5.22 -6.97
C LEU A 83 -9.20 -4.82 -5.76
N LEU A 84 -9.14 -3.54 -5.46
CA LEU A 84 -9.89 -2.99 -4.33
C LEU A 84 -9.66 -1.49 -4.25
N ILE A 85 -9.81 -0.81 -5.38
CA ILE A 85 -9.61 0.62 -5.45
C ILE A 85 -10.91 1.35 -5.79
N ALA A 86 -10.77 2.62 -6.14
CA ALA A 86 -11.92 3.44 -6.49
C ALA A 86 -11.47 4.61 -7.36
N ASP A 87 -12.37 5.54 -7.63
CA ASP A 87 -12.05 6.70 -8.43
C ASP A 87 -11.01 7.58 -7.72
N ASP A 88 -10.72 7.26 -6.46
CA ASP A 88 -9.76 8.04 -5.67
C ASP A 88 -8.99 7.17 -4.70
N VAL A 89 -8.96 5.87 -4.95
CA VAL A 89 -8.24 4.93 -4.10
C VAL A 89 -8.90 4.80 -2.73
N SER A 90 -8.85 3.59 -2.19
CA SER A 90 -9.37 3.29 -0.88
C SER A 90 -8.34 3.82 0.11
N GLU A 91 -8.39 5.11 0.32
CA GLU A 91 -7.44 5.83 1.15
C GLU A 91 -7.23 5.20 2.52
N GLN A 92 -8.20 4.44 3.02
CA GLN A 92 -8.02 3.79 4.31
C GLN A 92 -7.02 2.64 4.16
N GLU A 93 -7.27 1.80 3.18
CA GLU A 93 -6.39 0.68 2.90
C GLU A 93 -5.12 1.19 2.25
N LEU A 94 -5.26 2.24 1.45
CA LEU A 94 -4.12 2.82 0.74
C LEU A 94 -3.00 3.19 1.70
N GLU A 95 -3.33 3.93 2.72
CA GLU A 95 -2.35 4.34 3.71
C GLU A 95 -1.96 3.15 4.59
N ASP A 96 -2.86 2.18 4.68
CA ASP A 96 -2.63 1.01 5.49
C ASP A 96 -1.52 0.15 4.91
N TYR A 97 -1.63 -0.16 3.62
CA TYR A 97 -0.64 -0.98 2.99
C TYR A 97 0.68 -0.25 2.75
N ILE A 98 0.67 1.10 2.65
CA ILE A 98 1.94 1.81 2.49
C ILE A 98 2.77 1.59 3.75
N ARG A 99 2.14 1.87 4.89
CA ARG A 99 2.80 1.69 6.18
C ARG A 99 3.29 0.26 6.33
N HIS A 100 2.53 -0.68 5.76
CA HIS A 100 2.89 -2.09 5.81
C HIS A 100 4.23 -2.34 5.12
N VAL A 101 4.46 -1.63 4.03
CA VAL A 101 5.70 -1.77 3.27
C VAL A 101 6.87 -1.02 3.93
N LEU A 102 6.56 0.05 4.64
CA LEU A 102 7.58 0.87 5.28
C LEU A 102 8.54 0.02 6.12
N ASN A 103 8.01 -0.98 6.82
CA ASN A 103 8.85 -1.85 7.65
C ASN A 103 8.02 -2.92 8.35
N ARG A 104 8.63 -3.57 9.34
CA ARG A 104 7.95 -4.63 10.09
C ARG A 104 6.55 -4.21 10.52
N PRO A 105 5.66 -5.19 10.78
CA PRO A 105 4.28 -4.93 11.19
C PRO A 105 4.18 -4.18 12.51
N LYS A 106 2.99 -4.16 13.09
CA LYS A 106 2.73 -3.49 14.37
C LYS A 106 2.66 -1.96 14.23
N TRP A 107 3.65 -1.37 13.56
CA TRP A 107 3.68 0.07 13.37
C TRP A 107 2.55 0.48 12.44
N LEU A 108 2.34 -0.35 11.43
CA LEU A 108 1.29 -0.12 10.45
C LEU A 108 -0.07 -0.44 11.05
N MET A 109 -0.09 -1.42 11.95
CA MET A 109 -1.32 -1.82 12.61
C MET A 109 -1.74 -0.78 13.63
N LEU A 110 -0.75 -0.17 14.29
CA LEU A 110 -1.02 0.83 15.29
C LEU A 110 -1.57 2.10 14.67
N LYS A 111 -1.03 2.50 13.53
CA LYS A 111 -1.54 3.69 12.85
C LYS A 111 -2.97 3.43 12.43
N VAL A 112 -3.21 2.22 11.95
CA VAL A 112 -4.55 1.80 11.55
C VAL A 112 -5.43 1.76 12.78
N LYS A 113 -4.85 1.28 13.87
CA LYS A 113 -5.54 1.20 15.13
C LYS A 113 -5.73 2.60 15.69
N GLU A 114 -4.89 3.54 15.24
CA GLU A 114 -4.97 4.92 15.68
C GLU A 114 -6.28 5.52 15.21
N GLN A 115 -6.63 5.24 13.97
CA GLN A 115 -7.84 5.77 13.42
C GLN A 115 -9.08 5.09 14.01
N GLU A 116 -8.99 3.78 14.25
CA GLU A 116 -10.08 3.04 14.84
C GLU A 116 -10.19 3.38 16.31
N LYS A 117 -9.03 3.54 16.92
CA LYS A 117 -8.96 3.87 18.33
C LYS A 117 -9.35 5.31 18.56
N THR A 118 -8.86 6.18 17.70
CA THR A 118 -9.15 7.60 17.81
C THR A 118 -10.66 7.84 17.64
N GLU A 119 -11.20 7.35 16.54
CA GLU A 119 -12.62 7.50 16.25
C GLU A 119 -13.45 7.06 17.45
N ALA A 120 -13.21 5.83 17.90
CA ALA A 120 -13.90 5.31 19.07
C ALA A 120 -13.53 6.09 20.31
N GLU A 121 -12.31 6.65 20.33
CA GLU A 121 -11.88 7.42 21.49
C GLU A 121 -12.88 8.54 21.81
N ARG A 122 -13.28 9.27 20.76
CA ARG A 122 -14.22 10.38 20.92
C ARG A 122 -15.67 9.91 21.09
N ARG A 123 -16.10 8.95 20.27
CA ARG A 123 -17.49 8.48 20.32
C ARG A 123 -17.66 7.25 21.20
N LYS A 124 -16.61 6.45 21.36
CA LYS A 124 -16.66 5.24 22.16
C LYS A 124 -17.40 4.13 21.43
N ASP A 125 -16.85 2.93 21.47
CA ASP A 125 -17.44 1.78 20.79
C ASP A 125 -18.11 0.83 21.78
N PHE A 126 -19.34 0.44 21.47
CA PHE A 126 -20.09 -0.47 22.31
C PHE A 126 -20.34 0.11 23.70
N LEU A 127 -19.35 -0.01 24.57
CA LEU A 127 -19.48 0.49 25.94
C LEU A 127 -18.86 1.88 26.09
N THR A 128 -17.53 1.94 26.13
CA THR A 128 -16.82 3.20 26.29
C THR A 128 -15.48 3.19 25.57
N ALA A 129 -14.74 4.29 25.70
CA ALA A 129 -13.42 4.42 25.07
C ALA A 129 -12.43 3.38 25.59
N ALA A 130 -12.83 2.65 26.64
CA ALA A 130 -11.96 1.64 27.24
C ALA A 130 -11.41 0.68 26.18
N ARG A 131 -12.17 0.48 25.10
CA ARG A 131 -11.73 -0.40 24.03
C ARG A 131 -10.51 0.20 23.33
N ILE A 132 -10.48 1.53 23.30
CA ILE A 132 -9.38 2.26 22.67
C ILE A 132 -8.10 2.16 23.49
N ALA A 133 -8.22 2.43 24.79
CA ALA A 133 -7.06 2.38 25.68
C ALA A 133 -6.41 1.00 25.65
N LYS A 134 -7.24 -0.03 25.65
CA LYS A 134 -6.75 -1.41 25.62
C LYS A 134 -6.15 -1.73 24.26
N GLU A 135 -6.75 -1.17 23.21
CA GLU A 135 -6.29 -1.40 21.84
C GLU A 135 -4.81 -1.05 21.68
N MET A 136 -4.43 0.17 22.08
CA MET A 136 -3.04 0.61 21.97
C MET A 136 -2.16 -0.20 22.92
N ILE A 137 -2.56 -0.24 24.19
CA ILE A 137 -1.82 -0.99 25.18
C ILE A 137 -1.59 -2.41 24.66
N GLU A 138 -2.52 -2.89 23.85
CA GLU A 138 -2.40 -4.20 23.25
C GLU A 138 -1.33 -4.14 22.18
N MET A 139 -1.37 -3.07 21.40
CA MET A 139 -0.39 -2.86 20.36
C MET A 139 1.00 -2.76 20.96
N LYS A 140 1.09 -2.07 22.09
CA LYS A 140 2.35 -1.91 22.80
C LYS A 140 2.93 -3.28 23.12
N LYS A 141 2.06 -4.20 23.54
CA LYS A 141 2.48 -5.56 23.86
C LYS A 141 3.12 -6.20 22.63
N MET A 142 2.55 -5.89 21.46
CA MET A 142 3.07 -6.42 20.21
C MET A 142 4.52 -5.99 20.00
N LEU A 143 4.80 -4.74 20.34
CA LEU A 143 6.15 -4.19 20.19
C LEU A 143 7.18 -5.03 20.95
N SER A 144 6.89 -5.34 22.20
CA SER A 144 7.81 -6.13 23.01
C SER A 144 7.09 -6.74 24.22
N SER A 145 6.51 -5.87 25.06
CA SER A 145 5.80 -6.31 26.25
C SER A 145 6.78 -6.87 27.29
N SER A 146 7.12 -6.04 28.27
CA SER A 146 8.04 -6.45 29.33
C SER A 146 7.31 -6.61 30.66
N MET A 1 4.93 -24.94 6.46
CA MET A 1 3.55 -25.41 6.16
C MET A 1 2.53 -24.76 7.09
N ALA A 2 2.64 -25.07 8.38
CA ALA A 2 1.73 -24.52 9.37
C ALA A 2 1.93 -23.01 9.53
N LYS A 3 3.19 -22.60 9.61
CA LYS A 3 3.53 -21.18 9.77
C LYS A 3 3.82 -20.55 8.41
N LYS A 4 4.06 -19.23 8.41
CA LYS A 4 4.35 -18.50 7.18
C LYS A 4 5.32 -17.36 7.46
N LEU A 5 6.59 -17.57 7.16
CA LEU A 5 7.61 -16.57 7.38
C LEU A 5 8.00 -15.88 6.06
N LEU A 6 7.37 -14.75 5.78
CA LEU A 6 7.65 -14.01 4.56
C LEU A 6 8.07 -12.57 4.88
N PRO A 7 9.32 -12.19 4.56
CA PRO A 7 9.84 -10.86 4.82
C PRO A 7 9.52 -9.87 3.71
N ALA A 8 8.51 -10.18 2.90
CA ALA A 8 8.12 -9.30 1.79
C ALA A 8 6.61 -9.22 1.66
N PHE A 9 6.09 -7.99 1.69
CA PHE A 9 4.65 -7.77 1.58
C PHE A 9 4.26 -7.45 0.14
N GLN A 10 4.86 -8.18 -0.80
CA GLN A 10 4.59 -7.99 -2.22
C GLN A 10 3.08 -8.01 -2.51
N ASN A 11 2.34 -8.71 -1.66
CA ASN A 11 0.90 -8.81 -1.82
C ASN A 11 0.23 -7.47 -1.55
N ALA A 12 0.61 -6.83 -0.45
CA ALA A 12 0.05 -5.54 -0.08
C ALA A 12 0.32 -4.50 -1.16
N GLU A 13 1.59 -4.32 -1.50
CA GLU A 13 1.97 -3.35 -2.52
C GLU A 13 1.25 -3.65 -3.84
N ARG A 14 1.02 -4.92 -4.10
CA ARG A 14 0.33 -5.33 -5.33
C ARG A 14 -1.05 -4.69 -5.43
N LEU A 15 -1.86 -4.88 -4.39
CA LEU A 15 -3.18 -4.29 -4.39
C LEU A 15 -3.05 -2.78 -4.56
N LEU A 16 -1.96 -2.20 -4.06
CA LEU A 16 -1.74 -0.77 -4.23
C LEU A 16 -1.56 -0.50 -5.71
N LEU A 17 -0.88 -1.42 -6.41
CA LEU A 17 -0.69 -1.28 -7.85
C LEU A 17 -2.03 -0.98 -8.47
N ALA A 18 -3.05 -1.69 -7.98
CA ALA A 18 -4.41 -1.49 -8.46
C ALA A 18 -4.83 -0.03 -8.22
N HIS A 19 -4.51 0.47 -7.03
CA HIS A 19 -4.84 1.85 -6.67
C HIS A 19 -4.03 2.87 -7.49
N MET A 20 -2.71 2.74 -7.40
CA MET A 20 -1.79 3.63 -8.11
C MET A 20 -1.96 3.55 -9.64
N MET A 21 -2.36 2.38 -10.12
CA MET A 21 -2.54 2.13 -11.55
C MET A 21 -3.22 3.28 -12.32
N ARG A 22 -3.78 4.26 -11.62
CA ARG A 22 -4.45 5.36 -12.33
C ARG A 22 -4.64 6.61 -11.46
N SER A 23 -3.81 6.79 -10.45
CA SER A 23 -3.93 7.96 -9.58
C SER A 23 -2.59 8.64 -9.35
N ARG A 24 -2.44 9.87 -9.85
CA ARG A 24 -1.18 10.61 -9.68
C ARG A 24 -0.88 10.77 -8.18
N ASP A 25 -1.93 10.91 -7.38
CA ASP A 25 -1.78 11.07 -5.95
C ASP A 25 -1.34 9.75 -5.32
N VAL A 26 -2.06 8.69 -5.64
CA VAL A 26 -1.74 7.39 -5.09
C VAL A 26 -0.40 6.87 -5.61
N ALA A 27 -0.25 6.89 -6.93
CA ALA A 27 0.99 6.42 -7.55
C ALA A 27 2.20 7.10 -6.91
N LEU A 28 2.06 8.39 -6.56
CA LEU A 28 3.14 9.12 -5.92
C LEU A 28 3.43 8.53 -4.54
N VAL A 29 2.36 8.16 -3.85
CA VAL A 29 2.47 7.57 -2.52
C VAL A 29 3.30 6.29 -2.59
N VAL A 30 3.19 5.60 -3.71
CA VAL A 30 3.92 4.36 -3.91
C VAL A 30 5.41 4.58 -4.08
N GLN A 31 5.77 5.43 -5.03
CA GLN A 31 7.17 5.73 -5.32
C GLN A 31 7.86 6.45 -4.18
N GLU A 32 7.13 7.32 -3.48
CA GLU A 32 7.70 8.09 -2.39
C GLU A 32 7.83 7.28 -1.11
N ARG A 33 6.79 6.55 -0.74
CA ARG A 33 6.83 5.77 0.50
C ARG A 33 7.07 4.27 0.26
N ILE A 34 6.28 3.66 -0.61
CA ILE A 34 6.43 2.24 -0.89
C ILE A 34 7.85 1.92 -1.34
N GLY A 35 8.31 0.71 -1.02
CA GLY A 35 9.65 0.29 -1.41
C GLY A 35 9.96 -1.13 -0.96
N GLY A 36 10.96 -1.28 -0.11
CA GLY A 36 11.34 -2.59 0.38
C GLY A 36 11.69 -3.55 -0.75
N ARG A 37 11.38 -4.83 -0.55
CA ARG A 37 11.67 -5.85 -1.55
C ARG A 37 10.38 -6.48 -2.06
N PHE A 38 10.50 -7.28 -3.13
CA PHE A 38 9.33 -7.94 -3.71
C PHE A 38 9.68 -9.37 -4.11
N ASN A 39 8.69 -10.08 -4.63
CA ASN A 39 8.88 -11.47 -5.05
C ASN A 39 9.01 -11.57 -6.57
N ILE A 40 8.15 -10.84 -7.28
CA ILE A 40 8.17 -10.85 -8.74
C ILE A 40 8.79 -9.56 -9.28
N GLU A 41 9.59 -9.70 -10.33
CA GLU A 41 10.25 -8.55 -10.94
C GLU A 41 9.23 -7.62 -11.61
N GLU A 42 8.17 -8.20 -12.15
CA GLU A 42 7.14 -7.43 -12.82
C GLU A 42 6.40 -6.52 -11.82
N HIS A 43 5.90 -7.10 -10.74
CA HIS A 43 5.19 -6.33 -9.71
C HIS A 43 6.01 -5.10 -9.31
N ARG A 44 7.22 -5.35 -8.82
CA ARG A 44 8.10 -4.26 -8.41
C ARG A 44 8.27 -3.29 -9.57
N ALA A 45 8.14 -3.82 -10.80
CA ALA A 45 8.25 -2.99 -11.98
C ALA A 45 7.04 -2.07 -12.07
N LEU A 46 5.91 -2.51 -11.52
CA LEU A 46 4.71 -1.69 -11.53
C LEU A 46 4.95 -0.45 -10.69
N ALA A 47 5.34 -0.68 -9.43
CA ALA A 47 5.65 0.44 -8.55
C ALA A 47 6.67 1.36 -9.24
N ALA A 48 7.57 0.72 -9.98
CA ALA A 48 8.62 1.43 -10.74
C ALA A 48 8.02 2.13 -11.95
N TYR A 49 7.02 1.51 -12.57
CA TYR A 49 6.40 2.09 -13.74
C TYR A 49 6.04 3.52 -13.41
N ILE A 50 5.53 3.69 -12.20
CA ILE A 50 5.16 5.00 -11.72
C ILE A 50 6.39 5.91 -11.69
N TYR A 51 7.47 5.39 -11.15
CA TYR A 51 8.73 6.14 -11.06
C TYR A 51 9.06 6.90 -12.35
N ALA A 52 9.38 6.16 -13.41
CA ALA A 52 9.74 6.80 -14.68
C ALA A 52 8.57 7.43 -15.43
N PHE A 53 7.47 6.69 -15.55
CA PHE A 53 6.30 7.20 -16.24
C PHE A 53 5.79 8.46 -15.54
N TYR A 54 6.09 8.59 -14.25
CA TYR A 54 5.71 9.79 -13.50
C TYR A 54 6.50 10.96 -14.05
N GLU A 55 7.80 10.74 -14.23
CA GLU A 55 8.69 11.77 -14.75
C GLU A 55 8.16 12.30 -16.08
N GLU A 56 7.43 11.45 -16.80
CA GLU A 56 6.85 11.86 -18.07
C GLU A 56 5.88 13.03 -17.85
N GLY A 57 5.42 13.19 -16.61
CA GLY A 57 4.50 14.27 -16.31
C GLY A 57 3.10 14.04 -16.83
N HIS A 58 2.36 13.14 -16.19
CA HIS A 58 0.99 12.83 -16.60
C HIS A 58 0.50 11.61 -15.85
N GLU A 59 1.35 10.59 -15.78
CA GLU A 59 1.03 9.35 -15.09
C GLU A 59 -0.40 8.90 -15.36
N ALA A 60 -0.93 8.03 -14.50
CA ALA A 60 -2.28 7.53 -14.63
C ALA A 60 -2.44 6.72 -15.93
N ASP A 61 -3.69 6.45 -16.31
CA ASP A 61 -3.97 5.69 -17.53
C ASP A 61 -3.50 4.25 -17.38
N PRO A 62 -4.40 3.34 -16.94
CA PRO A 62 -4.07 1.92 -16.75
C PRO A 62 -3.63 1.26 -18.05
N GLY A 63 -4.51 1.31 -19.06
CA GLY A 63 -4.20 0.69 -20.33
C GLY A 63 -2.92 1.20 -20.95
N ALA A 64 -2.44 2.35 -20.49
CA ALA A 64 -1.21 2.93 -21.00
C ALA A 64 0.01 2.26 -20.35
N LEU A 65 0.02 2.29 -19.02
CA LEU A 65 1.12 1.71 -18.25
C LEU A 65 1.03 0.19 -18.21
N ILE A 66 -0.18 -0.34 -18.02
CA ILE A 66 -0.39 -1.78 -17.94
C ILE A 66 0.16 -2.47 -19.18
N SER A 67 0.14 -1.76 -20.31
CA SER A 67 0.63 -2.32 -21.57
C SER A 67 2.15 -2.15 -21.69
N ARG A 68 2.88 -2.45 -20.61
CA ARG A 68 4.34 -2.34 -20.61
C ARG A 68 4.98 -3.42 -19.76
N ILE A 69 4.19 -4.45 -19.42
CA ILE A 69 4.69 -5.56 -18.59
C ILE A 69 5.40 -6.62 -19.42
N PRO A 70 6.39 -7.31 -18.82
CA PRO A 70 7.14 -8.37 -19.50
C PRO A 70 6.26 -9.60 -19.78
N GLY A 71 5.40 -9.97 -18.83
CA GLY A 71 4.54 -11.13 -19.06
C GLY A 71 3.61 -11.49 -17.91
N GLU A 72 4.13 -11.63 -16.69
CA GLU A 72 3.30 -12.03 -15.55
C GLU A 72 2.45 -10.89 -14.98
N LEU A 73 3.03 -9.71 -14.84
CA LEU A 73 2.27 -8.59 -14.30
C LEU A 73 1.35 -8.03 -15.39
N GLN A 74 1.48 -8.55 -16.61
CA GLN A 74 0.62 -8.14 -17.70
C GLN A 74 -0.81 -8.55 -17.36
N PRO A 75 -1.07 -9.86 -17.23
CA PRO A 75 -2.39 -10.36 -16.87
C PRO A 75 -2.78 -9.91 -15.47
N LEU A 76 -1.81 -9.89 -14.56
CA LEU A 76 -2.06 -9.47 -13.18
C LEU A 76 -2.46 -7.99 -13.11
N ALA A 77 -1.60 -7.13 -13.64
CA ALA A 77 -1.85 -5.69 -13.64
C ALA A 77 -3.16 -5.35 -14.35
N SER A 78 -3.40 -5.96 -15.51
CA SER A 78 -4.62 -5.69 -16.27
C SER A 78 -5.85 -5.92 -15.39
N GLU A 79 -5.88 -7.05 -14.70
CA GLU A 79 -6.97 -7.36 -13.80
C GLU A 79 -6.89 -6.49 -12.56
N LEU A 80 -5.66 -6.12 -12.20
CA LEU A 80 -5.39 -5.29 -11.03
C LEU A 80 -5.87 -3.86 -11.22
N SER A 81 -6.15 -3.46 -12.46
CA SER A 81 -6.60 -2.09 -12.72
C SER A 81 -7.69 -1.67 -11.73
N LEU A 82 -8.41 -2.66 -11.21
CA LEU A 82 -9.45 -2.43 -10.22
C LEU A 82 -9.64 -3.68 -9.38
N LEU A 83 -8.54 -4.21 -8.86
CA LEU A 83 -8.59 -5.42 -8.04
C LEU A 83 -9.30 -5.14 -6.72
N LEU A 84 -9.01 -3.98 -6.14
CA LEU A 84 -9.63 -3.60 -4.88
C LEU A 84 -9.53 -2.08 -4.70
N ILE A 85 -10.12 -1.35 -5.63
CA ILE A 85 -10.08 0.10 -5.59
C ILE A 85 -11.41 0.72 -6.04
N ALA A 86 -11.37 2.00 -6.40
CA ALA A 86 -12.56 2.70 -6.84
C ALA A 86 -12.16 3.88 -7.73
N ASP A 87 -13.14 4.71 -8.08
CA ASP A 87 -12.89 5.86 -8.92
C ASP A 87 -11.90 6.82 -8.26
N ASP A 88 -11.67 6.65 -6.96
CA ASP A 88 -10.74 7.50 -6.22
C ASP A 88 -9.82 6.70 -5.32
N VAL A 89 -9.75 5.39 -5.55
CA VAL A 89 -8.90 4.52 -4.74
C VAL A 89 -9.38 4.44 -3.31
N SER A 90 -9.31 3.24 -2.76
CA SER A 90 -9.68 3.00 -1.38
C SER A 90 -8.56 3.54 -0.51
N GLU A 91 -8.51 4.87 -0.47
CA GLU A 91 -7.47 5.59 0.25
C GLU A 91 -7.26 5.11 1.67
N GLN A 92 -8.32 4.86 2.41
CA GLN A 92 -8.18 4.36 3.78
C GLN A 92 -7.25 3.14 3.77
N GLU A 93 -7.57 2.21 2.88
CA GLU A 93 -6.76 1.03 2.72
C GLU A 93 -5.37 1.43 2.25
N LEU A 94 -5.31 2.47 1.41
CA LEU A 94 -4.05 2.97 0.87
C LEU A 94 -3.08 3.28 2.00
N GLU A 95 -3.56 4.00 3.02
CA GLU A 95 -2.73 4.31 4.17
C GLU A 95 -2.31 3.00 4.83
N ASP A 96 -3.19 2.00 4.74
CA ASP A 96 -2.90 0.69 5.32
C ASP A 96 -1.78 0.00 4.54
N TYR A 97 -1.70 0.29 3.25
CA TYR A 97 -0.68 -0.30 2.38
C TYR A 97 0.71 0.14 2.77
N ILE A 98 0.93 1.44 2.64
CA ILE A 98 2.23 2.02 2.94
C ILE A 98 2.68 1.59 4.33
N ARG A 99 1.73 1.55 5.26
CA ARG A 99 2.01 1.15 6.63
C ARG A 99 2.61 -0.26 6.67
N HIS A 100 2.05 -1.15 5.85
CA HIS A 100 2.53 -2.54 5.79
C HIS A 100 3.87 -2.63 5.08
N VAL A 101 3.97 -2.01 3.91
CA VAL A 101 5.20 -2.02 3.13
C VAL A 101 6.41 -1.59 3.96
N LEU A 102 6.17 -0.75 4.95
CA LEU A 102 7.23 -0.26 5.82
C LEU A 102 8.09 -1.40 6.38
N ASN A 103 7.52 -2.61 6.41
CA ASN A 103 8.23 -3.78 6.91
C ASN A 103 8.94 -3.49 8.22
N ARG A 104 8.21 -3.64 9.33
CA ARG A 104 8.75 -3.40 10.66
C ARG A 104 7.93 -4.18 11.68
N PRO A 105 8.38 -4.25 12.95
CA PRO A 105 7.65 -4.97 14.00
C PRO A 105 6.30 -4.32 14.31
N LYS A 106 5.42 -4.32 13.32
CA LYS A 106 4.09 -3.73 13.48
C LYS A 106 4.17 -2.28 13.93
N TRP A 107 5.20 -1.57 13.46
CA TRP A 107 5.38 -0.17 13.81
C TRP A 107 4.34 0.69 13.10
N LEU A 108 4.28 0.55 11.78
CA LEU A 108 3.33 1.29 10.99
C LEU A 108 1.92 0.73 11.19
N MET A 109 1.83 -0.57 11.44
CA MET A 109 0.55 -1.22 11.68
C MET A 109 -0.10 -0.57 12.88
N LEU A 110 0.73 -0.29 13.89
CA LEU A 110 0.27 0.37 15.10
C LEU A 110 -0.10 1.81 14.79
N LYS A 111 0.59 2.41 13.82
CA LYS A 111 0.30 3.78 13.43
C LYS A 111 -1.15 3.88 12.99
N VAL A 112 -1.58 2.90 12.21
CA VAL A 112 -2.96 2.83 11.77
C VAL A 112 -3.85 2.73 13.01
N LYS A 113 -3.38 1.91 13.94
CA LYS A 113 -4.07 1.72 15.21
C LYS A 113 -3.99 3.01 16.03
N GLU A 114 -3.00 3.85 15.71
CA GLU A 114 -2.83 5.12 16.41
C GLU A 114 -4.01 6.00 16.16
N GLN A 115 -4.43 6.04 14.91
CA GLN A 115 -5.56 6.87 14.53
C GLN A 115 -6.86 6.31 15.10
N GLU A 116 -6.99 4.98 15.11
CA GLU A 116 -8.19 4.34 15.66
C GLU A 116 -8.16 4.42 17.17
N LYS A 117 -6.96 4.26 17.72
CA LYS A 117 -6.75 4.31 19.15
C LYS A 117 -6.89 5.74 19.66
N THR A 118 -6.40 6.67 18.86
CA THR A 118 -6.45 8.08 19.22
C THR A 118 -7.86 8.65 19.05
N GLU A 119 -8.43 8.46 17.87
CA GLU A 119 -9.78 8.96 17.58
C GLU A 119 -10.76 8.50 18.66
N ALA A 120 -10.79 7.19 18.88
CA ALA A 120 -11.66 6.63 19.90
C ALA A 120 -11.23 7.10 21.29
N GLU A 121 -9.94 7.39 21.46
CA GLU A 121 -9.46 7.82 22.78
C GLU A 121 -10.25 9.03 23.26
N ARG A 122 -10.42 10.01 22.37
CA ARG A 122 -11.15 11.23 22.70
C ARG A 122 -12.66 11.01 22.70
N ARG A 123 -13.17 10.31 21.67
CA ARG A 123 -14.60 10.06 21.53
C ARG A 123 -15.08 8.92 22.42
N LYS A 124 -14.20 7.98 22.74
CA LYS A 124 -14.56 6.84 23.56
C LYS A 124 -15.59 5.97 22.84
N ASP A 125 -15.19 4.74 22.49
CA ASP A 125 -16.07 3.83 21.78
C ASP A 125 -16.85 2.94 22.73
N PHE A 126 -18.16 2.88 22.53
CA PHE A 126 -19.05 2.07 23.35
C PHE A 126 -18.83 2.31 24.84
N LEU A 127 -17.89 1.57 25.44
CA LEU A 127 -17.59 1.72 26.86
C LEU A 127 -16.73 2.94 27.13
N THR A 128 -15.46 2.89 26.72
CA THR A 128 -14.54 3.99 26.94
C THR A 128 -13.20 3.73 26.26
N ALA A 129 -12.17 4.46 26.68
CA ALA A 129 -10.82 4.33 26.13
C ALA A 129 -10.29 2.90 26.27
N ALA A 130 -11.00 2.06 27.02
CA ALA A 130 -10.57 0.68 27.23
C ALA A 130 -10.23 -0.02 25.92
N ARG A 131 -10.89 0.37 24.84
CA ARG A 131 -10.62 -0.22 23.54
C ARG A 131 -9.28 0.28 23.03
N ILE A 132 -9.07 1.58 23.20
CA ILE A 132 -7.83 2.22 22.79
C ILE A 132 -6.65 1.62 23.54
N ALA A 133 -6.84 1.37 24.83
CA ALA A 133 -5.81 0.77 25.66
C ALA A 133 -5.40 -0.57 25.07
N LYS A 134 -6.41 -1.38 24.73
CA LYS A 134 -6.18 -2.69 24.13
C LYS A 134 -5.27 -2.57 22.91
N GLU A 135 -5.44 -1.48 22.17
CA GLU A 135 -4.63 -1.24 20.97
C GLU A 135 -3.15 -1.05 21.32
N MET A 136 -2.88 -0.27 22.37
CA MET A 136 -1.49 0.00 22.78
C MET A 136 -0.85 -1.26 23.39
N ILE A 137 -1.64 -2.06 24.05
CA ILE A 137 -1.12 -3.30 24.64
C ILE A 137 -0.85 -4.30 23.52
N GLU A 138 -1.57 -4.14 22.42
CA GLU A 138 -1.40 -5.00 21.27
C GLU A 138 -0.04 -4.75 20.64
N MET A 139 0.24 -3.48 20.34
CA MET A 139 1.53 -3.10 19.77
C MET A 139 2.65 -3.63 20.64
N LYS A 140 2.42 -3.61 21.96
CA LYS A 140 3.40 -4.12 22.88
C LYS A 140 3.73 -5.58 22.54
N LYS A 141 2.67 -6.36 22.31
CA LYS A 141 2.83 -7.76 21.96
C LYS A 141 3.40 -7.91 20.55
N MET A 142 2.95 -7.06 19.64
CA MET A 142 3.41 -7.10 18.26
C MET A 142 4.94 -7.00 18.19
N LEU A 143 5.52 -6.31 19.16
CA LEU A 143 6.97 -6.15 19.22
C LEU A 143 7.67 -7.49 19.45
N SER A 144 6.93 -8.44 20.01
CA SER A 144 7.47 -9.77 20.28
C SER A 144 8.57 -9.70 21.35
N SER A 145 8.27 -10.23 22.53
CA SER A 145 9.22 -10.22 23.64
C SER A 145 8.85 -11.29 24.68
N SER A 146 7.59 -11.28 25.09
CA SER A 146 7.11 -12.24 26.08
C SER A 146 5.62 -12.06 26.32
N MET A 1 12.78 -18.73 14.94
CA MET A 1 13.21 -18.10 13.67
C MET A 1 13.19 -19.09 12.52
N ALA A 2 13.43 -20.36 12.84
CA ALA A 2 13.45 -21.42 11.83
C ALA A 2 12.10 -21.51 11.12
N LYS A 3 11.04 -21.18 11.83
CA LYS A 3 9.70 -21.22 11.26
C LYS A 3 8.95 -19.91 11.51
N LYS A 4 8.91 -19.07 10.48
CA LYS A 4 8.24 -17.77 10.59
C LYS A 4 6.99 -17.73 9.70
N LEU A 5 6.25 -16.63 9.77
CA LEU A 5 5.04 -16.48 8.97
C LEU A 5 4.95 -15.08 8.39
N LEU A 6 3.87 -14.82 7.65
CA LEU A 6 3.65 -13.52 7.03
C LEU A 6 4.79 -13.17 6.07
N PRO A 7 5.15 -14.10 5.16
CA PRO A 7 6.22 -13.87 4.19
C PRO A 7 5.75 -13.10 2.95
N ALA A 8 6.71 -12.51 2.24
CA ALA A 8 6.41 -11.75 1.04
C ALA A 8 5.46 -10.59 1.33
N PHE A 9 5.46 -9.60 0.45
CA PHE A 9 4.59 -8.43 0.60
C PHE A 9 3.68 -8.29 -0.60
N GLN A 10 3.17 -9.42 -1.07
CA GLN A 10 2.27 -9.45 -2.22
C GLN A 10 0.99 -8.68 -1.94
N ASN A 11 0.63 -8.54 -0.66
CA ASN A 11 -0.60 -7.84 -0.31
C ASN A 11 -0.50 -6.34 -0.55
N ALA A 12 0.57 -5.73 -0.09
CA ALA A 12 0.74 -4.29 -0.27
C ALA A 12 1.01 -3.91 -1.71
N GLU A 13 2.02 -4.53 -2.29
CA GLU A 13 2.39 -4.25 -3.67
C GLU A 13 1.24 -4.47 -4.64
N ARG A 14 0.46 -5.53 -4.42
CA ARG A 14 -0.65 -5.84 -5.32
C ARG A 14 -1.78 -4.81 -5.25
N LEU A 15 -2.30 -4.55 -4.06
CA LEU A 15 -3.40 -3.58 -3.96
C LEU A 15 -2.92 -2.16 -4.23
N LEU A 16 -1.79 -1.78 -3.62
CA LEU A 16 -1.24 -0.45 -3.84
C LEU A 16 -1.18 -0.19 -5.34
N LEU A 17 -0.78 -1.21 -6.07
CA LEU A 17 -0.69 -1.16 -7.52
C LEU A 17 -2.07 -0.83 -8.10
N ALA A 18 -3.11 -1.45 -7.53
CA ALA A 18 -4.48 -1.24 -8.00
C ALA A 18 -4.88 0.23 -8.00
N HIS A 19 -4.63 0.92 -6.89
CA HIS A 19 -4.97 2.35 -6.79
C HIS A 19 -3.94 3.17 -7.55
N MET A 20 -2.69 2.90 -7.26
CA MET A 20 -1.59 3.59 -7.89
C MET A 20 -1.69 3.54 -9.41
N MET A 21 -2.25 2.45 -9.91
CA MET A 21 -2.43 2.25 -11.34
C MET A 21 -3.42 3.25 -11.93
N ARG A 22 -4.05 4.04 -11.08
CA ARG A 22 -5.06 5.00 -11.53
C ARG A 22 -4.59 6.46 -11.56
N SER A 23 -4.24 7.02 -10.41
CA SER A 23 -3.85 8.43 -10.35
C SER A 23 -2.38 8.65 -10.00
N ARG A 24 -1.80 9.68 -10.60
CA ARG A 24 -0.40 10.04 -10.36
C ARG A 24 -0.18 10.48 -8.91
N ASP A 25 -1.26 10.86 -8.22
CA ASP A 25 -1.15 11.30 -6.83
C ASP A 25 -0.80 10.11 -5.96
N VAL A 26 -1.57 9.04 -6.12
CA VAL A 26 -1.31 7.84 -5.38
C VAL A 26 0.07 7.34 -5.77
N ALA A 27 0.41 7.52 -7.05
CA ALA A 27 1.71 7.15 -7.56
C ALA A 27 2.81 7.84 -6.77
N LEU A 28 2.52 9.06 -6.31
CA LEU A 28 3.49 9.77 -5.50
C LEU A 28 3.62 9.00 -4.18
N VAL A 29 2.50 8.43 -3.75
CA VAL A 29 2.45 7.65 -2.51
C VAL A 29 3.30 6.39 -2.62
N VAL A 30 3.15 5.65 -3.71
CA VAL A 30 3.94 4.44 -3.89
C VAL A 30 5.43 4.77 -3.82
N GLN A 31 5.87 5.75 -4.62
CA GLN A 31 7.27 6.15 -4.65
C GLN A 31 7.72 6.80 -3.34
N GLU A 32 6.94 7.76 -2.84
CA GLU A 32 7.30 8.51 -1.63
C GLU A 32 7.02 7.77 -0.31
N ARG A 33 5.84 7.18 -0.17
CA ARG A 33 5.47 6.52 1.07
C ARG A 33 5.89 5.05 1.14
N ILE A 34 6.46 4.53 0.06
CA ILE A 34 6.88 3.13 0.04
C ILE A 34 8.17 2.94 -0.77
N GLY A 35 8.25 3.64 -1.90
CA GLY A 35 9.42 3.54 -2.75
C GLY A 35 9.32 2.40 -3.74
N GLY A 36 9.50 1.18 -3.24
CA GLY A 36 9.42 0.01 -4.10
C GLY A 36 10.52 -1.00 -3.83
N ARG A 37 10.31 -1.83 -2.81
CA ARG A 37 11.30 -2.85 -2.45
C ARG A 37 11.35 -3.96 -3.48
N PHE A 38 12.23 -4.93 -3.27
CA PHE A 38 12.38 -6.05 -4.20
C PHE A 38 11.48 -7.21 -3.78
N ASN A 39 10.84 -7.83 -4.76
CA ASN A 39 9.96 -8.97 -4.51
C ASN A 39 9.55 -9.66 -5.81
N ILE A 40 8.61 -9.05 -6.52
CA ILE A 40 8.14 -9.60 -7.79
C ILE A 40 8.21 -8.56 -8.90
N GLU A 41 8.29 -9.02 -10.14
CA GLU A 41 8.37 -8.11 -11.28
C GLU A 41 7.15 -7.20 -11.37
N GLU A 42 5.97 -7.79 -11.25
CA GLU A 42 4.71 -7.03 -11.32
C GLU A 42 4.68 -5.93 -10.27
N HIS A 43 5.31 -6.19 -9.16
CA HIS A 43 5.37 -5.24 -8.05
C HIS A 43 6.54 -4.29 -8.20
N ARG A 44 7.74 -4.86 -8.23
CA ARG A 44 8.95 -4.06 -8.38
C ARG A 44 8.84 -3.20 -9.62
N ALA A 45 8.40 -3.81 -10.72
CA ALA A 45 8.25 -3.09 -11.97
C ALA A 45 7.07 -2.14 -11.94
N LEU A 46 5.94 -2.54 -11.35
CA LEU A 46 4.79 -1.65 -11.33
C LEU A 46 5.21 -0.28 -10.77
N ALA A 47 5.79 -0.31 -9.60
CA ALA A 47 6.29 0.89 -8.96
C ALA A 47 7.38 1.52 -9.83
N ALA A 48 8.16 0.67 -10.51
CA ALA A 48 9.28 1.10 -11.34
C ALA A 48 8.87 1.74 -12.67
N TYR A 49 8.19 0.99 -13.53
CA TYR A 49 7.82 1.50 -14.83
C TYR A 49 6.84 2.66 -14.71
N ILE A 50 6.18 2.79 -13.56
CA ILE A 50 5.25 3.88 -13.33
C ILE A 50 6.02 5.16 -13.01
N TYR A 51 7.16 4.99 -12.35
CA TYR A 51 8.01 6.12 -12.00
C TYR A 51 8.58 6.72 -13.29
N ALA A 52 8.94 5.84 -14.22
CA ALA A 52 9.47 6.29 -15.50
C ALA A 52 8.43 7.10 -16.25
N PHE A 53 7.19 6.60 -16.23
CA PHE A 53 6.08 7.29 -16.89
C PHE A 53 5.99 8.73 -16.36
N TYR A 54 6.23 8.88 -15.07
CA TYR A 54 6.19 10.19 -14.44
C TYR A 54 7.43 11.00 -14.80
N GLU A 55 8.54 10.31 -15.00
CA GLU A 55 9.78 10.96 -15.38
C GLU A 55 9.55 11.78 -16.65
N GLU A 56 8.67 11.26 -17.50
CA GLU A 56 8.34 11.93 -18.76
C GLU A 56 7.06 12.77 -18.59
N GLY A 57 6.21 12.35 -17.66
CA GLY A 57 4.97 13.07 -17.41
C GLY A 57 3.79 12.48 -18.17
N HIS A 58 3.08 11.55 -17.54
CA HIS A 58 1.92 10.92 -18.19
C HIS A 58 0.77 10.68 -17.20
N GLU A 59 1.00 10.93 -15.92
CA GLU A 59 -0.02 10.74 -14.90
C GLU A 59 -0.43 9.27 -14.79
N ALA A 60 0.37 8.39 -15.38
CA ALA A 60 0.09 6.95 -15.33
C ALA A 60 -1.33 6.63 -15.81
N ASP A 61 -1.45 6.21 -17.06
CA ASP A 61 -2.74 5.85 -17.62
C ASP A 61 -2.95 4.34 -17.49
N PRO A 62 -3.98 3.91 -16.73
CA PRO A 62 -4.27 2.49 -16.52
C PRO A 62 -4.18 1.66 -17.79
N GLY A 63 -4.94 2.06 -18.81
CA GLY A 63 -4.94 1.33 -20.06
C GLY A 63 -3.55 1.18 -20.69
N ALA A 64 -2.78 2.27 -20.69
CA ALA A 64 -1.45 2.24 -21.28
C ALA A 64 -0.42 1.64 -20.31
N LEU A 65 -0.35 2.21 -19.12
CA LEU A 65 0.58 1.77 -18.09
C LEU A 65 0.51 0.27 -17.87
N ILE A 66 -0.69 -0.28 -17.68
CA ILE A 66 -0.82 -1.71 -17.44
C ILE A 66 -0.16 -2.49 -18.57
N SER A 67 -0.16 -1.90 -19.76
CA SER A 67 0.45 -2.52 -20.92
C SER A 67 1.87 -1.97 -21.10
N ARG A 68 2.66 -2.03 -20.04
CA ARG A 68 4.04 -1.55 -20.08
C ARG A 68 4.96 -2.56 -19.41
N ILE A 69 4.55 -3.02 -18.23
CA ILE A 69 5.33 -4.02 -17.50
C ILE A 69 5.75 -5.15 -18.46
N PRO A 70 6.99 -5.65 -18.32
CA PRO A 70 7.53 -6.71 -19.17
C PRO A 70 6.47 -7.71 -19.69
N GLY A 71 6.15 -8.76 -18.93
CA GLY A 71 5.16 -9.72 -19.41
C GLY A 71 4.15 -10.16 -18.35
N GLU A 72 4.52 -11.15 -17.55
CA GLU A 72 3.63 -11.70 -16.51
C GLU A 72 2.92 -10.61 -15.69
N LEU A 73 3.53 -9.44 -15.61
CA LEU A 73 2.93 -8.34 -14.87
C LEU A 73 1.78 -7.71 -15.63
N GLN A 74 1.82 -7.78 -16.96
CA GLN A 74 0.76 -7.20 -17.77
C GLN A 74 -0.58 -7.78 -17.35
N PRO A 75 -0.73 -9.12 -17.41
CA PRO A 75 -1.96 -9.79 -16.99
C PRO A 75 -2.24 -9.60 -15.51
N LEU A 76 -1.18 -9.69 -14.69
CA LEU A 76 -1.33 -9.54 -13.25
C LEU A 76 -1.84 -8.15 -12.89
N ALA A 77 -1.13 -7.12 -13.33
CA ALA A 77 -1.51 -5.74 -13.05
C ALA A 77 -2.89 -5.44 -13.62
N SER A 78 -3.19 -6.01 -14.78
CA SER A 78 -4.48 -5.80 -15.43
C SER A 78 -5.63 -6.14 -14.49
N GLU A 79 -5.52 -7.30 -13.85
CA GLU A 79 -6.53 -7.75 -12.90
C GLU A 79 -6.46 -6.92 -11.62
N LEU A 80 -5.27 -6.45 -11.30
CA LEU A 80 -5.04 -5.65 -10.10
C LEU A 80 -5.65 -4.26 -10.22
N SER A 81 -5.97 -3.84 -11.44
CA SER A 81 -6.52 -2.51 -11.66
C SER A 81 -7.62 -2.18 -10.65
N LEU A 82 -8.25 -3.20 -10.07
CA LEU A 82 -9.29 -2.98 -9.07
C LEU A 82 -9.23 -4.04 -7.98
N LEU A 83 -8.07 -4.19 -7.35
CA LEU A 83 -7.91 -5.17 -6.29
C LEU A 83 -8.67 -4.75 -5.05
N LEU A 84 -8.87 -3.45 -4.90
CA LEU A 84 -9.56 -2.92 -3.74
C LEU A 84 -9.87 -1.42 -3.88
N ILE A 85 -9.76 -0.88 -5.08
CA ILE A 85 -9.99 0.54 -5.28
C ILE A 85 -11.15 0.79 -6.23
N ALA A 86 -12.00 1.72 -5.85
CA ALA A 86 -13.16 2.05 -6.65
C ALA A 86 -13.40 3.56 -6.72
N ASP A 87 -13.02 4.16 -7.83
CA ASP A 87 -13.20 5.60 -8.03
C ASP A 87 -12.38 6.39 -7.01
N ASP A 88 -12.69 6.21 -5.74
CA ASP A 88 -11.98 6.91 -4.67
C ASP A 88 -11.07 5.97 -3.89
N VAL A 89 -10.94 4.73 -4.36
CA VAL A 89 -10.10 3.74 -3.69
C VAL A 89 -10.51 3.53 -2.25
N SER A 90 -10.10 2.40 -1.71
CA SER A 90 -10.36 2.06 -0.33
C SER A 90 -9.24 2.69 0.49
N GLU A 91 -9.40 3.98 0.74
CA GLU A 91 -8.41 4.77 1.44
C GLU A 91 -7.93 4.11 2.73
N GLN A 92 -8.83 3.55 3.51
CA GLN A 92 -8.43 2.87 4.74
C GLN A 92 -7.37 1.82 4.39
N GLU A 93 -7.65 1.09 3.33
CA GLU A 93 -6.75 0.06 2.83
C GLU A 93 -5.52 0.69 2.19
N LEU A 94 -5.72 1.84 1.54
CA LEU A 94 -4.62 2.53 0.87
C LEU A 94 -3.47 2.78 1.84
N GLU A 95 -3.82 3.35 2.97
CA GLU A 95 -2.84 3.61 4.02
C GLU A 95 -2.43 2.30 4.70
N ASP A 96 -3.31 1.30 4.62
CA ASP A 96 -3.05 0.02 5.27
C ASP A 96 -1.95 -0.76 4.57
N TYR A 97 -2.05 -0.90 3.25
CA TYR A 97 -1.06 -1.66 2.51
C TYR A 97 0.26 -0.89 2.37
N ILE A 98 0.21 0.43 2.21
CA ILE A 98 1.46 1.20 2.14
C ILE A 98 2.24 0.98 3.42
N ARG A 99 1.51 1.01 4.55
CA ARG A 99 2.11 0.78 5.85
C ARG A 99 2.80 -0.58 5.88
N HIS A 100 2.16 -1.56 5.25
CA HIS A 100 2.70 -2.91 5.19
C HIS A 100 4.10 -2.87 4.58
N VAL A 101 4.26 -2.06 3.53
CA VAL A 101 5.54 -1.90 2.88
C VAL A 101 6.56 -1.32 3.84
N LEU A 102 6.09 -0.45 4.73
CA LEU A 102 6.94 0.18 5.73
C LEU A 102 7.54 -0.88 6.66
N ASN A 103 6.66 -1.65 7.29
CA ASN A 103 7.06 -2.72 8.22
C ASN A 103 8.26 -2.32 9.07
N ARG A 104 8.00 -1.55 10.13
CA ARG A 104 9.05 -1.10 11.04
C ARG A 104 8.50 -0.07 12.02
N PRO A 105 8.08 1.12 11.52
CA PRO A 105 7.55 2.18 12.37
C PRO A 105 6.09 1.93 12.74
N LYS A 106 5.34 1.29 11.86
CA LYS A 106 3.93 1.01 12.10
C LYS A 106 3.17 2.31 12.37
N TRP A 107 3.66 3.40 11.77
CA TRP A 107 3.03 4.71 11.94
C TRP A 107 1.77 4.84 11.11
N LEU A 108 1.89 4.52 9.84
CA LEU A 108 0.77 4.62 8.91
C LEU A 108 -0.46 3.89 9.42
N MET A 109 -0.26 2.88 10.24
CA MET A 109 -1.37 2.13 10.81
C MET A 109 -2.29 3.07 11.58
N LEU A 110 -1.68 3.86 12.47
CA LEU A 110 -2.42 4.83 13.25
C LEU A 110 -2.97 5.91 12.33
N LYS A 111 -2.17 6.27 11.32
CA LYS A 111 -2.60 7.27 10.36
C LYS A 111 -3.83 6.78 9.62
N VAL A 112 -3.87 5.48 9.35
CA VAL A 112 -4.99 4.87 8.67
C VAL A 112 -6.26 5.12 9.49
N LYS A 113 -6.15 4.89 10.79
CA LYS A 113 -7.26 5.10 11.69
C LYS A 113 -7.48 6.60 11.90
N GLU A 114 -6.38 7.34 11.84
CA GLU A 114 -6.43 8.79 12.01
C GLU A 114 -7.21 9.41 10.87
N GLN A 115 -6.94 8.92 9.67
CA GLN A 115 -7.60 9.45 8.48
C GLN A 115 -9.08 9.07 8.45
N GLU A 116 -9.40 7.92 9.03
CA GLU A 116 -10.79 7.46 9.07
C GLU A 116 -11.55 8.29 10.09
N LYS A 117 -11.00 8.31 11.29
CA LYS A 117 -11.56 9.10 12.35
C LYS A 117 -11.52 10.55 11.91
N THR A 118 -10.47 10.89 11.15
CA THR A 118 -10.29 12.26 10.65
C THR A 118 -11.58 12.69 9.97
N GLU A 119 -12.11 11.82 9.12
CA GLU A 119 -13.38 12.11 8.47
C GLU A 119 -14.39 12.39 9.57
N ALA A 120 -14.30 11.57 10.63
CA ALA A 120 -15.16 11.75 11.79
C ALA A 120 -14.87 13.10 12.43
N GLU A 121 -13.62 13.57 12.30
CA GLU A 121 -13.23 14.86 12.84
C GLU A 121 -14.00 15.96 12.15
N ARG A 122 -14.05 15.89 10.82
CA ARG A 122 -14.80 16.86 10.05
C ARG A 122 -16.22 16.91 10.57
N ARG A 123 -16.70 15.75 11.01
CA ARG A 123 -18.04 15.63 11.56
C ARG A 123 -18.02 15.92 13.07
N LYS A 124 -16.88 15.66 13.72
CA LYS A 124 -16.76 15.89 15.16
C LYS A 124 -15.70 16.94 15.47
N ASP A 125 -14.49 16.51 15.82
CA ASP A 125 -13.39 17.42 16.14
C ASP A 125 -13.78 18.43 17.22
N PHE A 126 -12.78 19.08 17.79
CA PHE A 126 -12.99 20.08 18.83
C PHE A 126 -13.77 19.50 20.03
N LEU A 127 -15.09 19.48 19.91
CA LEU A 127 -15.94 18.97 20.98
C LEU A 127 -15.93 17.44 21.03
N THR A 128 -16.34 16.82 19.93
CA THR A 128 -16.38 15.36 19.85
C THR A 128 -15.12 14.80 19.22
N ALA A 129 -14.00 15.50 19.39
CA ALA A 129 -12.72 15.07 18.84
C ALA A 129 -12.26 13.74 19.47
N ALA A 130 -12.93 13.34 20.55
CA ALA A 130 -12.59 12.10 21.25
C ALA A 130 -12.49 10.91 20.29
N ARG A 131 -13.27 10.96 19.21
CA ARG A 131 -13.26 9.88 18.22
C ARG A 131 -11.84 9.64 17.70
N ILE A 132 -11.17 10.73 17.32
CA ILE A 132 -9.81 10.64 16.79
C ILE A 132 -8.82 10.29 17.91
N ALA A 133 -8.87 11.06 18.99
CA ALA A 133 -7.97 10.85 20.12
C ALA A 133 -8.12 9.43 20.68
N LYS A 134 -9.35 9.04 20.99
CA LYS A 134 -9.61 7.72 21.54
C LYS A 134 -9.09 6.63 20.59
N GLU A 135 -9.30 6.82 19.30
CA GLU A 135 -8.86 5.87 18.30
C GLU A 135 -7.34 5.88 18.17
N MET A 136 -6.74 7.06 18.07
CA MET A 136 -5.29 7.18 17.95
C MET A 136 -4.63 6.55 19.18
N ILE A 137 -5.23 6.78 20.34
CA ILE A 137 -4.72 6.22 21.58
C ILE A 137 -4.74 4.70 21.48
N GLU A 138 -5.78 4.18 20.82
CA GLU A 138 -5.88 2.75 20.62
C GLU A 138 -4.85 2.30 19.60
N MET A 139 -4.61 3.17 18.63
CA MET A 139 -3.63 2.90 17.58
C MET A 139 -2.22 2.99 18.13
N LYS A 140 -2.02 3.83 19.14
CA LYS A 140 -0.72 3.98 19.76
C LYS A 140 -0.38 2.75 20.58
N LYS A 141 -1.40 2.14 21.18
CA LYS A 141 -1.21 0.95 21.99
C LYS A 141 -0.83 -0.26 21.13
N MET A 142 -1.51 -0.41 19.99
CA MET A 142 -1.24 -1.53 19.09
C MET A 142 0.13 -1.42 18.45
N LEU A 143 0.51 -0.21 18.04
CA LEU A 143 1.81 0.00 17.41
C LEU A 143 2.93 0.00 18.44
N SER A 144 2.61 0.37 19.67
CA SER A 144 3.59 0.40 20.75
C SER A 144 3.11 -0.43 21.94
N SER A 145 3.74 -1.58 22.13
CA SER A 145 3.39 -2.47 23.23
C SER A 145 4.65 -2.93 23.97
N SER A 146 5.51 -3.64 23.26
CA SER A 146 6.75 -4.15 23.83
C SER A 146 7.97 -3.60 23.10
N MET A 1 3.01 -23.17 -8.29
CA MET A 1 3.35 -23.60 -9.67
C MET A 1 3.08 -22.49 -10.67
N ALA A 2 2.12 -21.62 -10.35
CA ALA A 2 1.77 -20.51 -11.23
C ALA A 2 2.47 -19.22 -10.81
N LYS A 3 3.42 -19.33 -9.89
CA LYS A 3 4.16 -18.17 -9.41
C LYS A 3 3.22 -17.15 -8.76
N LYS A 4 2.11 -17.64 -8.22
CA LYS A 4 1.14 -16.77 -7.57
C LYS A 4 1.15 -16.97 -6.05
N LEU A 5 1.16 -15.86 -5.31
CA LEU A 5 1.18 -15.91 -3.85
C LEU A 5 2.45 -16.60 -3.36
N LEU A 6 3.39 -15.79 -2.87
CA LEU A 6 4.65 -16.31 -2.37
C LEU A 6 5.36 -15.29 -1.47
N PRO A 7 5.75 -14.13 -2.03
CA PRO A 7 6.43 -13.06 -1.28
C PRO A 7 5.78 -12.78 0.07
N ALA A 8 6.37 -11.84 0.81
CA ALA A 8 5.88 -11.49 2.13
C ALA A 8 4.76 -10.44 2.08
N PHE A 9 5.15 -9.17 1.93
CA PHE A 9 4.18 -8.08 1.90
C PHE A 9 3.69 -7.78 0.48
N GLN A 10 3.72 -8.79 -0.38
CA GLN A 10 3.26 -8.63 -1.75
C GLN A 10 1.78 -8.23 -1.76
N ASN A 11 1.06 -8.60 -0.71
CA ASN A 11 -0.36 -8.28 -0.60
C ASN A 11 -0.57 -6.77 -0.65
N ALA A 12 0.22 -6.04 0.12
CA ALA A 12 0.11 -4.59 0.15
C ALA A 12 0.61 -4.00 -1.17
N GLU A 13 1.60 -4.65 -1.75
CA GLU A 13 2.18 -4.20 -3.01
C GLU A 13 1.22 -4.42 -4.19
N ARG A 14 0.46 -5.51 -4.14
CA ARG A 14 -0.47 -5.82 -5.22
C ARG A 14 -1.67 -4.87 -5.23
N LEU A 15 -2.38 -4.76 -4.10
CA LEU A 15 -3.54 -3.88 -4.06
C LEU A 15 -3.13 -2.42 -4.29
N LEU A 16 -2.05 -1.99 -3.62
CA LEU A 16 -1.56 -0.62 -3.82
C LEU A 16 -1.39 -0.39 -5.32
N LEU A 17 -0.88 -1.42 -5.97
CA LEU A 17 -0.68 -1.43 -7.40
C LEU A 17 -1.99 -1.14 -8.12
N ALA A 18 -3.08 -1.68 -7.58
CA ALA A 18 -4.41 -1.50 -8.15
C ALA A 18 -4.83 -0.04 -8.18
N HIS A 19 -4.66 0.65 -7.06
CA HIS A 19 -5.01 2.06 -6.97
C HIS A 19 -3.96 2.89 -7.67
N MET A 20 -2.71 2.61 -7.33
CA MET A 20 -1.58 3.30 -7.90
C MET A 20 -1.60 3.24 -9.43
N MET A 21 -2.12 2.14 -9.96
CA MET A 21 -2.19 1.92 -11.41
C MET A 21 -3.14 2.90 -12.11
N ARG A 22 -3.88 3.71 -11.36
CA ARG A 22 -4.84 4.62 -11.99
C ARG A 22 -4.53 6.11 -11.82
N SER A 23 -4.09 6.56 -10.65
CA SER A 23 -3.84 7.99 -10.45
C SER A 23 -2.37 8.33 -10.25
N ARG A 24 -1.95 9.43 -10.86
CA ARG A 24 -0.56 9.91 -10.76
C ARG A 24 -0.24 10.32 -9.32
N ASP A 25 -1.27 10.72 -8.56
CA ASP A 25 -1.08 11.13 -7.18
C ASP A 25 -0.75 9.92 -6.34
N VAL A 26 -1.54 8.88 -6.49
CA VAL A 26 -1.28 7.66 -5.76
C VAL A 26 0.08 7.11 -6.15
N ALA A 27 0.42 7.27 -7.42
CA ALA A 27 1.72 6.83 -7.93
C ALA A 27 2.84 7.51 -7.14
N LEU A 28 2.61 8.75 -6.76
CA LEU A 28 3.60 9.47 -5.96
C LEU A 28 3.69 8.78 -4.60
N VAL A 29 2.55 8.26 -4.14
CA VAL A 29 2.47 7.57 -2.86
C VAL A 29 3.33 6.31 -2.85
N VAL A 30 3.22 5.49 -3.89
CA VAL A 30 4.01 4.28 -3.97
C VAL A 30 5.50 4.61 -3.89
N GLN A 31 5.95 5.53 -4.73
CA GLN A 31 7.36 5.92 -4.76
C GLN A 31 7.81 6.64 -3.48
N GLU A 32 7.04 7.65 -3.05
CA GLU A 32 7.38 8.44 -1.88
C GLU A 32 7.06 7.78 -0.54
N ARG A 33 5.86 7.22 -0.42
CA ARG A 33 5.43 6.61 0.84
C ARG A 33 5.78 5.12 0.93
N ILE A 34 6.32 4.55 -0.13
CA ILE A 34 6.67 3.13 -0.13
C ILE A 34 7.89 2.85 -0.99
N GLY A 35 8.47 1.67 -0.80
CA GLY A 35 9.65 1.28 -1.55
C GLY A 35 10.76 0.74 -0.67
N GLY A 36 11.04 -0.54 -0.79
CA GLY A 36 12.08 -1.16 0.00
C GLY A 36 12.53 -2.50 -0.53
N ARG A 37 11.79 -3.55 -0.18
CA ARG A 37 12.12 -4.90 -0.63
C ARG A 37 11.68 -5.10 -2.08
N PHE A 38 12.28 -6.09 -2.74
CA PHE A 38 11.95 -6.39 -4.12
C PHE A 38 10.94 -7.53 -4.22
N ASN A 39 9.99 -7.39 -5.13
CA ASN A 39 8.96 -8.40 -5.31
C ASN A 39 8.85 -8.81 -6.78
N ILE A 40 7.78 -9.52 -7.12
CA ILE A 40 7.56 -9.97 -8.50
C ILE A 40 7.78 -8.83 -9.50
N GLU A 41 8.04 -9.18 -10.74
CA GLU A 41 8.28 -8.19 -11.79
C GLU A 41 7.09 -7.22 -11.93
N GLU A 42 5.89 -7.78 -12.00
CA GLU A 42 4.68 -6.98 -12.16
C GLU A 42 4.53 -5.96 -11.03
N HIS A 43 5.00 -6.34 -9.87
CA HIS A 43 4.93 -5.48 -8.69
C HIS A 43 6.16 -4.59 -8.62
N ARG A 44 7.33 -5.19 -8.55
CA ARG A 44 8.57 -4.43 -8.49
C ARG A 44 8.62 -3.44 -9.64
N ALA A 45 8.29 -3.91 -10.84
CA ALA A 45 8.27 -3.06 -12.01
C ALA A 45 7.09 -2.11 -11.99
N LEU A 46 5.95 -2.53 -11.45
CA LEU A 46 4.80 -1.64 -11.41
C LEU A 46 5.23 -0.31 -10.79
N ALA A 47 5.79 -0.42 -9.59
CA ALA A 47 6.31 0.72 -8.88
C ALA A 47 7.42 1.38 -9.70
N ALA A 48 8.17 0.55 -10.41
CA ALA A 48 9.30 0.98 -11.22
C ALA A 48 8.93 1.79 -12.47
N TYR A 49 8.19 1.17 -13.40
CA TYR A 49 7.86 1.86 -14.62
C TYR A 49 6.93 3.05 -14.38
N ILE A 50 6.27 3.10 -13.22
CA ILE A 50 5.43 4.23 -12.90
C ILE A 50 6.31 5.41 -12.51
N TYR A 51 7.43 5.10 -11.86
CA TYR A 51 8.39 6.12 -11.46
C TYR A 51 8.92 6.81 -12.71
N ALA A 52 9.20 6.01 -13.74
CA ALA A 52 9.67 6.55 -15.01
C ALA A 52 8.58 7.40 -15.65
N PHE A 53 7.33 6.95 -15.48
CA PHE A 53 6.17 7.66 -16.02
C PHE A 53 6.17 9.11 -15.56
N TYR A 54 6.55 9.32 -14.30
CA TYR A 54 6.61 10.67 -13.74
C TYR A 54 7.57 11.53 -14.54
N GLU A 55 8.72 10.95 -14.90
CA GLU A 55 9.72 11.65 -15.67
C GLU A 55 9.14 12.12 -16.99
N GLU A 56 8.27 11.31 -17.58
CA GLU A 56 7.65 11.66 -18.85
C GLU A 56 6.86 12.97 -18.72
N GLY A 57 6.02 13.05 -17.71
CA GLY A 57 5.22 14.25 -17.50
C GLY A 57 3.73 14.03 -17.72
N HIS A 58 3.15 13.16 -16.90
CA HIS A 58 1.72 12.84 -16.98
C HIS A 58 1.43 11.58 -16.19
N GLU A 59 2.25 10.56 -16.40
CA GLU A 59 2.12 9.28 -15.72
C GLU A 59 0.66 8.84 -15.58
N ALA A 60 0.42 7.85 -14.72
CA ALA A 60 -0.92 7.34 -14.50
C ALA A 60 -1.48 6.69 -15.77
N ASP A 61 -2.82 6.67 -15.88
CA ASP A 61 -3.47 6.08 -17.04
C ASP A 61 -3.38 4.56 -17.00
N PRO A 62 -4.41 3.89 -16.43
CA PRO A 62 -4.43 2.44 -16.33
C PRO A 62 -4.12 1.74 -17.65
N GLY A 63 -4.91 2.05 -18.68
CA GLY A 63 -4.71 1.44 -19.98
C GLY A 63 -3.31 1.68 -20.51
N ALA A 64 -2.75 2.84 -20.19
CA ALA A 64 -1.40 3.19 -20.64
C ALA A 64 -0.35 2.51 -19.77
N LEU A 65 -0.62 2.47 -18.47
CA LEU A 65 0.29 1.87 -17.50
C LEU A 65 0.27 0.35 -17.53
N ILE A 66 -0.91 -0.26 -17.36
CA ILE A 66 -1.01 -1.71 -17.36
C ILE A 66 -0.43 -2.28 -18.63
N SER A 67 -0.51 -1.50 -19.71
CA SER A 67 0.03 -1.92 -20.99
C SER A 67 1.40 -1.29 -21.22
N ARG A 68 2.26 -1.36 -20.21
CA ARG A 68 3.59 -0.79 -20.30
C ARG A 68 4.62 -1.78 -19.77
N ILE A 69 4.27 -2.42 -18.65
CA ILE A 69 5.14 -3.43 -18.04
C ILE A 69 5.61 -4.41 -19.14
N PRO A 70 6.88 -4.84 -19.09
CA PRO A 70 7.45 -5.77 -20.08
C PRO A 70 6.43 -6.76 -20.67
N GLY A 71 6.15 -7.86 -19.97
CA GLY A 71 5.19 -8.83 -20.49
C GLY A 71 4.28 -9.45 -19.43
N GLU A 72 4.78 -10.49 -18.75
CA GLU A 72 4.00 -11.20 -17.73
C GLU A 72 3.26 -10.27 -16.77
N LEU A 73 3.79 -9.07 -16.57
CA LEU A 73 3.18 -8.12 -15.68
C LEU A 73 1.90 -7.57 -16.29
N GLN A 74 1.86 -7.53 -17.62
CA GLN A 74 0.68 -7.02 -18.31
C GLN A 74 -0.58 -7.72 -17.78
N PRO A 75 -0.67 -9.05 -17.92
CA PRO A 75 -1.80 -9.81 -17.41
C PRO A 75 -1.91 -9.76 -15.90
N LEU A 76 -0.75 -9.77 -15.22
CA LEU A 76 -0.73 -9.73 -13.77
C LEU A 76 -1.35 -8.44 -13.23
N ALA A 77 -0.81 -7.31 -13.66
CA ALA A 77 -1.31 -6.00 -13.23
C ALA A 77 -2.77 -5.82 -13.66
N SER A 78 -3.12 -6.37 -14.82
CA SER A 78 -4.49 -6.26 -15.32
C SER A 78 -5.48 -6.78 -14.29
N GLU A 79 -5.19 -7.95 -13.74
CA GLU A 79 -6.04 -8.56 -12.72
C GLU A 79 -5.91 -7.79 -11.40
N LEU A 80 -4.73 -7.22 -11.19
CA LEU A 80 -4.44 -6.46 -9.97
C LEU A 80 -5.08 -5.07 -10.02
N SER A 81 -5.48 -4.64 -11.21
CA SER A 81 -6.09 -3.32 -11.39
C SER A 81 -7.16 -3.03 -10.34
N LEU A 82 -7.79 -4.07 -9.79
CA LEU A 82 -8.82 -3.87 -8.78
C LEU A 82 -8.68 -4.87 -7.64
N LEU A 83 -7.52 -4.87 -7.00
CA LEU A 83 -7.29 -5.76 -5.88
C LEU A 83 -7.82 -5.17 -4.58
N LEU A 84 -8.12 -3.88 -4.59
CA LEU A 84 -8.63 -3.21 -3.39
C LEU A 84 -8.89 -1.72 -3.66
N ILE A 85 -9.61 -1.43 -4.74
CA ILE A 85 -9.90 -0.04 -5.08
C ILE A 85 -11.12 0.06 -5.97
N ALA A 86 -12.01 0.98 -5.65
CA ALA A 86 -13.23 1.16 -6.42
C ALA A 86 -13.55 2.63 -6.62
N ASP A 87 -13.25 3.14 -7.80
CA ASP A 87 -13.53 4.55 -8.12
C ASP A 87 -12.71 5.48 -7.23
N ASP A 88 -12.92 5.39 -5.92
CA ASP A 88 -12.22 6.22 -4.97
C ASP A 88 -11.21 5.41 -4.15
N VAL A 89 -11.01 4.15 -4.53
CA VAL A 89 -10.07 3.28 -3.83
C VAL A 89 -10.43 3.15 -2.36
N SER A 90 -9.95 2.06 -1.77
CA SER A 90 -10.13 1.79 -0.37
C SER A 90 -9.07 2.57 0.39
N GLU A 91 -9.31 3.87 0.49
CA GLU A 91 -8.38 4.80 1.10
C GLU A 91 -7.90 4.34 2.48
N GLN A 92 -8.80 3.89 3.34
CA GLN A 92 -8.38 3.40 4.65
C GLN A 92 -7.30 2.34 4.45
N GLU A 93 -7.58 1.45 3.51
CA GLU A 93 -6.66 0.38 3.15
C GLU A 93 -5.43 0.96 2.46
N LEU A 94 -5.62 2.04 1.69
CA LEU A 94 -4.52 2.65 0.96
C LEU A 94 -3.38 2.99 1.89
N GLU A 95 -3.69 3.68 2.98
CA GLU A 95 -2.68 4.02 3.96
C GLU A 95 -2.26 2.78 4.75
N ASP A 96 -3.16 1.80 4.81
CA ASP A 96 -2.90 0.57 5.56
C ASP A 96 -1.87 -0.32 4.88
N TYR A 97 -2.10 -0.62 3.61
CA TYR A 97 -1.19 -1.48 2.89
C TYR A 97 0.13 -0.77 2.60
N ILE A 98 0.11 0.56 2.48
CA ILE A 98 1.35 1.28 2.24
C ILE A 98 2.28 1.09 3.43
N ARG A 99 1.78 1.42 4.62
CA ARG A 99 2.58 1.26 5.83
C ARG A 99 3.06 -0.19 5.96
N HIS A 100 2.23 -1.12 5.49
CA HIS A 100 2.58 -2.54 5.52
C HIS A 100 3.90 -2.78 4.80
N VAL A 101 4.06 -2.15 3.64
CA VAL A 101 5.27 -2.28 2.85
C VAL A 101 6.45 -1.63 3.56
N LEU A 102 6.17 -0.58 4.33
CA LEU A 102 7.19 0.14 5.06
C LEU A 102 7.61 -0.65 6.31
N ASN A 103 6.63 -0.95 7.16
CA ASN A 103 6.83 -1.72 8.40
C ASN A 103 8.28 -1.68 8.89
N ARG A 104 8.62 -0.67 9.69
CA ARG A 104 9.97 -0.55 10.23
C ARG A 104 10.16 0.75 11.01
N PRO A 105 10.09 1.92 10.34
CA PRO A 105 10.26 3.21 10.99
C PRO A 105 8.96 3.79 11.55
N LYS A 106 7.90 3.76 10.74
CA LYS A 106 6.62 4.30 11.14
C LYS A 106 5.90 3.37 12.13
N TRP A 107 5.57 3.92 13.29
CA TRP A 107 4.88 3.18 14.34
C TRP A 107 3.39 3.03 14.01
N LEU A 108 2.85 3.99 13.26
CA LEU A 108 1.44 3.94 12.90
C LEU A 108 1.10 2.59 12.30
N MET A 109 2.11 1.90 11.77
CA MET A 109 1.92 0.57 11.21
C MET A 109 1.43 -0.36 12.31
N LEU A 110 1.99 -0.16 13.50
CA LEU A 110 1.63 -0.94 14.67
C LEU A 110 0.22 -0.57 15.10
N LYS A 111 -0.13 0.71 14.93
CA LYS A 111 -1.47 1.16 15.29
C LYS A 111 -2.50 0.37 14.50
N VAL A 112 -2.20 0.15 13.22
CA VAL A 112 -3.07 -0.62 12.34
C VAL A 112 -3.14 -2.06 12.83
N LYS A 113 -1.96 -2.65 13.02
CA LYS A 113 -1.88 -4.02 13.51
C LYS A 113 -2.56 -4.13 14.87
N GLU A 114 -2.52 -3.03 15.61
CA GLU A 114 -3.14 -2.97 16.93
C GLU A 114 -4.64 -3.17 16.83
N GLN A 115 -5.24 -2.59 15.81
CA GLN A 115 -6.68 -2.68 15.61
C GLN A 115 -7.08 -4.10 15.22
N GLU A 116 -6.28 -4.74 14.37
CA GLU A 116 -6.53 -6.10 13.96
C GLU A 116 -6.17 -7.01 15.11
N LYS A 117 -5.17 -6.57 15.84
CA LYS A 117 -4.67 -7.29 16.99
C LYS A 117 -5.68 -7.19 18.12
N THR A 118 -6.35 -6.05 18.19
CA THR A 118 -7.35 -5.80 19.20
C THR A 118 -8.57 -6.70 18.96
N GLU A 119 -9.11 -6.64 17.75
CA GLU A 119 -10.26 -7.45 17.37
C GLU A 119 -9.96 -8.92 17.64
N ALA A 120 -8.82 -9.38 17.13
CA ALA A 120 -8.41 -10.76 17.34
C ALA A 120 -8.12 -11.00 18.81
N GLU A 121 -7.69 -9.94 19.51
CA GLU A 121 -7.39 -10.08 20.93
C GLU A 121 -8.58 -10.66 21.70
N ARG A 122 -9.76 -10.12 21.44
CA ARG A 122 -10.98 -10.58 22.10
C ARG A 122 -11.49 -11.90 21.51
N ARG A 123 -11.24 -12.11 20.22
CA ARG A 123 -11.70 -13.33 19.54
C ARG A 123 -10.67 -14.46 19.64
N LYS A 124 -9.41 -14.10 19.79
CA LYS A 124 -8.34 -15.08 19.90
C LYS A 124 -8.22 -15.58 21.33
N ASP A 125 -7.14 -16.31 21.63
CA ASP A 125 -6.90 -16.84 23.00
C ASP A 125 -5.93 -18.02 22.98
N PHE A 126 -6.47 -19.24 22.95
CA PHE A 126 -5.64 -20.44 22.93
C PHE A 126 -5.22 -20.78 21.52
N LEU A 127 -3.91 -20.85 21.29
CA LEU A 127 -3.38 -21.15 19.96
C LEU A 127 -3.91 -20.12 18.95
N THR A 128 -4.29 -18.95 19.47
CA THR A 128 -4.83 -17.89 18.63
C THR A 128 -4.35 -16.52 19.14
N ALA A 129 -4.38 -16.33 20.47
CA ALA A 129 -3.95 -15.07 21.06
C ALA A 129 -2.54 -14.74 20.60
N ALA A 130 -1.80 -15.79 20.30
CA ALA A 130 -0.44 -15.66 19.82
C ALA A 130 -0.38 -14.67 18.66
N ARG A 131 -1.48 -14.58 17.91
CA ARG A 131 -1.52 -13.68 16.76
C ARG A 131 -1.33 -12.23 17.20
N ILE A 132 -2.06 -11.85 18.25
CA ILE A 132 -2.00 -10.49 18.77
C ILE A 132 -0.69 -10.18 19.49
N ALA A 133 -0.31 -11.03 20.42
CA ALA A 133 0.92 -10.83 21.18
C ALA A 133 2.15 -10.83 20.26
N LYS A 134 2.11 -11.68 19.23
CA LYS A 134 3.21 -11.79 18.29
C LYS A 134 3.33 -10.55 17.40
N GLU A 135 2.20 -9.97 17.02
CA GLU A 135 2.21 -8.80 16.16
C GLU A 135 2.77 -7.56 16.88
N MET A 136 2.23 -7.25 18.04
CA MET A 136 2.70 -6.09 18.80
C MET A 136 4.19 -6.22 19.08
N ILE A 137 4.57 -7.32 19.72
CA ILE A 137 5.96 -7.58 20.03
C ILE A 137 6.79 -7.46 18.76
N GLU A 138 6.17 -7.77 17.62
CA GLU A 138 6.85 -7.66 16.34
C GLU A 138 7.00 -6.19 15.98
N MET A 139 5.95 -5.44 16.30
CA MET A 139 5.94 -4.01 16.06
C MET A 139 6.87 -3.29 17.03
N LYS A 140 7.02 -3.85 18.22
CA LYS A 140 7.91 -3.27 19.21
C LYS A 140 9.35 -3.43 18.77
N LYS A 141 9.61 -4.51 18.03
CA LYS A 141 10.95 -4.79 17.52
C LYS A 141 11.32 -3.79 16.43
N MET A 142 10.39 -3.55 15.50
CA MET A 142 10.63 -2.62 14.41
C MET A 142 10.74 -1.18 14.91
N LEU A 143 10.14 -0.91 16.07
CA LEU A 143 10.18 0.43 16.64
C LEU A 143 11.48 0.67 17.41
N SER A 144 11.82 -0.29 18.28
CA SER A 144 13.03 -0.18 19.08
C SER A 144 14.10 -1.14 18.58
N SER A 145 15.14 -1.36 19.39
CA SER A 145 16.22 -2.26 19.04
C SER A 145 17.26 -2.32 20.15
N SER A 146 17.86 -1.17 20.46
CA SER A 146 18.88 -1.08 21.50
C SER A 146 18.23 -1.07 22.88
N MET A 1 -5.01 -15.93 16.25
CA MET A 1 -3.80 -15.14 16.55
C MET A 1 -2.95 -14.94 15.30
N ALA A 2 -1.95 -14.06 15.39
CA ALA A 2 -1.08 -13.77 14.27
C ALA A 2 0.00 -14.84 14.12
N LYS A 3 0.57 -15.25 15.26
CA LYS A 3 1.62 -16.27 15.27
C LYS A 3 2.88 -15.77 14.56
N LYS A 4 2.82 -15.76 13.23
CA LYS A 4 3.95 -15.30 12.42
C LYS A 4 3.48 -14.42 11.28
N LEU A 5 4.42 -14.01 10.42
CA LEU A 5 4.10 -13.17 9.29
C LEU A 5 4.79 -13.68 8.02
N LEU A 6 4.24 -13.33 6.87
CA LEU A 6 4.80 -13.75 5.59
C LEU A 6 6.07 -12.96 5.28
N PRO A 7 7.10 -13.62 4.71
CA PRO A 7 8.36 -12.98 4.37
C PRO A 7 8.18 -11.76 3.46
N ALA A 8 7.05 -11.72 2.76
CA ALA A 8 6.76 -10.61 1.86
C ALA A 8 5.30 -10.20 1.92
N PHE A 9 5.04 -8.90 1.71
CA PHE A 9 3.69 -8.37 1.74
C PHE A 9 3.17 -8.14 0.32
N GLN A 10 3.34 -9.15 -0.53
CA GLN A 10 2.91 -9.06 -1.92
C GLN A 10 1.45 -8.67 -2.03
N ASN A 11 0.67 -8.92 -0.98
CA ASN A 11 -0.75 -8.58 -1.00
C ASN A 11 -0.96 -7.07 -1.04
N ALA A 12 -0.26 -6.35 -0.17
CA ALA A 12 -0.36 -4.90 -0.13
C ALA A 12 0.21 -4.29 -1.39
N GLU A 13 1.30 -4.87 -1.87
CA GLU A 13 1.95 -4.38 -3.07
C GLU A 13 0.97 -4.35 -4.23
N ARG A 14 0.26 -5.46 -4.45
CA ARG A 14 -0.69 -5.55 -5.54
C ARG A 14 -1.81 -4.52 -5.39
N LEU A 15 -2.37 -4.36 -4.20
CA LEU A 15 -3.43 -3.36 -4.01
C LEU A 15 -2.83 -1.97 -4.13
N LEU A 16 -1.62 -1.82 -3.60
CA LEU A 16 -0.91 -0.56 -3.65
C LEU A 16 -0.72 -0.18 -5.13
N LEU A 17 -0.46 -1.19 -5.95
CA LEU A 17 -0.28 -0.99 -7.38
C LEU A 17 -1.55 -0.37 -7.98
N ALA A 18 -2.70 -0.91 -7.58
CA ALA A 18 -3.98 -0.41 -8.04
C ALA A 18 -4.14 1.07 -7.72
N HIS A 19 -3.61 1.49 -6.58
CA HIS A 19 -3.70 2.87 -6.15
C HIS A 19 -3.01 3.81 -7.12
N MET A 20 -1.71 3.59 -7.35
CA MET A 20 -0.97 4.42 -8.28
C MET A 20 -1.48 4.25 -9.71
N MET A 21 -1.93 3.04 -10.01
CA MET A 21 -2.47 2.74 -11.33
C MET A 21 -3.60 3.72 -11.70
N ARG A 22 -4.04 4.51 -10.72
CA ARG A 22 -5.13 5.45 -10.95
C ARG A 22 -4.66 6.90 -11.11
N SER A 23 -4.06 7.48 -10.07
CA SER A 23 -3.62 8.87 -10.12
C SER A 23 -2.09 9.02 -9.99
N ARG A 24 -1.58 10.08 -10.62
CA ARG A 24 -0.14 10.39 -10.60
C ARG A 24 0.37 10.71 -9.19
N ASP A 25 -0.25 11.69 -8.53
CA ASP A 25 0.15 12.08 -7.19
C ASP A 25 -0.10 10.93 -6.23
N VAL A 26 -1.12 10.15 -6.55
CA VAL A 26 -1.45 9.01 -5.73
C VAL A 26 -0.27 8.05 -5.74
N ALA A 27 0.39 7.95 -6.89
CA ALA A 27 1.55 7.10 -7.01
C ALA A 27 2.67 7.67 -6.18
N LEU A 28 2.72 8.99 -6.06
CA LEU A 28 3.74 9.60 -5.23
C LEU A 28 3.61 8.96 -3.85
N VAL A 29 2.37 8.62 -3.51
CA VAL A 29 2.07 7.94 -2.25
C VAL A 29 2.54 6.49 -2.32
N VAL A 30 2.38 5.87 -3.48
CA VAL A 30 2.81 4.50 -3.63
C VAL A 30 4.33 4.38 -3.60
N GLN A 31 5.01 5.15 -4.45
CA GLN A 31 6.46 5.11 -4.55
C GLN A 31 7.18 5.61 -3.29
N GLU A 32 6.74 6.74 -2.74
CA GLU A 32 7.39 7.33 -1.57
C GLU A 32 7.02 6.66 -0.26
N ARG A 33 5.73 6.42 -0.03
CA ARG A 33 5.30 5.83 1.23
C ARG A 33 5.79 4.39 1.41
N ILE A 34 5.92 3.64 0.33
CA ILE A 34 6.38 2.25 0.44
C ILE A 34 7.81 2.08 -0.10
N GLY A 35 8.12 2.76 -1.19
CA GLY A 35 9.43 2.64 -1.78
C GLY A 35 9.61 1.33 -2.51
N GLY A 36 9.12 1.27 -3.75
CA GLY A 36 9.23 0.05 -4.54
C GLY A 36 10.64 -0.49 -4.62
N ARG A 37 10.84 -1.70 -4.09
CA ARG A 37 12.15 -2.34 -4.11
C ARG A 37 12.07 -3.73 -3.48
N PHE A 38 11.15 -4.55 -3.98
CA PHE A 38 10.98 -5.91 -3.47
C PHE A 38 11.71 -6.93 -4.35
N ASN A 39 11.47 -8.21 -4.08
CA ASN A 39 12.10 -9.28 -4.84
C ASN A 39 11.36 -9.54 -6.14
N ILE A 40 10.06 -9.28 -6.15
CA ILE A 40 9.24 -9.50 -7.34
C ILE A 40 9.68 -8.57 -8.47
N GLU A 41 10.08 -9.17 -9.59
CA GLU A 41 10.54 -8.42 -10.75
C GLU A 41 9.43 -7.59 -11.39
N GLU A 42 8.28 -8.20 -11.63
CA GLU A 42 7.17 -7.51 -12.25
C GLU A 42 6.54 -6.47 -11.32
N HIS A 43 6.17 -6.87 -10.11
CA HIS A 43 5.58 -5.93 -9.15
C HIS A 43 6.46 -4.69 -9.05
N ARG A 44 7.74 -4.92 -8.76
CA ARG A 44 8.69 -3.82 -8.68
C ARG A 44 8.68 -3.04 -9.98
N ALA A 45 8.39 -3.75 -11.08
CA ALA A 45 8.31 -3.13 -12.39
C ALA A 45 7.09 -2.23 -12.46
N LEU A 46 6.06 -2.54 -11.68
CA LEU A 46 4.85 -1.71 -11.68
C LEU A 46 5.22 -0.34 -11.13
N ALA A 47 5.79 -0.36 -9.93
CA ALA A 47 6.25 0.86 -9.28
C ALA A 47 7.20 1.59 -10.24
N ALA A 48 7.97 0.80 -10.97
CA ALA A 48 8.94 1.33 -11.94
C ALA A 48 8.27 1.89 -13.19
N TYR A 49 7.24 1.21 -13.68
CA TYR A 49 6.55 1.65 -14.88
C TYR A 49 6.18 3.12 -14.74
N ILE A 50 5.44 3.39 -13.66
CA ILE A 50 5.01 4.75 -13.38
C ILE A 50 6.20 5.68 -13.18
N TYR A 51 7.32 5.10 -12.72
CA TYR A 51 8.53 5.89 -12.52
C TYR A 51 8.91 6.62 -13.81
N ALA A 52 8.82 5.90 -14.92
CA ALA A 52 9.13 6.48 -16.22
C ALA A 52 8.04 7.47 -16.64
N PHE A 53 6.79 7.06 -16.47
CA PHE A 53 5.68 7.93 -16.83
C PHE A 53 5.78 9.27 -16.11
N TYR A 54 5.95 9.23 -14.79
CA TYR A 54 6.07 10.46 -14.01
C TYR A 54 7.27 11.29 -14.46
N GLU A 55 8.28 10.62 -15.01
CA GLU A 55 9.45 11.32 -15.51
C GLU A 55 9.03 12.19 -16.69
N GLU A 56 7.99 11.72 -17.40
CA GLU A 56 7.46 12.45 -18.54
C GLU A 56 5.94 12.59 -18.43
N GLY A 57 5.22 11.56 -18.87
CA GLY A 57 3.78 11.58 -18.79
C GLY A 57 3.28 11.11 -17.44
N HIS A 58 2.94 12.06 -16.59
CA HIS A 58 2.47 11.77 -15.23
C HIS A 58 1.38 10.69 -15.20
N GLU A 59 1.82 9.44 -15.31
CA GLU A 59 0.94 8.24 -15.30
C GLU A 59 -0.55 8.57 -15.35
N ALA A 60 -1.35 7.88 -14.52
CA ALA A 60 -2.80 8.07 -14.48
C ALA A 60 -3.50 7.19 -15.50
N ASP A 61 -2.79 6.81 -16.57
CA ASP A 61 -3.36 5.96 -17.61
C ASP A 61 -2.83 4.54 -17.46
N PRO A 62 -3.45 3.75 -16.57
CA PRO A 62 -3.03 2.37 -16.31
C PRO A 62 -3.12 1.48 -17.56
N GLY A 63 -4.12 1.74 -18.39
CA GLY A 63 -4.29 0.95 -19.60
C GLY A 63 -3.05 0.95 -20.48
N ALA A 64 -2.26 2.01 -20.40
CA ALA A 64 -1.05 2.13 -21.20
C ALA A 64 0.12 1.33 -20.60
N LEU A 65 0.43 1.61 -19.34
CA LEU A 65 1.54 0.95 -18.65
C LEU A 65 1.19 -0.48 -18.23
N ILE A 66 -0.09 -0.71 -17.90
CA ILE A 66 -0.52 -2.03 -17.46
C ILE A 66 -0.17 -3.08 -18.51
N SER A 67 -0.13 -2.67 -19.78
CA SER A 67 0.19 -3.58 -20.87
C SER A 67 1.69 -3.58 -21.18
N ARG A 68 2.51 -3.56 -20.14
CA ARG A 68 3.96 -3.57 -20.31
C ARG A 68 4.61 -4.63 -19.42
N ILE A 69 3.79 -5.37 -18.70
CA ILE A 69 4.27 -6.42 -17.79
C ILE A 69 4.87 -7.60 -18.53
N PRO A 70 5.85 -8.29 -17.91
CA PRO A 70 6.50 -9.46 -18.52
C PRO A 70 5.54 -10.65 -18.66
N GLY A 71 4.76 -10.94 -17.61
CA GLY A 71 3.84 -12.06 -17.69
C GLY A 71 2.94 -12.27 -16.48
N GLU A 72 3.49 -12.19 -15.27
CA GLU A 72 2.69 -12.43 -14.06
C GLU A 72 1.90 -11.20 -13.61
N LEU A 73 2.53 -10.03 -13.66
CA LEU A 73 1.84 -8.82 -13.26
C LEU A 73 1.00 -8.30 -14.43
N GLN A 74 1.03 -9.02 -15.55
CA GLN A 74 0.21 -8.66 -16.71
C GLN A 74 -1.24 -8.92 -16.33
N PRO A 75 -1.60 -10.19 -16.07
CA PRO A 75 -2.94 -10.54 -15.65
C PRO A 75 -3.26 -9.90 -14.31
N LEU A 76 -2.24 -9.82 -13.45
CA LEU A 76 -2.39 -9.23 -12.12
C LEU A 76 -2.72 -7.73 -12.23
N ALA A 77 -1.85 -6.99 -12.91
CA ALA A 77 -2.03 -5.55 -13.08
C ALA A 77 -3.37 -5.21 -13.71
N SER A 78 -3.71 -5.90 -14.79
CA SER A 78 -4.98 -5.66 -15.47
C SER A 78 -6.14 -5.76 -14.49
N GLU A 79 -6.15 -6.82 -13.70
CA GLU A 79 -7.18 -7.02 -12.69
C GLU A 79 -6.98 -6.03 -11.54
N LEU A 80 -5.73 -5.67 -11.31
CA LEU A 80 -5.36 -4.75 -10.24
C LEU A 80 -5.71 -3.31 -10.59
N SER A 81 -5.95 -3.04 -11.86
CA SER A 81 -6.27 -1.69 -12.29
C SER A 81 -7.32 -1.07 -11.38
N LEU A 82 -8.16 -1.91 -10.80
CA LEU A 82 -9.18 -1.47 -9.87
C LEU A 82 -9.51 -2.58 -8.88
N LEU A 83 -8.47 -3.09 -8.22
CA LEU A 83 -8.68 -4.16 -7.26
C LEU A 83 -9.31 -3.64 -5.97
N LEU A 84 -9.14 -2.35 -5.71
CA LEU A 84 -9.74 -1.73 -4.53
C LEU A 84 -9.41 -0.24 -4.47
N ILE A 85 -9.62 0.46 -5.58
CA ILE A 85 -9.36 1.89 -5.65
C ILE A 85 -10.36 2.59 -6.56
N ALA A 86 -10.96 3.65 -6.04
CA ALA A 86 -11.93 4.41 -6.80
C ALA A 86 -12.05 5.83 -6.26
N ASP A 87 -11.43 6.78 -6.96
CA ASP A 87 -11.48 8.18 -6.54
C ASP A 87 -10.73 8.36 -5.21
N ASP A 88 -11.17 7.64 -4.19
CA ASP A 88 -10.54 7.71 -2.88
C ASP A 88 -9.61 6.52 -2.64
N VAL A 89 -9.44 5.69 -3.65
CA VAL A 89 -8.57 4.52 -3.56
C VAL A 89 -8.77 3.76 -2.24
N SER A 90 -9.97 3.86 -1.68
CA SER A 90 -10.25 3.18 -0.43
C SER A 90 -9.19 3.56 0.60
N GLU A 91 -9.45 4.65 1.32
CA GLU A 91 -8.51 5.16 2.32
C GLU A 91 -8.03 4.07 3.28
N GLN A 92 -8.97 3.37 3.89
CA GLN A 92 -8.62 2.30 4.84
C GLN A 92 -7.64 1.33 4.19
N GLU A 93 -7.91 0.98 2.94
CA GLU A 93 -7.05 0.08 2.20
C GLU A 93 -5.74 0.77 1.84
N LEU A 94 -5.85 2.05 1.50
CA LEU A 94 -4.68 2.83 1.11
C LEU A 94 -3.59 2.79 2.18
N GLU A 95 -3.95 3.09 3.41
CA GLU A 95 -3.01 3.08 4.51
C GLU A 95 -2.63 1.66 4.91
N ASP A 96 -3.51 0.71 4.62
CA ASP A 96 -3.29 -0.68 4.98
C ASP A 96 -2.13 -1.32 4.23
N TYR A 97 -2.18 -1.26 2.90
CA TYR A 97 -1.15 -1.85 2.09
C TYR A 97 0.12 -1.01 2.05
N ILE A 98 -0.01 0.31 1.95
CA ILE A 98 1.18 1.15 1.92
C ILE A 98 2.03 0.86 3.14
N ARG A 99 1.38 0.76 4.31
CA ARG A 99 2.08 0.46 5.55
C ARG A 99 2.64 -0.95 5.53
N HIS A 100 1.92 -1.86 4.87
CA HIS A 100 2.35 -3.25 4.77
C HIS A 100 3.69 -3.35 4.05
N VAL A 101 3.78 -2.71 2.88
CA VAL A 101 5.01 -2.74 2.09
C VAL A 101 6.14 -2.01 2.82
N LEU A 102 5.78 -1.02 3.63
CA LEU A 102 6.76 -0.25 4.40
C LEU A 102 7.60 -1.18 5.27
N ASN A 103 6.92 -1.95 6.12
CA ASN A 103 7.59 -2.88 7.02
C ASN A 103 6.58 -3.55 7.95
N ARG A 104 7.04 -4.52 8.72
CA ARG A 104 6.17 -5.24 9.65
C ARG A 104 5.69 -4.31 10.77
N PRO A 105 6.62 -3.67 11.50
CA PRO A 105 6.30 -2.76 12.57
C PRO A 105 6.25 -1.30 12.10
N LYS A 106 7.40 -0.64 12.10
CA LYS A 106 7.49 0.76 11.65
C LYS A 106 6.49 1.65 12.38
N TRP A 107 6.60 2.95 12.12
CA TRP A 107 5.74 3.94 12.74
C TRP A 107 4.35 4.00 12.09
N LEU A 108 4.35 4.13 10.77
CA LEU A 108 3.10 4.25 10.02
C LEU A 108 2.13 3.10 10.34
N MET A 109 2.65 1.89 10.52
CA MET A 109 1.79 0.76 10.85
C MET A 109 0.95 1.06 12.08
N LEU A 110 1.58 1.75 13.03
CA LEU A 110 0.92 2.13 14.26
C LEU A 110 -0.15 3.18 14.00
N LYS A 111 0.14 4.12 13.11
CA LYS A 111 -0.81 5.17 12.78
C LYS A 111 -2.09 4.55 12.24
N VAL A 112 -1.93 3.50 11.45
CA VAL A 112 -3.06 2.78 10.89
C VAL A 112 -3.84 2.06 11.99
N LYS A 113 -3.10 1.28 12.77
CA LYS A 113 -3.71 0.55 13.87
C LYS A 113 -4.35 1.51 14.86
N GLU A 114 -3.72 2.66 15.04
CA GLU A 114 -4.22 3.69 15.95
C GLU A 114 -5.64 4.09 15.56
N GLN A 115 -5.82 4.36 14.27
CA GLN A 115 -7.11 4.78 13.77
C GLN A 115 -8.19 3.74 14.04
N GLU A 116 -7.87 2.46 13.79
CA GLU A 116 -8.81 1.39 14.05
C GLU A 116 -8.90 1.17 15.55
N LYS A 117 -7.79 1.46 16.21
CA LYS A 117 -7.68 1.30 17.64
C LYS A 117 -8.51 2.32 18.39
N THR A 118 -8.55 3.55 17.86
CA THR A 118 -9.30 4.61 18.49
C THR A 118 -10.80 4.45 18.24
N GLU A 119 -11.17 4.26 16.98
CA GLU A 119 -12.57 4.08 16.63
C GLU A 119 -13.18 3.00 17.51
N ALA A 120 -12.41 1.93 17.69
CA ALA A 120 -12.83 0.82 18.53
C ALA A 120 -12.62 1.17 20.00
N GLU A 121 -11.63 2.00 20.31
CA GLU A 121 -11.39 2.36 21.70
C GLU A 121 -12.67 2.94 22.31
N ARG A 122 -13.34 3.80 21.54
CA ARG A 122 -14.59 4.43 21.97
C ARG A 122 -15.80 3.50 21.89
N ARG A 123 -15.94 2.78 20.79
CA ARG A 123 -17.10 1.89 20.60
C ARG A 123 -16.75 0.40 20.59
N LYS A 124 -15.50 0.06 20.84
CA LYS A 124 -15.08 -1.34 20.85
C LYS A 124 -15.24 -1.97 19.47
N ASP A 125 -14.18 -2.62 19.00
CA ASP A 125 -14.20 -3.27 17.69
C ASP A 125 -15.27 -4.34 17.63
N PHE A 126 -15.21 -5.20 16.61
CA PHE A 126 -16.18 -6.27 16.44
C PHE A 126 -16.24 -7.15 17.68
N LEU A 127 -15.07 -7.55 18.17
CA LEU A 127 -14.99 -8.40 19.36
C LEU A 127 -15.08 -7.56 20.62
N THR A 128 -13.99 -6.87 20.95
CA THR A 128 -13.94 -6.02 22.14
C THR A 128 -12.76 -5.06 22.07
N ALA A 129 -12.68 -4.17 23.06
CA ALA A 129 -11.59 -3.19 23.12
C ALA A 129 -10.22 -3.86 23.26
N ALA A 130 -10.23 -5.16 23.59
CA ALA A 130 -8.99 -5.91 23.77
C ALA A 130 -8.06 -5.74 22.57
N ARG A 131 -8.65 -5.53 21.39
CA ARG A 131 -7.85 -5.35 20.18
C ARG A 131 -7.13 -4.01 20.21
N ILE A 132 -7.79 -3.02 20.79
CA ILE A 132 -7.22 -1.68 20.89
C ILE A 132 -6.02 -1.65 21.82
N ALA A 133 -6.14 -2.32 22.96
CA ALA A 133 -5.06 -2.37 23.94
C ALA A 133 -3.87 -3.17 23.41
N LYS A 134 -4.15 -4.16 22.58
CA LYS A 134 -3.11 -5.00 21.99
C LYS A 134 -2.25 -4.23 20.99
N GLU A 135 -2.89 -3.34 20.23
CA GLU A 135 -2.18 -2.57 19.22
C GLU A 135 -1.36 -1.44 19.85
N MET A 136 -1.89 -0.85 20.92
CA MET A 136 -1.20 0.24 21.61
C MET A 136 -0.03 -0.27 22.42
N ILE A 137 -0.16 -1.49 22.93
CA ILE A 137 0.91 -2.10 23.71
C ILE A 137 2.04 -2.50 22.79
N GLU A 138 1.67 -2.93 21.58
CA GLU A 138 2.68 -3.29 20.60
C GLU A 138 3.29 -1.98 20.11
N MET A 139 2.44 -0.94 20.16
CA MET A 139 2.84 0.40 19.78
C MET A 139 4.10 0.80 20.52
N LYS A 140 4.08 0.57 21.82
CA LYS A 140 5.23 0.90 22.64
C LYS A 140 6.36 -0.09 22.38
N LYS A 141 6.00 -1.32 22.03
CA LYS A 141 6.99 -2.36 21.75
C LYS A 141 7.80 -2.02 20.50
N MET A 142 7.09 -1.75 19.41
CA MET A 142 7.74 -1.42 18.15
C MET A 142 8.55 -0.13 18.25
N LEU A 143 8.07 0.82 19.06
CA LEU A 143 8.74 2.09 19.23
C LEU A 143 9.73 2.07 20.40
N SER A 144 9.66 1.02 21.23
CA SER A 144 10.55 0.91 22.38
C SER A 144 10.88 -0.54 22.69
N SER A 145 10.00 -1.22 23.42
CA SER A 145 10.21 -2.61 23.78
C SER A 145 11.49 -2.78 24.60
N SER A 146 11.85 -1.73 25.33
CA SER A 146 13.06 -1.75 26.16
C SER A 146 12.98 -0.70 27.26
N MET A 1 7.96 -29.33 -4.12
CA MET A 1 9.11 -29.47 -3.19
C MET A 1 10.15 -28.39 -3.44
N ALA A 2 10.66 -28.33 -4.67
CA ALA A 2 11.68 -27.34 -5.03
C ALA A 2 11.12 -25.93 -4.92
N LYS A 3 9.92 -25.73 -5.45
CA LYS A 3 9.27 -24.43 -5.43
C LYS A 3 8.24 -24.36 -4.30
N LYS A 4 8.16 -23.20 -3.65
CA LYS A 4 7.23 -23.00 -2.55
C LYS A 4 6.27 -21.85 -2.85
N LEU A 5 5.11 -21.88 -2.21
CA LEU A 5 4.10 -20.84 -2.41
C LEU A 5 3.76 -20.15 -1.09
N LEU A 6 4.74 -19.48 -0.49
CA LEU A 6 4.54 -18.78 0.77
C LEU A 6 4.92 -17.31 0.66
N PRO A 7 3.95 -16.44 0.31
CA PRO A 7 4.20 -15.00 0.18
C PRO A 7 4.32 -14.31 1.52
N ALA A 8 4.30 -12.98 1.51
CA ALA A 8 4.42 -12.20 2.73
C ALA A 8 3.40 -11.06 2.77
N PHE A 9 3.75 -9.94 2.16
CA PHE A 9 2.85 -8.78 2.11
C PHE A 9 2.40 -8.52 0.68
N GLN A 10 2.24 -9.60 -0.08
CA GLN A 10 1.81 -9.51 -1.47
C GLN A 10 0.43 -8.87 -1.57
N ASN A 11 -0.31 -8.84 -0.46
CA ASN A 11 -1.65 -8.27 -0.49
C ASN A 11 -1.59 -6.77 -0.74
N ALA A 12 -0.73 -6.06 -0.01
CA ALA A 12 -0.58 -4.63 -0.22
C ALA A 12 0.11 -4.36 -1.54
N GLU A 13 1.07 -5.22 -1.89
CA GLU A 13 1.80 -5.06 -3.15
C GLU A 13 0.83 -4.98 -4.31
N ARG A 14 -0.09 -5.94 -4.38
CA ARG A 14 -1.09 -5.96 -5.44
C ARG A 14 -2.03 -4.77 -5.32
N LEU A 15 -2.61 -4.65 -4.15
CA LEU A 15 -3.56 -3.58 -3.84
C LEU A 15 -2.98 -2.21 -4.15
N LEU A 16 -1.81 -1.91 -3.60
CA LEU A 16 -1.16 -0.62 -3.84
C LEU A 16 -1.12 -0.37 -5.34
N LEU A 17 -0.60 -1.35 -6.08
CA LEU A 17 -0.53 -1.27 -7.53
C LEU A 17 -1.88 -0.87 -8.15
N ALA A 18 -2.97 -1.36 -7.57
CA ALA A 18 -4.31 -1.05 -8.06
C ALA A 18 -4.57 0.45 -7.95
N HIS A 19 -4.13 1.03 -6.85
CA HIS A 19 -4.32 2.45 -6.59
C HIS A 19 -3.34 3.31 -7.39
N MET A 20 -2.05 3.05 -7.20
CA MET A 20 -1.00 3.80 -7.90
C MET A 20 -1.15 3.71 -9.41
N MET A 21 -1.68 2.59 -9.89
CA MET A 21 -1.86 2.36 -11.33
C MET A 21 -2.58 3.54 -12.01
N ARG A 22 -3.20 4.40 -11.22
CA ARG A 22 -3.92 5.55 -11.76
C ARG A 22 -3.50 6.85 -11.08
N SER A 23 -3.93 7.00 -9.83
CA SER A 23 -3.62 8.19 -9.05
C SER A 23 -2.13 8.51 -9.06
N ARG A 24 -1.78 9.68 -9.58
CA ARG A 24 -0.39 10.11 -9.65
C ARG A 24 0.21 10.27 -8.25
N ASP A 25 -0.62 10.69 -7.30
CA ASP A 25 -0.17 10.88 -5.94
C ASP A 25 0.10 9.53 -5.28
N VAL A 26 -0.74 8.56 -5.59
CA VAL A 26 -0.61 7.24 -5.00
C VAL A 26 0.70 6.57 -5.41
N ALA A 27 0.98 6.51 -6.72
CA ALA A 27 2.21 5.88 -7.17
C ALA A 27 3.41 6.63 -6.62
N LEU A 28 3.28 7.94 -6.46
CA LEU A 28 4.37 8.71 -5.88
C LEU A 28 4.66 8.15 -4.49
N VAL A 29 3.59 7.70 -3.83
CA VAL A 29 3.68 7.10 -2.51
C VAL A 29 4.34 5.73 -2.56
N VAL A 30 4.12 5.01 -3.65
CA VAL A 30 4.68 3.68 -3.78
C VAL A 30 6.21 3.74 -3.77
N GLN A 31 6.77 4.58 -4.62
CA GLN A 31 8.23 4.72 -4.70
C GLN A 31 8.84 5.33 -3.43
N GLU A 32 8.25 6.43 -2.97
CA GLU A 32 8.78 7.15 -1.81
C GLU A 32 8.41 6.54 -0.45
N ARG A 33 7.17 6.06 -0.28
CA ARG A 33 6.75 5.53 1.03
C ARG A 33 6.86 4.01 1.13
N ILE A 34 7.23 3.34 0.05
CA ILE A 34 7.34 1.87 0.08
C ILE A 34 8.59 1.40 -0.65
N GLY A 35 8.87 2.01 -1.79
CA GLY A 35 10.03 1.63 -2.58
C GLY A 35 9.92 0.23 -3.14
N GLY A 36 10.35 -0.75 -2.36
CA GLY A 36 10.29 -2.14 -2.80
C GLY A 36 11.47 -2.96 -2.32
N ARG A 37 11.23 -4.25 -2.10
CA ARG A 37 12.28 -5.15 -1.64
C ARG A 37 11.75 -6.58 -1.51
N PHE A 38 10.89 -6.98 -2.43
CA PHE A 38 10.31 -8.32 -2.42
C PHE A 38 10.72 -9.12 -3.65
N ASN A 39 11.52 -8.52 -4.53
CA ASN A 39 11.99 -9.19 -5.73
C ASN A 39 10.81 -9.51 -6.65
N ILE A 40 10.13 -8.48 -7.12
CA ILE A 40 8.99 -8.65 -8.03
C ILE A 40 9.13 -7.78 -9.26
N GLU A 41 9.09 -8.40 -10.43
CA GLU A 41 9.25 -7.68 -11.69
C GLU A 41 8.08 -6.72 -11.98
N GLU A 42 6.85 -7.20 -11.85
CA GLU A 42 5.68 -6.38 -12.14
C GLU A 42 5.44 -5.33 -11.06
N HIS A 43 5.36 -5.79 -9.84
CA HIS A 43 5.12 -4.90 -8.69
C HIS A 43 6.21 -3.86 -8.54
N ARG A 44 7.45 -4.31 -8.34
CA ARG A 44 8.57 -3.40 -8.20
C ARG A 44 8.63 -2.46 -9.39
N ALA A 45 8.58 -3.03 -10.57
CA ALA A 45 8.61 -2.22 -11.78
C ALA A 45 7.36 -1.37 -11.87
N LEU A 46 6.26 -1.79 -11.23
CA LEU A 46 5.05 -0.97 -11.25
C LEU A 46 5.39 0.39 -10.72
N ALA A 47 6.13 0.39 -9.62
CA ALA A 47 6.60 1.61 -9.03
C ALA A 47 7.47 2.33 -10.07
N ALA A 48 8.19 1.51 -10.87
CA ALA A 48 9.08 2.02 -11.90
C ALA A 48 8.36 2.60 -13.13
N TYR A 49 7.55 1.80 -13.86
CA TYR A 49 6.89 2.36 -15.05
C TYR A 49 6.19 3.66 -14.70
N ILE A 50 5.34 3.60 -13.67
CA ILE A 50 4.61 4.77 -13.22
C ILE A 50 5.55 5.95 -13.03
N TYR A 51 6.78 5.65 -12.60
CA TYR A 51 7.78 6.67 -12.41
C TYR A 51 8.03 7.39 -13.72
N ALA A 52 8.06 6.63 -14.81
CA ALA A 52 8.26 7.21 -16.13
C ALA A 52 7.01 7.96 -16.57
N PHE A 53 5.84 7.33 -16.39
CA PHE A 53 4.58 7.96 -16.73
C PHE A 53 4.44 9.28 -15.97
N TYR A 54 5.10 9.36 -14.81
CA TYR A 54 5.05 10.55 -13.99
C TYR A 54 5.88 11.68 -14.61
N GLU A 55 7.02 11.32 -15.16
CA GLU A 55 7.86 12.32 -15.82
C GLU A 55 7.17 12.79 -17.10
N GLU A 56 6.19 12.00 -17.54
CA GLU A 56 5.44 12.31 -18.76
C GLU A 56 4.16 13.09 -18.45
N GLY A 57 3.12 12.39 -17.99
CA GLY A 57 1.86 13.04 -17.71
C GLY A 57 1.31 12.75 -16.32
N HIS A 58 2.19 12.36 -15.39
CA HIS A 58 1.78 12.08 -14.01
C HIS A 58 1.04 10.75 -13.92
N GLU A 59 1.14 9.93 -14.95
CA GLU A 59 0.51 8.61 -14.98
C GLU A 59 -0.97 8.68 -14.66
N ALA A 60 -1.67 7.57 -14.92
CA ALA A 60 -3.10 7.47 -14.66
C ALA A 60 -3.73 6.33 -15.46
N ASP A 61 -4.07 6.61 -16.72
CA ASP A 61 -4.69 5.61 -17.59
C ASP A 61 -3.96 4.27 -17.47
N PRO A 62 -4.53 3.31 -16.72
CA PRO A 62 -3.94 1.98 -16.53
C PRO A 62 -3.70 1.27 -17.86
N GLY A 63 -4.65 1.43 -18.78
CA GLY A 63 -4.52 0.79 -20.07
C GLY A 63 -3.23 1.17 -20.78
N ALA A 64 -2.66 2.31 -20.40
CA ALA A 64 -1.41 2.76 -21.01
C ALA A 64 -0.20 2.05 -20.40
N LEU A 65 -0.07 2.12 -19.08
CA LEU A 65 1.05 1.48 -18.39
C LEU A 65 0.84 -0.03 -18.28
N ILE A 66 -0.38 -0.44 -17.90
CA ILE A 66 -0.68 -1.87 -17.79
C ILE A 66 -0.37 -2.55 -19.12
N SER A 67 -0.48 -1.78 -20.20
CA SER A 67 -0.20 -2.29 -21.54
C SER A 67 1.30 -2.24 -21.85
N ARG A 68 2.13 -2.21 -20.79
CA ARG A 68 3.57 -2.21 -20.94
C ARG A 68 4.08 -3.45 -20.25
N ILE A 69 3.65 -3.59 -19.00
CA ILE A 69 3.96 -4.76 -18.19
C ILE A 69 3.72 -6.02 -19.03
N PRO A 70 4.79 -6.62 -19.60
CA PRO A 70 4.69 -7.81 -20.46
C PRO A 70 4.65 -9.12 -19.69
N GLY A 71 4.54 -10.22 -20.45
CA GLY A 71 4.52 -11.56 -19.87
C GLY A 71 3.73 -11.65 -18.56
N GLU A 72 4.42 -12.08 -17.51
CA GLU A 72 3.81 -12.23 -16.19
C GLU A 72 3.47 -10.88 -15.57
N LEU A 73 4.02 -9.82 -16.15
CA LEU A 73 3.78 -8.48 -15.67
C LEU A 73 2.34 -8.07 -15.99
N GLN A 74 1.82 -8.63 -17.09
CA GLN A 74 0.45 -8.35 -17.50
C GLN A 74 -0.56 -8.91 -16.50
N PRO A 75 -0.51 -10.22 -16.22
CA PRO A 75 -1.44 -10.86 -15.28
C PRO A 75 -1.40 -10.24 -13.89
N LEU A 76 -0.21 -9.88 -13.41
CA LEU A 76 -0.10 -9.29 -12.08
C LEU A 76 -0.75 -7.90 -12.02
N ALA A 77 -0.31 -7.00 -12.89
CA ALA A 77 -0.84 -5.65 -12.92
C ALA A 77 -2.27 -5.60 -13.46
N SER A 78 -2.53 -6.36 -14.53
CA SER A 78 -3.85 -6.39 -15.14
C SER A 78 -4.93 -6.73 -14.11
N GLU A 79 -4.64 -7.75 -13.30
CA GLU A 79 -5.58 -8.18 -12.27
C GLU A 79 -5.66 -7.14 -11.16
N LEU A 80 -4.55 -6.44 -10.91
CA LEU A 80 -4.49 -5.41 -9.88
C LEU A 80 -5.15 -4.12 -10.33
N SER A 81 -5.38 -3.99 -11.63
CA SER A 81 -5.95 -2.76 -12.17
C SER A 81 -7.16 -2.28 -11.35
N LEU A 82 -7.82 -3.19 -10.64
CA LEU A 82 -8.96 -2.83 -9.82
C LEU A 82 -9.16 -3.84 -8.70
N LEU A 83 -8.11 -4.08 -7.92
CA LEU A 83 -8.20 -5.02 -6.81
C LEU A 83 -9.31 -4.59 -5.87
N LEU A 84 -9.38 -3.30 -5.60
CA LEU A 84 -10.40 -2.73 -4.75
C LEU A 84 -10.29 -1.21 -4.74
N ILE A 85 -10.15 -0.64 -5.93
CA ILE A 85 -10.04 0.80 -6.09
C ILE A 85 -11.30 1.36 -6.73
N ALA A 86 -11.23 2.61 -7.14
CA ALA A 86 -12.36 3.26 -7.78
C ALA A 86 -11.90 4.44 -8.63
N ASP A 87 -12.85 5.22 -9.13
CA ASP A 87 -12.53 6.38 -9.95
C ASP A 87 -11.59 7.33 -9.19
N ASP A 88 -11.56 7.18 -7.86
CA ASP A 88 -10.70 8.02 -7.03
C ASP A 88 -9.86 7.19 -6.07
N VAL A 89 -9.85 5.86 -6.26
CA VAL A 89 -9.07 4.96 -5.40
C VAL A 89 -9.77 4.75 -4.06
N SER A 90 -9.03 4.12 -3.14
CA SER A 90 -9.53 3.84 -1.81
C SER A 90 -8.48 4.29 -0.79
N GLU A 91 -8.59 5.55 -0.38
CA GLU A 91 -7.65 6.17 0.53
C GLU A 91 -7.34 5.33 1.77
N GLN A 92 -8.37 4.85 2.45
CA GLN A 92 -8.17 4.03 3.65
C GLN A 92 -7.18 2.91 3.32
N GLU A 93 -7.33 2.35 2.14
CA GLU A 93 -6.47 1.29 1.67
C GLU A 93 -5.08 1.85 1.37
N LEU A 94 -5.03 3.10 0.90
CA LEU A 94 -3.74 3.72 0.55
C LEU A 94 -2.77 3.65 1.71
N GLU A 95 -3.22 4.09 2.87
CA GLU A 95 -2.40 4.04 4.06
C GLU A 95 -2.26 2.61 4.58
N ASP A 96 -3.25 1.78 4.24
CA ASP A 96 -3.27 0.39 4.70
C ASP A 96 -2.30 -0.52 3.97
N TYR A 97 -2.30 -0.45 2.64
CA TYR A 97 -1.41 -1.31 1.86
C TYR A 97 0.02 -0.79 1.89
N ILE A 98 0.22 0.52 1.80
CA ILE A 98 1.58 1.07 1.86
C ILE A 98 2.20 0.70 3.20
N ARG A 99 1.46 0.96 4.28
CA ARG A 99 1.95 0.62 5.61
C ARG A 99 2.36 -0.84 5.65
N HIS A 100 1.58 -1.69 4.97
CA HIS A 100 1.88 -3.11 4.91
C HIS A 100 3.25 -3.33 4.27
N VAL A 101 3.54 -2.57 3.21
CA VAL A 101 4.82 -2.68 2.53
C VAL A 101 5.97 -2.42 3.50
N LEU A 102 5.71 -1.57 4.49
CA LEU A 102 6.71 -1.24 5.50
C LEU A 102 7.34 -2.50 6.09
N ASN A 103 6.55 -3.57 6.16
CA ASN A 103 7.03 -4.84 6.69
C ASN A 103 7.42 -4.72 8.16
N ARG A 104 6.52 -4.19 8.97
CA ARG A 104 6.78 -4.03 10.41
C ARG A 104 5.57 -3.46 11.13
N PRO A 105 4.52 -4.27 11.30
CA PRO A 105 3.29 -3.84 11.98
C PRO A 105 3.55 -3.21 13.34
N LYS A 106 3.28 -1.90 13.44
CA LYS A 106 3.47 -1.16 14.68
C LYS A 106 3.31 0.34 14.42
N TRP A 107 4.41 1.00 14.05
CA TRP A 107 4.39 2.42 13.74
C TRP A 107 3.44 2.71 12.58
N LEU A 108 3.25 1.72 11.72
CA LEU A 108 2.37 1.91 10.56
C LEU A 108 1.03 2.48 10.98
N MET A 109 0.42 1.90 12.01
CA MET A 109 -0.85 2.41 12.50
C MET A 109 -0.73 3.89 12.83
N LEU A 110 0.47 4.28 13.26
CA LEU A 110 0.74 5.68 13.61
C LEU A 110 0.74 6.56 12.37
N LYS A 111 1.49 6.14 11.35
CA LYS A 111 1.57 6.89 10.11
C LYS A 111 0.19 6.98 9.47
N VAL A 112 -0.53 5.87 9.49
CA VAL A 112 -1.87 5.81 8.94
C VAL A 112 -2.79 6.78 9.65
N LYS A 113 -2.79 6.71 10.98
CA LYS A 113 -3.61 7.60 11.79
C LYS A 113 -3.10 9.03 11.70
N GLU A 114 -1.80 9.18 11.48
CA GLU A 114 -1.18 10.50 11.36
C GLU A 114 -1.86 11.31 10.28
N GLN A 115 -1.83 10.76 9.07
CA GLN A 115 -2.40 11.42 7.90
C GLN A 115 -3.92 11.52 8.00
N GLU A 116 -4.54 10.55 8.68
CA GLU A 116 -5.99 10.53 8.83
C GLU A 116 -6.41 11.61 9.81
N LYS A 117 -5.82 11.54 10.99
CA LYS A 117 -6.06 12.54 11.99
C LYS A 117 -5.61 13.87 11.44
N THR A 118 -4.52 13.83 10.65
CA THR A 118 -3.97 15.02 10.03
C THR A 118 -5.10 15.77 9.31
N GLU A 119 -5.92 15.01 8.58
CA GLU A 119 -7.06 15.60 7.92
C GLU A 119 -7.91 16.26 8.99
N ALA A 120 -7.97 15.59 10.13
CA ALA A 120 -8.69 16.11 11.29
C ALA A 120 -8.00 17.38 11.79
N GLU A 121 -6.67 17.47 11.57
CA GLU A 121 -5.91 18.64 11.99
C GLU A 121 -6.31 19.87 11.20
N ARG A 122 -6.40 19.72 9.88
CA ARG A 122 -6.78 20.83 9.03
C ARG A 122 -8.21 21.25 9.35
N ARG A 123 -9.00 20.28 9.82
CA ARG A 123 -10.39 20.54 10.19
C ARG A 123 -10.47 20.94 11.66
N LYS A 124 -9.51 20.46 12.46
CA LYS A 124 -9.47 20.79 13.88
C LYS A 124 -10.80 20.43 14.55
N ASP A 125 -10.84 19.26 15.18
CA ASP A 125 -12.05 18.81 15.87
C ASP A 125 -12.04 19.28 17.32
N PHE A 126 -11.04 18.85 18.07
CA PHE A 126 -10.90 19.23 19.47
C PHE A 126 -9.76 20.22 19.65
N LEU A 127 -10.11 21.50 19.79
CA LEU A 127 -9.12 22.55 19.97
C LEU A 127 -8.34 22.77 18.67
N THR A 128 -7.51 21.79 18.31
CA THR A 128 -6.72 21.85 17.08
C THR A 128 -5.73 20.68 17.02
N ALA A 129 -4.52 20.88 17.52
CA ALA A 129 -3.50 19.83 17.53
C ALA A 129 -3.93 18.65 18.37
N ALA A 130 -4.93 18.85 19.24
CA ALA A 130 -5.42 17.80 20.11
C ALA A 130 -5.75 16.51 19.35
N ARG A 131 -6.41 16.66 18.21
CA ARG A 131 -6.77 15.50 17.40
C ARG A 131 -5.55 14.66 17.02
N ILE A 132 -4.56 15.32 16.42
CA ILE A 132 -3.34 14.62 16.01
C ILE A 132 -2.49 14.23 17.21
N ALA A 133 -2.26 15.18 18.11
CA ALA A 133 -1.45 14.92 19.30
C ALA A 133 -2.02 13.79 20.13
N LYS A 134 -3.35 13.69 20.16
CA LYS A 134 -4.01 12.64 20.93
C LYS A 134 -3.79 11.27 20.29
N GLU A 135 -3.96 11.21 18.97
CA GLU A 135 -3.78 9.97 18.23
C GLU A 135 -2.31 9.54 18.25
N MET A 136 -1.42 10.47 17.94
CA MET A 136 0.01 10.18 17.92
C MET A 136 0.48 9.64 19.26
N ILE A 137 0.25 10.42 20.32
CA ILE A 137 0.64 10.00 21.66
C ILE A 137 0.05 8.62 21.94
N GLU A 138 -1.12 8.36 21.38
CA GLU A 138 -1.78 7.08 21.55
C GLU A 138 -1.03 6.03 20.73
N MET A 139 -0.59 6.46 19.56
CA MET A 139 0.15 5.61 18.65
C MET A 139 1.55 5.32 19.17
N LYS A 140 2.11 6.27 19.90
CA LYS A 140 3.45 6.12 20.46
C LYS A 140 3.42 5.12 21.61
N LYS A 141 2.30 5.10 22.34
CA LYS A 141 2.15 4.18 23.45
C LYS A 141 2.02 2.74 22.96
N MET A 142 1.13 2.52 22.00
CA MET A 142 0.91 1.20 21.44
C MET A 142 2.19 0.67 20.80
N LEU A 143 3.02 1.57 20.30
CA LEU A 143 4.28 1.20 19.66
C LEU A 143 5.12 0.32 20.59
N SER A 144 5.15 0.68 21.87
CA SER A 144 5.91 -0.08 22.85
C SER A 144 7.40 -0.05 22.52
N SER A 145 7.85 1.03 21.91
CA SER A 145 9.25 1.18 21.53
C SER A 145 9.69 2.63 21.64
N SER A 146 11.00 2.84 21.79
CA SER A 146 11.55 4.18 21.90
C SER A 146 12.43 4.51 20.70
N MET A 1 -4.78 -25.36 4.57
CA MET A 1 -5.51 -25.32 5.86
C MET A 1 -6.33 -24.03 5.98
N ALA A 2 -6.89 -23.80 7.16
CA ALA A 2 -7.70 -22.61 7.42
C ALA A 2 -6.98 -21.65 8.36
N LYS A 3 -6.32 -22.20 9.38
CA LYS A 3 -5.60 -21.39 10.35
C LYS A 3 -4.10 -21.47 10.10
N LYS A 4 -3.58 -20.52 9.33
CA LYS A 4 -2.15 -20.48 9.02
C LYS A 4 -1.51 -19.21 9.58
N LEU A 5 -2.21 -18.10 9.46
CA LEU A 5 -1.72 -16.81 9.95
C LEU A 5 -0.43 -16.42 9.23
N LEU A 6 -0.50 -15.33 8.48
CA LEU A 6 0.66 -14.83 7.74
C LEU A 6 0.63 -13.32 7.61
N PRO A 7 1.81 -12.67 7.56
CA PRO A 7 1.91 -11.21 7.43
C PRO A 7 1.53 -10.73 6.04
N ALA A 8 1.73 -9.43 5.80
CA ALA A 8 1.41 -8.83 4.51
C ALA A 8 2.55 -7.93 4.03
N PHE A 9 3.33 -8.43 3.07
CA PHE A 9 4.45 -7.67 2.52
C PHE A 9 4.32 -7.54 1.00
N GLN A 10 4.49 -8.65 0.29
CA GLN A 10 4.38 -8.66 -1.16
C GLN A 10 2.91 -8.51 -1.56
N ASN A 11 2.03 -9.09 -0.75
CA ASN A 11 0.60 -9.02 -1.00
C ASN A 11 0.13 -7.57 -0.99
N ALA A 12 0.56 -6.83 0.03
CA ALA A 12 0.20 -5.42 0.14
C ALA A 12 0.75 -4.62 -1.04
N GLU A 13 1.96 -4.96 -1.45
CA GLU A 13 2.60 -4.28 -2.58
C GLU A 13 1.78 -4.48 -3.85
N ARG A 14 1.24 -5.68 -4.01
CA ARG A 14 0.43 -6.01 -5.18
C ARG A 14 -0.79 -5.09 -5.24
N LEU A 15 -1.56 -5.06 -4.16
CA LEU A 15 -2.74 -4.21 -4.11
C LEU A 15 -2.36 -2.78 -4.45
N LEU A 16 -1.19 -2.35 -3.93
CA LEU A 16 -0.69 -1.01 -4.21
C LEU A 16 -0.75 -0.77 -5.70
N LEU A 17 -0.18 -1.71 -6.45
CA LEU A 17 -0.17 -1.64 -7.91
C LEU A 17 -1.57 -1.35 -8.42
N ALA A 18 -2.56 -1.99 -7.80
CA ALA A 18 -3.94 -1.80 -8.18
C ALA A 18 -4.32 -0.32 -8.13
N HIS A 19 -3.97 0.34 -7.03
CA HIS A 19 -4.29 1.75 -6.87
C HIS A 19 -3.32 2.65 -7.67
N MET A 20 -2.02 2.52 -7.40
CA MET A 20 -1.01 3.34 -8.07
C MET A 20 -1.10 3.23 -9.59
N MET A 21 -1.50 2.06 -10.09
CA MET A 21 -1.62 1.88 -11.54
C MET A 21 -2.88 2.54 -12.07
N ARG A 22 -3.72 3.05 -11.17
CA ARG A 22 -4.98 3.68 -11.56
C ARG A 22 -4.83 5.21 -11.73
N SER A 23 -4.31 5.89 -10.72
CA SER A 23 -4.17 7.36 -10.79
C SER A 23 -2.72 7.81 -10.60
N ARG A 24 -2.40 8.94 -11.21
CA ARG A 24 -1.05 9.50 -11.13
C ARG A 24 -0.70 9.92 -9.69
N ASP A 25 -1.69 10.44 -8.97
CA ASP A 25 -1.49 10.89 -7.60
C ASP A 25 -1.15 9.70 -6.73
N VAL A 26 -1.91 8.64 -6.88
CA VAL A 26 -1.68 7.44 -6.10
C VAL A 26 -0.29 6.90 -6.41
N ALA A 27 0.12 7.00 -7.68
CA ALA A 27 1.45 6.54 -8.10
C ALA A 27 2.50 7.22 -7.23
N LEU A 28 2.28 8.49 -6.94
CA LEU A 28 3.21 9.23 -6.10
C LEU A 28 3.21 8.61 -4.70
N VAL A 29 2.03 8.14 -4.29
CA VAL A 29 1.86 7.52 -2.97
C VAL A 29 2.71 6.26 -2.83
N VAL A 30 2.82 5.49 -3.91
CA VAL A 30 3.60 4.27 -3.87
C VAL A 30 5.09 4.57 -3.76
N GLN A 31 5.61 5.38 -4.66
CA GLN A 31 7.04 5.70 -4.66
C GLN A 31 7.46 6.52 -3.44
N GLU A 32 6.62 7.48 -3.05
CA GLU A 32 6.93 8.36 -1.93
C GLU A 32 6.69 7.75 -0.55
N ARG A 33 5.56 7.06 -0.38
CA ARG A 33 5.23 6.50 0.94
C ARG A 33 5.53 5.01 1.08
N ILE A 34 5.99 4.35 0.02
CA ILE A 34 6.29 2.92 0.12
C ILE A 34 7.61 2.55 -0.57
N GLY A 35 7.80 3.04 -1.78
CA GLY A 35 9.01 2.73 -2.53
C GLY A 35 9.14 1.25 -2.82
N GLY A 36 9.73 0.92 -3.97
CA GLY A 36 9.89 -0.48 -4.33
C GLY A 36 11.26 -0.78 -4.91
N ARG A 37 11.63 -2.05 -4.93
CA ARG A 37 12.92 -2.47 -5.45
C ARG A 37 12.96 -3.98 -5.66
N PHE A 38 12.62 -4.73 -4.62
CA PHE A 38 12.62 -6.19 -4.71
C PHE A 38 11.20 -6.74 -4.58
N ASN A 39 10.66 -7.26 -5.67
CA ASN A 39 9.32 -7.82 -5.68
C ASN A 39 9.06 -8.59 -6.97
N ILE A 40 7.83 -9.06 -7.15
CA ILE A 40 7.45 -9.80 -8.34
C ILE A 40 7.82 -9.03 -9.60
N GLU A 41 7.89 -9.72 -10.73
CA GLU A 41 8.23 -9.08 -11.99
C GLU A 41 7.27 -7.94 -12.31
N GLU A 42 5.98 -8.20 -12.20
CA GLU A 42 4.96 -7.18 -12.47
C GLU A 42 4.95 -6.16 -11.36
N HIS A 43 4.82 -6.65 -10.15
CA HIS A 43 4.81 -5.81 -8.96
C HIS A 43 5.98 -4.84 -8.97
N ARG A 44 7.16 -5.35 -9.34
CA ARG A 44 8.35 -4.53 -9.40
C ARG A 44 8.29 -3.58 -10.59
N ALA A 45 7.81 -4.08 -11.72
CA ALA A 45 7.70 -3.28 -12.93
C ALA A 45 6.58 -2.24 -12.79
N LEU A 46 5.63 -2.50 -11.90
CA LEU A 46 4.53 -1.59 -11.68
C LEU A 46 5.04 -0.39 -10.91
N ALA A 47 5.65 -0.67 -9.76
CA ALA A 47 6.26 0.35 -8.94
C ALA A 47 7.27 1.12 -9.79
N ALA A 48 7.94 0.37 -10.68
CA ALA A 48 8.93 0.94 -11.58
C ALA A 48 8.26 1.76 -12.67
N TYR A 49 7.16 1.24 -13.22
CA TYR A 49 6.46 1.94 -14.29
C TYR A 49 6.22 3.40 -13.89
N ILE A 50 5.54 3.58 -12.77
CA ILE A 50 5.25 4.92 -12.26
C ILE A 50 6.51 5.74 -12.16
N TYR A 51 7.59 5.13 -11.68
CA TYR A 51 8.87 5.81 -11.53
C TYR A 51 9.21 6.61 -12.78
N ALA A 52 9.29 5.91 -13.92
CA ALA A 52 9.59 6.56 -15.19
C ALA A 52 8.40 7.37 -15.69
N PHE A 53 7.20 6.85 -15.45
CA PHE A 53 5.99 7.52 -15.89
C PHE A 53 5.91 8.96 -15.36
N TYR A 54 6.56 9.22 -14.22
CA TYR A 54 6.53 10.57 -13.65
C TYR A 54 7.03 11.59 -14.67
N GLU A 55 8.15 11.27 -15.30
CA GLU A 55 8.74 12.13 -16.30
C GLU A 55 7.90 12.12 -17.59
N GLU A 56 7.27 10.97 -17.85
CA GLU A 56 6.47 10.79 -19.06
C GLU A 56 5.13 11.54 -19.03
N GLY A 57 4.25 11.14 -18.11
CA GLY A 57 2.94 11.76 -18.04
C GLY A 57 2.79 12.79 -16.95
N HIS A 58 3.51 12.58 -15.84
CA HIS A 58 3.49 13.46 -14.68
C HIS A 58 2.75 12.79 -13.54
N GLU A 59 3.52 12.19 -12.63
CA GLU A 59 3.00 11.46 -11.48
C GLU A 59 2.70 10.02 -11.86
N ALA A 60 2.15 9.80 -13.07
CA ALA A 60 1.84 8.46 -13.57
C ALA A 60 0.77 8.48 -14.65
N ASP A 61 0.45 7.28 -15.14
CA ASP A 61 -0.56 7.09 -16.18
C ASP A 61 -1.01 5.63 -16.16
N PRO A 62 -2.30 5.37 -15.88
CA PRO A 62 -2.82 4.00 -15.80
C PRO A 62 -2.85 3.26 -17.14
N GLY A 63 -3.54 3.82 -18.12
CA GLY A 63 -3.64 3.18 -19.43
C GLY A 63 -2.32 3.03 -20.13
N ALA A 64 -1.32 3.79 -19.72
CA ALA A 64 0.00 3.73 -20.35
C ALA A 64 0.84 2.54 -19.87
N LEU A 65 0.98 2.37 -18.55
CA LEU A 65 1.81 1.28 -18.03
C LEU A 65 1.12 -0.08 -18.12
N ILE A 66 -0.20 -0.15 -17.91
CA ILE A 66 -0.89 -1.44 -18.01
C ILE A 66 -0.61 -2.04 -19.38
N SER A 67 -0.38 -1.16 -20.36
CA SER A 67 -0.09 -1.58 -21.72
C SER A 67 1.42 -1.77 -21.92
N ARG A 68 2.15 -1.93 -20.82
CA ARG A 68 3.60 -2.15 -20.89
C ARG A 68 3.89 -3.50 -20.28
N ILE A 69 3.25 -3.75 -19.13
CA ILE A 69 3.38 -5.01 -18.42
C ILE A 69 3.45 -6.18 -19.42
N PRO A 70 4.68 -6.62 -19.74
CA PRO A 70 4.92 -7.70 -20.72
C PRO A 70 4.39 -9.06 -20.27
N GLY A 71 3.75 -9.76 -21.21
CA GLY A 71 3.21 -11.08 -20.94
C GLY A 71 2.47 -11.18 -19.62
N GLU A 72 3.02 -12.00 -18.72
CA GLU A 72 2.40 -12.23 -17.40
C GLU A 72 2.26 -10.95 -16.57
N LEU A 73 2.93 -9.88 -16.99
CA LEU A 73 2.84 -8.63 -16.29
C LEU A 73 1.47 -8.03 -16.54
N GLN A 74 0.94 -8.33 -17.72
CA GLN A 74 -0.37 -7.86 -18.12
C GLN A 74 -1.48 -8.46 -17.27
N PRO A 75 -1.58 -9.79 -17.22
CA PRO A 75 -2.61 -10.46 -16.42
C PRO A 75 -2.56 -10.04 -14.96
N LEU A 76 -1.36 -9.91 -14.39
CA LEU A 76 -1.25 -9.54 -12.99
C LEU A 76 -1.65 -8.08 -12.76
N ALA A 77 -1.02 -7.17 -13.47
CA ALA A 77 -1.31 -5.73 -13.32
C ALA A 77 -2.66 -5.35 -13.92
N SER A 78 -2.95 -5.83 -15.13
CA SER A 78 -4.21 -5.51 -15.80
C SER A 78 -5.37 -5.90 -14.90
N GLU A 79 -5.33 -7.09 -14.35
CA GLU A 79 -6.37 -7.54 -13.44
C GLU A 79 -6.33 -6.72 -12.16
N LEU A 80 -5.13 -6.26 -11.82
CA LEU A 80 -4.93 -5.46 -10.62
C LEU A 80 -5.43 -4.03 -10.77
N SER A 81 -5.66 -3.59 -12.02
CA SER A 81 -6.12 -2.23 -12.25
C SER A 81 -7.25 -1.85 -11.28
N LEU A 82 -7.95 -2.87 -10.81
CA LEU A 82 -9.03 -2.69 -9.85
C LEU A 82 -9.19 -3.98 -9.05
N LEU A 83 -8.05 -4.54 -8.63
CA LEU A 83 -8.07 -5.78 -7.87
C LEU A 83 -8.90 -5.59 -6.60
N LEU A 84 -8.73 -4.45 -5.96
CA LEU A 84 -9.48 -4.14 -4.76
C LEU A 84 -9.38 -2.65 -4.43
N ILE A 85 -9.41 -1.83 -5.47
CA ILE A 85 -9.34 -0.39 -5.31
C ILE A 85 -10.70 0.24 -5.63
N ALA A 86 -10.72 1.53 -5.92
CA ALA A 86 -11.97 2.21 -6.24
C ALA A 86 -11.74 3.47 -7.06
N ASP A 87 -12.80 4.25 -7.26
CA ASP A 87 -12.70 5.50 -8.02
C ASP A 87 -11.44 6.26 -7.63
N ASP A 88 -11.08 6.15 -6.36
CA ASP A 88 -9.88 6.81 -5.84
C ASP A 88 -9.22 5.91 -4.80
N VAL A 89 -8.34 5.06 -5.27
CA VAL A 89 -7.61 4.12 -4.42
C VAL A 89 -8.52 3.50 -3.35
N SER A 90 -8.41 4.01 -2.12
CA SER A 90 -9.17 3.52 -0.96
C SER A 90 -8.36 3.85 0.29
N GLU A 91 -8.75 4.92 0.97
CA GLU A 91 -8.02 5.42 2.14
C GLU A 91 -7.71 4.36 3.19
N GLN A 92 -8.70 3.62 3.66
CA GLN A 92 -8.47 2.62 4.70
C GLN A 92 -7.38 1.63 4.33
N GLU A 93 -7.48 1.04 3.15
CA GLU A 93 -6.49 0.08 2.69
C GLU A 93 -5.22 0.77 2.24
N LEU A 94 -5.37 1.95 1.65
CA LEU A 94 -4.22 2.69 1.16
C LEU A 94 -3.18 2.90 2.25
N GLU A 95 -3.63 3.41 3.40
CA GLU A 95 -2.73 3.66 4.52
C GLU A 95 -2.29 2.37 5.20
N ASP A 96 -3.17 1.37 5.22
CA ASP A 96 -2.86 0.11 5.88
C ASP A 96 -1.80 -0.70 5.13
N TYR A 97 -2.03 -0.95 3.85
CA TYR A 97 -1.09 -1.75 3.07
C TYR A 97 0.22 -0.99 2.75
N ILE A 98 0.18 0.35 2.72
CA ILE A 98 1.41 1.09 2.47
C ILE A 98 2.31 0.91 3.67
N ARG A 99 1.70 1.04 4.85
CA ARG A 99 2.43 0.85 6.09
C ARG A 99 3.07 -0.51 6.08
N HIS A 100 2.35 -1.51 5.57
CA HIS A 100 2.88 -2.86 5.47
C HIS A 100 4.19 -2.85 4.69
N VAL A 101 4.23 -2.00 3.67
CA VAL A 101 5.43 -1.84 2.86
C VAL A 101 6.57 -1.27 3.70
N LEU A 102 6.20 -0.47 4.70
CA LEU A 102 7.17 0.16 5.60
C LEU A 102 8.14 -0.87 6.16
N ASN A 103 7.70 -2.12 6.24
CA ASN A 103 8.54 -3.19 6.76
C ASN A 103 8.84 -2.98 8.24
N ARG A 104 7.86 -3.28 9.09
CA ARG A 104 8.03 -3.12 10.53
C ARG A 104 6.76 -3.57 11.27
N PRO A 105 6.69 -4.86 11.66
CA PRO A 105 5.53 -5.39 12.38
C PRO A 105 5.38 -4.80 13.77
N LYS A 106 5.09 -3.51 13.83
CA LYS A 106 4.92 -2.81 15.10
C LYS A 106 4.12 -1.52 14.90
N TRP A 107 4.76 -0.54 14.29
CA TRP A 107 4.13 0.76 14.02
C TRP A 107 2.80 0.58 13.29
N LEU A 108 2.87 -0.13 12.19
CA LEU A 108 1.70 -0.38 11.34
C LEU A 108 0.52 -0.94 12.12
N MET A 109 0.78 -1.94 12.94
CA MET A 109 -0.29 -2.56 13.72
C MET A 109 -1.05 -1.52 14.52
N LEU A 110 -0.33 -0.58 15.12
CA LEU A 110 -0.98 0.46 15.91
C LEU A 110 -1.77 1.44 15.04
N LYS A 111 -1.20 1.88 13.92
CA LYS A 111 -1.93 2.79 13.02
C LYS A 111 -3.19 2.08 12.55
N VAL A 112 -2.99 0.85 12.10
CA VAL A 112 -4.11 0.01 11.69
C VAL A 112 -5.03 -0.13 12.88
N LYS A 113 -4.41 -0.20 14.05
CA LYS A 113 -5.13 -0.28 15.30
C LYS A 113 -5.94 0.98 15.48
N GLU A 114 -5.44 2.12 15.03
CA GLU A 114 -6.18 3.35 15.18
C GLU A 114 -7.57 3.17 14.63
N GLN A 115 -7.62 2.75 13.38
CA GLN A 115 -8.90 2.54 12.72
C GLN A 115 -9.72 1.40 13.34
N GLU A 116 -9.14 0.20 13.38
CA GLU A 116 -9.83 -0.97 13.92
C GLU A 116 -10.13 -0.82 15.41
N LYS A 117 -9.19 -0.21 16.14
CA LYS A 117 -9.34 0.01 17.58
C LYS A 117 -10.62 0.77 17.85
N THR A 118 -10.81 1.84 17.11
CA THR A 118 -11.99 2.64 17.30
C THR A 118 -13.23 1.79 17.02
N GLU A 119 -13.16 1.02 15.93
CA GLU A 119 -14.26 0.13 15.58
C GLU A 119 -14.51 -0.81 16.76
N ALA A 120 -13.43 -1.09 17.49
CA ALA A 120 -13.49 -1.94 18.66
C ALA A 120 -14.02 -1.12 19.85
N GLU A 121 -13.73 0.17 19.84
CA GLU A 121 -14.19 1.06 20.91
C GLU A 121 -15.70 1.25 20.82
N ARG A 122 -16.23 1.26 19.60
CA ARG A 122 -17.65 1.44 19.38
C ARG A 122 -18.44 0.17 19.71
N ARG A 123 -17.95 -0.99 19.26
CA ARG A 123 -18.64 -2.25 19.53
C ARG A 123 -18.14 -2.88 20.82
N LYS A 124 -16.90 -2.58 21.18
CA LYS A 124 -16.27 -3.09 22.41
C LYS A 124 -16.89 -4.40 22.90
N ASP A 125 -16.24 -5.51 22.57
CA ASP A 125 -16.71 -6.82 23.00
C ASP A 125 -18.11 -7.13 22.45
N PHE A 126 -18.31 -6.85 21.17
CA PHE A 126 -19.60 -7.10 20.53
C PHE A 126 -19.52 -8.39 19.71
N LEU A 127 -18.33 -8.71 19.24
CA LEU A 127 -18.11 -9.91 18.44
C LEU A 127 -16.63 -10.00 18.04
N THR A 128 -16.10 -8.88 17.56
CA THR A 128 -14.71 -8.80 17.14
C THR A 128 -14.02 -7.57 17.75
N ALA A 129 -14.80 -6.70 18.39
CA ALA A 129 -14.25 -5.50 19.01
C ALA A 129 -13.27 -5.84 20.12
N ALA A 130 -13.71 -6.68 21.05
CA ALA A 130 -12.86 -7.09 22.18
C ALA A 130 -11.53 -7.63 21.70
N ARG A 131 -11.55 -8.32 20.56
CA ARG A 131 -10.35 -8.90 19.99
C ARG A 131 -9.39 -7.80 19.52
N ILE A 132 -9.94 -6.71 18.99
CA ILE A 132 -9.13 -5.61 18.49
C ILE A 132 -8.48 -4.84 19.65
N ALA A 133 -9.28 -4.49 20.64
CA ALA A 133 -8.79 -3.72 21.78
C ALA A 133 -7.64 -4.42 22.48
N LYS A 134 -7.83 -5.68 22.85
CA LYS A 134 -6.80 -6.44 23.53
C LYS A 134 -5.55 -6.60 22.66
N GLU A 135 -5.75 -6.96 21.41
CA GLU A 135 -4.65 -7.17 20.48
C GLU A 135 -3.80 -5.91 20.28
N MET A 136 -4.44 -4.80 19.94
CA MET A 136 -3.70 -3.56 19.72
C MET A 136 -3.22 -2.95 21.02
N ILE A 137 -3.98 -3.12 22.10
CA ILE A 137 -3.54 -2.61 23.39
C ILE A 137 -2.15 -3.15 23.64
N GLU A 138 -1.97 -4.40 23.21
CA GLU A 138 -0.69 -5.06 23.30
C GLU A 138 0.26 -4.46 22.26
N MET A 139 -0.31 -4.03 21.14
CA MET A 139 0.49 -3.41 20.09
C MET A 139 1.10 -2.11 20.60
N LYS A 140 0.33 -1.38 21.41
CA LYS A 140 0.79 -0.13 21.98
C LYS A 140 1.93 -0.40 22.96
N LYS A 141 1.81 -1.47 23.73
CA LYS A 141 2.83 -1.84 24.69
C LYS A 141 4.11 -2.32 24.02
N MET A 142 3.98 -3.28 23.11
CA MET A 142 5.14 -3.83 22.41
C MET A 142 5.92 -2.73 21.69
N LEU A 143 5.22 -1.68 21.29
CA LEU A 143 5.85 -0.55 20.60
C LEU A 143 6.99 0.03 21.44
N SER A 144 6.73 0.21 22.73
CA SER A 144 7.72 0.77 23.65
C SER A 144 8.00 2.23 23.33
N SER A 145 7.29 3.12 24.01
CA SER A 145 7.45 4.55 23.80
C SER A 145 8.77 5.04 24.38
N SER A 146 9.12 6.29 24.09
CA SER A 146 10.36 6.88 24.59
C SER A 146 10.21 7.30 26.05
#